data_6RJN
#
_entry.id   6RJN
#
_cell.length_a   165.943
_cell.length_b   173.690
_cell.length_c   96.490
_cell.angle_alpha   90.00
_cell.angle_beta   90.00
_cell.angle_gamma   90.00
#
_symmetry.space_group_name_H-M   'P 21 21 2'
#
loop_
_entity.id
_entity.type
_entity.pdbx_description
1 polymer Catalase
2 non-polymer 'PROTOPORPHYRIN IX CONTAINING FE'
3 non-polymer 'NADPH DIHYDRO-NICOTINAMIDE-ADENINE-DINUCLEOTIDE PHOSPHATE'
4 non-polymer GLYCEROL
5 non-polymer 'SULFATE ION'
6 non-polymer 'CHLORIDE ION'
7 non-polymer 'POTASSIUM ION'
8 non-polymer 'SODIUM ION'
9 non-polymer DI(HYDROXYETHYL)ETHER
10 water water
#
_entity_poly.entity_id   1
_entity_poly.type   'polypeptide(L)'
_entity_poly.pdbx_seq_one_letter_code
;GAMSQPPKWTTSNGAPVSDVFATERATFDNANHANNAPKVGPLLLQDFQLIDSLAHFDRERIPERVVHAKGAGAFGEFEV
TDDISDVCAAKFLDTIGKKTRIFTRFSTVGGEKGSADSARDPRGFSTKFYTEEGNLDLVYNNTPIFFIRDPSKFPHFIHT
QKRNPATNLKDANMFWDYLVNNQESIHQVMYLFSDRGTPASLRKMNGYSGHTYKWYNKKGEWVYVQVHFKSDLGVVNFNN
EEAGKLAGEDPDYHTGDLFNAIERGEYPSWTCYIQTMTQEQAAKQPFSVFDLTKVWPHKDFPLRRFGKFTLNENPKNYFA
EVEQAAFSPSHTIPSMQPSADPVLQSRLFSYPDTHRHRLGVNYQQIPVNCPVAPVFTPQMRDGSMTVNGNLGSTPNYKSS
FCPFSTEAQIQTNSHTPEEVLAAHTEKFHWGGILDSKSYDFEQPRALWKVFGKTPGQQRNFCHNVAVHVAAANHEIQDRV
FEYFSKVYPEIGDQIRKEVLQLSPRGDSAARL
;
_entity_poly.pdbx_strand_id   A,B,C,D
#
# COMPACT_ATOMS: atom_id res chain seq x y z
N GLN A 5 -17.81 28.67 -21.11
CA GLN A 5 -18.39 28.27 -19.83
C GLN A 5 -18.45 26.75 -19.55
N PRO A 6 -18.45 25.90 -20.57
CA PRO A 6 -18.34 24.47 -20.30
C PRO A 6 -16.89 24.10 -20.09
N PRO A 7 -16.59 23.25 -19.11
CA PRO A 7 -15.20 22.97 -18.76
C PRO A 7 -14.48 22.24 -19.88
N LYS A 8 -13.18 22.52 -20.00
CA LYS A 8 -12.35 21.84 -20.97
C LYS A 8 -11.94 20.45 -20.44
N TRP A 9 -12.15 19.42 -21.23
CA TRP A 9 -11.66 18.10 -20.87
C TRP A 9 -10.14 18.10 -20.88
N THR A 10 -9.52 17.50 -19.85
CA THR A 10 -8.05 17.48 -19.76
C THR A 10 -7.51 16.10 -19.42
N THR A 11 -6.18 16.03 -19.36
CA THR A 11 -5.42 15.00 -18.70
C THR A 11 -5.22 15.33 -17.23
N SER A 12 -4.72 14.36 -16.46
CA SER A 12 -4.51 14.58 -15.03
C SER A 12 -3.58 15.76 -14.75
N ASN A 13 -2.57 16.00 -15.60
CA ASN A 13 -1.72 17.18 -15.36
C ASN A 13 -2.34 18.49 -15.86
N GLY A 14 -3.55 18.44 -16.41
CA GLY A 14 -4.30 19.66 -16.68
C GLY A 14 -4.13 20.19 -18.09
N ALA A 15 -3.65 19.39 -19.00
CA ALA A 15 -3.49 19.81 -20.37
C ALA A 15 -4.75 19.49 -21.16
N PRO A 16 -5.28 20.43 -21.94
CA PRO A 16 -6.53 20.17 -22.66
C PRO A 16 -6.35 19.10 -23.72
N VAL A 17 -7.30 18.17 -23.79
CA VAL A 17 -7.32 17.18 -24.85
C VAL A 17 -8.17 17.71 -26.00
N SER A 18 -7.94 17.15 -27.17
CA SER A 18 -8.64 17.52 -28.38
C SER A 18 -9.70 16.50 -28.81
N ASP A 19 -9.53 15.22 -28.44
CA ASP A 19 -10.49 14.16 -28.67
C ASP A 19 -10.51 13.32 -27.41
N VAL A 20 -11.69 12.93 -26.93
CA VAL A 20 -11.78 12.16 -25.69
C VAL A 20 -11.46 10.69 -25.91
N PHE A 21 -11.75 10.16 -27.10
CA PHE A 21 -11.73 8.73 -27.36
C PHE A 21 -10.64 8.27 -28.30
N ALA A 22 -10.07 9.15 -29.13
CA ALA A 22 -9.11 8.68 -30.12
C ALA A 22 -7.78 8.33 -29.47
N THR A 23 -7.12 7.28 -29.98
CA THR A 23 -5.87 6.80 -29.44
C THR A 23 -4.85 6.53 -30.53
N GLU A 24 -3.59 6.61 -30.14
CA GLU A 24 -2.43 6.61 -31.03
C GLU A 24 -1.98 5.18 -31.38
N ARG A 25 -1.55 5.00 -32.62
CA ARG A 25 -1.24 3.68 -33.16
C ARG A 25 -0.32 3.82 -34.38
N ALA A 26 0.57 2.85 -34.52
CA ALA A 26 1.35 2.69 -35.74
C ALA A 26 0.47 1.96 -36.76
N THR A 27 -0.26 2.72 -37.55
CA THR A 27 -1.27 2.15 -38.43
C THR A 27 -0.70 1.14 -39.43
N PHE A 28 -1.38 0.01 -39.58
CA PHE A 28 -1.11 -0.90 -40.68
C PHE A 28 -1.75 -0.40 -41.98
N ASP A 29 -1.10 -0.70 -43.11
CA ASP A 29 -1.56 -0.29 -44.43
C ASP A 29 -2.60 -1.30 -44.96
N ASN A 30 -3.84 -0.87 -45.08
CA ASN A 30 -4.94 -1.73 -45.49
C ASN A 30 -5.72 -1.11 -46.64
N ALA A 31 -5.03 -0.38 -47.51
CA ALA A 31 -5.75 0.41 -48.51
C ALA A 31 -6.37 -0.48 -49.57
N ASN A 32 -5.68 -1.56 -49.92
CA ASN A 32 -6.16 -2.60 -50.84
C ASN A 32 -7.15 -3.58 -50.20
N HIS A 33 -7.54 -3.43 -48.94
CA HIS A 33 -8.45 -4.38 -48.31
C HIS A 33 -9.88 -4.15 -48.80
N ALA A 34 -10.70 -5.19 -48.65
CA ALA A 34 -12.12 -5.06 -48.95
C ALA A 34 -12.77 -3.95 -48.14
N ASN A 35 -12.37 -3.79 -46.89
CA ASN A 35 -12.83 -2.70 -46.03
C ASN A 35 -11.61 -1.92 -45.53
N ASN A 36 -11.26 -0.81 -46.19
CA ASN A 36 -10.07 -0.05 -45.82
C ASN A 36 -10.37 1.11 -44.88
N ALA A 37 -11.60 1.22 -44.39
CA ALA A 37 -11.93 2.31 -43.48
C ALA A 37 -11.14 2.27 -42.17
N PRO A 38 -10.95 1.13 -41.51
CA PRO A 38 -10.25 1.13 -40.23
C PRO A 38 -8.84 1.65 -40.36
N LYS A 39 -8.39 2.33 -39.31
CA LYS A 39 -7.00 2.74 -39.12
C LYS A 39 -6.50 2.04 -37.87
N VAL A 40 -5.92 0.86 -38.02
CA VAL A 40 -5.58 -0.02 -36.91
C VAL A 40 -4.14 -0.46 -37.03
N GLY A 41 -3.41 -0.41 -35.90
CA GLY A 41 -2.06 -0.91 -35.77
C GLY A 41 -1.65 -0.93 -34.30
N PRO A 42 -0.47 -1.42 -33.95
CA PRO A 42 -0.12 -1.54 -32.53
C PRO A 42 -0.22 -0.22 -31.80
N LEU A 43 -0.69 -0.26 -30.56
CA LEU A 43 -0.76 0.94 -29.73
C LEU A 43 0.63 1.42 -29.36
N LEU A 44 0.73 2.72 -29.09
CA LEU A 44 2.00 3.36 -28.81
C LEU A 44 2.12 3.64 -27.30
N LEU A 45 3.29 3.33 -26.74
CA LEU A 45 3.62 3.69 -25.35
C LEU A 45 3.48 5.17 -25.06
N GLN A 46 3.62 6.03 -26.07
CA GLN A 46 3.57 7.46 -25.79
C GLN A 46 2.16 8.03 -25.66
N ASP A 47 1.10 7.24 -25.79
CA ASP A 47 -0.26 7.77 -25.70
C ASP A 47 -0.58 8.00 -24.22
N PHE A 48 -0.03 9.10 -23.70
CA PHE A 48 -0.23 9.43 -22.30
C PHE A 48 -1.71 9.52 -21.95
N GLN A 49 -2.50 10.12 -22.83
CA GLN A 49 -3.90 10.35 -22.51
C GLN A 49 -4.60 9.03 -22.22
N LEU A 50 -4.22 7.95 -22.92
CA LEU A 50 -4.81 6.64 -22.74
C LEU A 50 -4.30 5.98 -21.46
N ILE A 51 -2.99 5.85 -21.37
CA ILE A 51 -2.36 5.18 -20.24
C ILE A 51 -2.66 5.91 -18.92
N ASP A 52 -2.59 7.24 -18.92
CA ASP A 52 -3.07 8.01 -17.78
C ASP A 52 -4.45 7.52 -17.33
N SER A 53 -5.37 7.37 -18.27
CA SER A 53 -6.75 7.04 -17.93
C SER A 53 -6.89 5.59 -17.51
N LEU A 54 -6.24 4.66 -18.21
CA LEU A 54 -6.30 3.25 -17.83
C LEU A 54 -5.62 3.00 -16.48
N ALA A 55 -4.51 3.68 -16.21
CA ALA A 55 -3.81 3.44 -14.96
C ALA A 55 -4.59 3.96 -13.78
N HIS A 56 -5.35 5.06 -13.97
CA HIS A 56 -6.22 5.51 -12.90
C HIS A 56 -7.38 4.51 -12.70
N PHE A 57 -7.99 4.07 -13.80
CA PHE A 57 -9.06 3.10 -13.73
C PHE A 57 -8.59 1.87 -12.95
N ASP A 58 -7.40 1.37 -13.29
CA ASP A 58 -6.83 0.19 -12.68
C ASP A 58 -6.66 0.30 -11.17
N ARG A 59 -6.72 1.51 -10.59
CA ARG A 59 -6.48 1.75 -9.17
C ARG A 59 -7.68 2.36 -8.46
N GLU A 60 -8.86 2.26 -9.06
CA GLU A 60 -10.03 2.89 -8.47
C GLU A 60 -10.36 2.29 -7.12
N ARG A 61 -10.13 0.99 -6.93
CA ARG A 61 -10.69 0.29 -5.79
C ARG A 61 -9.76 0.30 -4.60
N ILE A 62 -10.32 0.60 -3.44
CA ILE A 62 -9.64 0.46 -2.17
C ILE A 62 -10.28 -0.69 -1.42
N PRO A 63 -9.60 -1.26 -0.41
CA PRO A 63 -10.17 -2.36 0.30
C PRO A 63 -11.48 -1.89 0.95
N GLU A 64 -12.49 -2.74 0.87
CA GLU A 64 -13.78 -2.49 1.54
C GLU A 64 -13.60 -2.69 3.04
N ARG A 65 -14.45 -2.07 3.84
CA ARG A 65 -14.45 -2.27 5.31
C ARG A 65 -14.54 -3.77 5.62
N VAL A 66 -13.74 -4.24 6.56
CA VAL A 66 -13.72 -5.67 6.86
C VAL A 66 -15.07 -6.12 7.38
N VAL A 67 -15.78 -5.25 8.07
CA VAL A 67 -17.20 -5.42 8.37
C VAL A 67 -17.90 -4.11 8.03
N HIS A 68 -19.21 -4.21 7.84
CA HIS A 68 -20.04 -3.04 7.54
C HIS A 68 -19.71 -2.41 6.20
N ALA A 69 -19.34 -3.23 5.23
CA ALA A 69 -18.87 -2.73 3.95
C ALA A 69 -19.97 -2.00 3.18
N LYS A 70 -21.22 -2.46 3.28
CA LYS A 70 -22.33 -1.96 2.48
C LYS A 70 -23.04 -0.86 3.27
N GLY A 71 -23.01 0.37 2.74
CA GLY A 71 -23.47 1.52 3.52
C GLY A 71 -24.10 2.62 2.67
N ALA A 72 -24.66 3.59 3.37
CA ALA A 72 -25.37 4.73 2.80
C ALA A 72 -25.24 5.85 3.81
N GLY A 73 -25.12 7.08 3.32
CA GLY A 73 -24.73 8.18 4.20
C GLY A 73 -25.42 9.47 3.83
N ALA A 74 -25.45 10.37 4.82
CA ALA A 74 -25.96 11.72 4.61
C ALA A 74 -25.35 12.63 5.64
N PHE A 75 -25.34 13.93 5.34
CA PHE A 75 -25.03 15.02 6.26
C PHE A 75 -26.28 15.64 6.88
N GLY A 76 -26.07 16.32 8.00
CA GLY A 76 -27.18 16.81 8.78
C GLY A 76 -26.76 17.71 9.92
N GLU A 77 -27.67 17.85 10.87
CA GLU A 77 -27.56 18.87 11.92
C GLU A 77 -28.13 18.29 13.20
N PHE A 78 -27.38 18.46 14.28
CA PHE A 78 -27.80 18.08 15.61
C PHE A 78 -28.09 19.33 16.41
N GLU A 79 -29.14 19.28 17.22
CA GLU A 79 -29.57 20.43 18.01
C GLU A 79 -29.81 20.02 19.45
N VAL A 80 -29.22 20.78 20.39
CA VAL A 80 -29.53 20.59 21.80
C VAL A 80 -30.96 21.03 22.05
N THR A 81 -31.75 20.18 22.75
CA THR A 81 -33.09 20.60 23.15
C THR A 81 -33.32 20.63 24.65
N ASP A 82 -32.45 20.04 25.46
CA ASP A 82 -32.58 20.07 26.92
C ASP A 82 -31.20 20.24 27.54
N ASP A 83 -31.17 20.67 28.79
CA ASP A 83 -29.91 20.88 29.49
C ASP A 83 -29.49 19.58 30.16
N ILE A 84 -28.30 19.09 29.82
CA ILE A 84 -27.73 17.96 30.55
C ILE A 84 -26.28 18.26 30.94
N SER A 85 -26.00 19.53 31.22
CA SER A 85 -24.68 19.92 31.65
C SER A 85 -24.36 19.50 33.07
N ASP A 86 -25.36 19.05 33.84
CA ASP A 86 -25.12 18.36 35.09
C ASP A 86 -24.47 17.00 34.86
N VAL A 87 -24.55 16.46 33.66
CA VAL A 87 -23.98 15.16 33.34
C VAL A 87 -22.69 15.29 32.54
N CYS A 88 -22.66 16.23 31.61
CA CYS A 88 -21.63 16.30 30.60
C CYS A 88 -21.28 17.75 30.27
N ALA A 89 -19.99 18.05 30.35
CA ALA A 89 -19.45 19.38 30.12
C ALA A 89 -19.19 19.68 28.65
N ALA A 90 -19.57 18.80 27.73
CA ALA A 90 -19.26 19.01 26.33
C ALA A 90 -19.75 20.37 25.82
N LYS A 91 -18.88 21.05 25.07
CA LYS A 91 -19.23 22.36 24.58
C LYS A 91 -20.35 22.29 23.55
N PHE A 92 -20.43 21.22 22.77
CA PHE A 92 -21.52 21.17 21.81
C PHE A 92 -22.87 20.91 22.49
N LEU A 93 -22.86 20.53 23.76
CA LEU A 93 -24.10 20.33 24.49
C LEU A 93 -24.45 21.49 25.42
N ASP A 94 -23.63 22.55 25.47
CA ASP A 94 -23.69 23.49 26.60
C ASP A 94 -24.74 24.59 26.45
N THR A 95 -25.52 24.65 25.38
CA THR A 95 -26.52 25.68 25.24
C THR A 95 -27.73 25.11 24.52
N ILE A 96 -28.92 25.36 25.05
CA ILE A 96 -30.10 24.90 24.32
C ILE A 96 -30.20 25.69 23.02
N GLY A 97 -30.50 24.99 21.95
CA GLY A 97 -30.51 25.56 20.62
C GLY A 97 -29.20 25.46 19.87
N LYS A 98 -28.10 25.14 20.53
CA LYS A 98 -26.82 25.10 19.84
C LYS A 98 -26.79 23.96 18.82
N LYS A 99 -26.35 24.29 17.62
CA LYS A 99 -26.38 23.35 16.50
C LYS A 99 -24.95 22.95 16.11
N THR A 100 -24.82 21.75 15.57
CA THR A 100 -23.56 21.10 15.27
C THR A 100 -23.75 20.29 14.00
N ARG A 101 -22.80 20.34 13.08
CA ARG A 101 -22.91 19.56 11.86
C ARG A 101 -22.58 18.11 12.15
N ILE A 102 -23.26 17.19 11.44
CA ILE A 102 -23.01 15.76 11.61
C ILE A 102 -22.94 15.13 10.23
N PHE A 103 -22.32 13.95 10.20
CA PHE A 103 -22.39 13.03 9.09
C PHE A 103 -22.70 11.65 9.66
N THR A 104 -23.63 10.93 9.02
CA THR A 104 -24.07 9.60 9.44
C THR A 104 -23.84 8.62 8.30
N ARG A 105 -23.30 7.45 8.63
CA ARG A 105 -23.25 6.32 7.71
C ARG A 105 -24.06 5.20 8.33
N PHE A 106 -25.08 4.72 7.61
CA PHE A 106 -25.78 3.50 7.99
C PHE A 106 -25.17 2.33 7.23
N SER A 107 -25.27 1.13 7.79
CA SER A 107 -24.69 -0.03 7.14
C SER A 107 -25.32 -1.30 7.68
N THR A 108 -25.16 -2.39 6.92
CA THR A 108 -25.31 -3.77 7.39
C THR A 108 -23.94 -4.20 7.90
N VAL A 109 -23.78 -5.46 8.27
CA VAL A 109 -22.58 -5.92 8.98
C VAL A 109 -21.85 -6.95 8.15
N GLY A 110 -22.53 -8.03 7.77
CA GLY A 110 -21.85 -9.15 7.15
C GLY A 110 -21.64 -9.02 5.66
N GLY A 111 -22.56 -8.35 4.97
CA GLY A 111 -22.52 -8.33 3.52
C GLY A 111 -21.38 -7.47 3.00
N GLU A 112 -20.94 -7.85 1.80
CA GLU A 112 -19.90 -7.11 1.04
C GLU A 112 -20.57 -5.97 0.25
N LYS A 113 -19.78 -5.30 -0.57
CA LYS A 113 -20.26 -4.11 -1.31
C LYS A 113 -21.44 -4.39 -2.24
N GLY A 114 -21.52 -5.55 -2.87
CA GLY A 114 -22.65 -5.75 -3.79
C GLY A 114 -23.84 -6.45 -3.18
N SER A 115 -23.83 -6.70 -1.86
CA SER A 115 -24.89 -7.42 -1.14
C SER A 115 -26.19 -6.61 -0.98
N ALA A 116 -27.25 -7.25 -0.51
CA ALA A 116 -28.57 -6.61 -0.42
C ALA A 116 -28.76 -5.78 0.86
N ASP A 117 -29.36 -4.63 0.68
CA ASP A 117 -29.70 -3.71 1.76
C ASP A 117 -30.76 -4.29 2.67
N SER A 118 -31.52 -5.28 2.22
CA SER A 118 -32.62 -5.81 3.01
C SER A 118 -32.26 -7.10 3.76
N ALA A 119 -30.99 -7.51 3.73
CA ALA A 119 -30.57 -8.75 4.40
C ALA A 119 -30.83 -8.69 5.92
N ARG A 120 -31.00 -9.85 6.53
CA ARG A 120 -31.04 -9.91 7.98
C ARG A 120 -29.63 -9.68 8.54
N ASP A 121 -29.51 -8.70 9.42
CA ASP A 121 -28.25 -8.28 10.03
C ASP A 121 -28.55 -7.20 11.05
N PRO A 122 -27.65 -6.94 11.99
CA PRO A 122 -27.68 -5.65 12.68
C PRO A 122 -27.37 -4.56 11.65
N ARG A 123 -27.81 -3.34 11.95
CA ARG A 123 -27.48 -2.19 11.14
C ARG A 123 -26.49 -1.31 11.89
N GLY A 124 -25.38 -1.00 11.25
CA GLY A 124 -24.57 0.10 11.72
C GLY A 124 -25.29 1.43 11.60
N PHE A 125 -25.08 2.29 12.60
CA PHE A 125 -25.68 3.62 12.70
C PHE A 125 -24.60 4.51 13.31
N SER A 126 -23.75 5.05 12.46
CA SER A 126 -22.50 5.68 12.88
C SER A 126 -22.53 7.16 12.52
N THR A 127 -22.30 8.02 13.50
CA THR A 127 -22.47 9.46 13.34
C THR A 127 -21.23 10.22 13.81
N LYS A 128 -20.80 11.15 12.99
CA LYS A 128 -19.64 11.98 13.28
C LYS A 128 -20.14 13.37 13.61
N PHE A 129 -19.76 13.89 14.77
CA PHE A 129 -20.10 15.24 15.24
C PHE A 129 -18.89 16.15 15.10
N TYR A 130 -19.00 17.15 14.25
CA TYR A 130 -17.94 18.13 14.01
C TYR A 130 -18.03 19.26 15.04
N THR A 131 -17.44 19.05 16.22
CA THR A 131 -17.56 20.02 17.31
C THR A 131 -16.34 20.93 17.45
N GLU A 132 -16.54 22.02 18.20
CA GLU A 132 -15.46 22.99 18.41
C GLU A 132 -14.33 22.42 19.26
N GLU A 133 -14.55 21.26 19.89
CA GLU A 133 -13.55 20.57 20.70
C GLU A 133 -13.01 19.31 20.03
N GLY A 134 -13.29 19.09 18.75
CA GLY A 134 -12.85 17.89 18.07
C GLY A 134 -14.00 17.10 17.49
N ASN A 135 -13.63 16.13 16.66
CA ASN A 135 -14.63 15.29 16.01
C ASN A 135 -15.03 14.19 16.97
N LEU A 136 -16.32 14.10 17.27
CA LEU A 136 -16.83 13.05 18.13
C LEU A 136 -17.56 12.04 17.26
N ASP A 137 -17.15 10.79 17.35
CA ASP A 137 -17.75 9.70 16.60
C ASP A 137 -18.57 8.85 17.55
N LEU A 138 -19.87 8.71 17.25
CA LEU A 138 -20.76 7.82 17.97
C LEU A 138 -21.04 6.65 17.05
N VAL A 139 -20.30 5.56 17.24
CA VAL A 139 -20.30 4.41 16.35
C VAL A 139 -21.25 3.41 17.00
N TYR A 140 -22.52 3.45 16.58
CA TYR A 140 -23.60 2.74 17.23
C TYR A 140 -24.16 1.68 16.30
N ASN A 141 -24.95 0.76 16.88
CA ASN A 141 -25.80 -0.17 16.12
C ASN A 141 -27.27 0.13 16.39
N ASN A 142 -28.13 -0.54 15.58
CA ASN A 142 -29.58 -0.44 15.72
C ASN A 142 -30.12 -1.39 16.78
N THR A 143 -29.25 -1.81 17.68
CA THR A 143 -29.57 -2.72 18.75
C THR A 143 -28.81 -2.24 19.97
N PRO A 144 -29.36 -2.39 21.17
CA PRO A 144 -28.66 -1.98 22.40
C PRO A 144 -27.74 -3.03 22.99
N ILE A 145 -27.51 -4.15 22.32
CA ILE A 145 -26.68 -5.23 22.81
C ILE A 145 -25.87 -5.78 21.64
N PHE A 146 -25.03 -6.78 21.92
CA PHE A 146 -24.26 -7.43 20.86
C PHE A 146 -23.97 -8.88 21.26
N PHE A 147 -23.37 -9.61 20.33
CA PHE A 147 -23.18 -11.06 20.49
C PHE A 147 -22.07 -11.42 21.46
N ILE A 148 -21.20 -10.50 21.83
CA ILE A 148 -19.98 -10.84 22.55
C ILE A 148 -19.75 -9.82 23.64
N ARG A 149 -19.04 -10.27 24.66
CA ARG A 149 -18.46 -9.39 25.68
C ARG A 149 -16.99 -9.75 25.92
N ASP A 150 -16.39 -10.52 25.00
CA ASP A 150 -14.95 -10.79 24.98
C ASP A 150 -14.39 -10.33 23.65
N PRO A 151 -13.45 -9.40 23.62
CA PRO A 151 -13.06 -8.82 22.33
C PRO A 151 -12.30 -9.81 21.44
N SER A 152 -11.72 -10.85 22.03
CA SER A 152 -10.97 -11.81 21.22
C SER A 152 -11.88 -12.62 20.31
N LYS A 153 -13.18 -12.63 20.58
CA LYS A 153 -14.13 -13.45 19.83
C LYS A 153 -14.58 -12.81 18.52
N PHE A 154 -14.39 -11.50 18.36
CA PHE A 154 -14.97 -10.83 17.19
C PHE A 154 -14.47 -11.43 15.87
N PRO A 155 -13.17 -11.67 15.66
CA PRO A 155 -12.78 -12.35 14.41
C PRO A 155 -13.44 -13.71 14.23
N HIS A 156 -13.58 -14.48 15.31
CA HIS A 156 -14.24 -15.79 15.22
C HIS A 156 -15.70 -15.61 14.84
N PHE A 157 -16.42 -14.79 15.60
CA PHE A 157 -17.82 -14.58 15.30
C PHE A 157 -18.01 -14.10 13.87
N ILE A 158 -17.32 -13.03 13.48
CA ILE A 158 -17.53 -12.41 12.17
C ILE A 158 -17.25 -13.42 11.07
N HIS A 159 -16.20 -14.21 11.22
CA HIS A 159 -15.91 -15.26 10.25
C HIS A 159 -17.11 -16.17 10.05
N THR A 160 -17.79 -16.55 11.15
CA THR A 160 -18.89 -17.50 11.04
C THR A 160 -20.13 -16.85 10.45
N GLN A 161 -20.20 -15.53 10.45
CA GLN A 161 -21.29 -14.80 9.83
C GLN A 161 -21.05 -14.54 8.34
N LYS A 162 -19.85 -14.80 7.86
CA LYS A 162 -19.47 -14.54 6.48
C LYS A 162 -19.37 -15.89 5.75
N ARG A 163 -18.31 -16.17 5.02
CA ARG A 163 -18.31 -17.25 4.06
C ARG A 163 -17.29 -18.32 4.45
N ASN A 164 -17.59 -19.55 4.06
CA ASN A 164 -16.74 -20.69 4.32
C ASN A 164 -15.42 -20.53 3.57
N PRO A 165 -14.27 -20.84 4.21
CA PRO A 165 -12.97 -20.53 3.59
C PRO A 165 -12.63 -21.35 2.37
N ALA A 166 -13.22 -22.53 2.19
CA ALA A 166 -12.98 -23.27 0.96
C ALA A 166 -13.96 -22.89 -0.14
N THR A 167 -15.25 -22.80 0.19
CA THR A 167 -16.29 -22.71 -0.84
C THR A 167 -16.66 -21.29 -1.21
N ASN A 168 -16.40 -20.33 -0.32
CA ASN A 168 -16.88 -18.96 -0.40
C ASN A 168 -18.39 -18.83 -0.24
N LEU A 169 -19.05 -19.87 0.25
CA LEU A 169 -20.49 -19.87 0.50
C LEU A 169 -20.79 -19.57 1.96
N LYS A 170 -21.92 -18.91 2.19
CA LYS A 170 -22.44 -18.82 3.54
C LYS A 170 -22.77 -20.22 4.05
N ASP A 171 -22.69 -20.41 5.36
CA ASP A 171 -22.69 -21.75 5.90
C ASP A 171 -23.36 -21.74 7.28
N ALA A 172 -24.57 -22.30 7.35
CA ALA A 172 -25.34 -22.21 8.58
C ALA A 172 -24.75 -23.06 9.69
N ASN A 173 -24.01 -24.11 9.33
CA ASN A 173 -23.36 -24.92 10.35
C ASN A 173 -22.40 -24.10 11.19
N MET A 174 -21.48 -23.38 10.55
CA MET A 174 -20.54 -22.60 11.35
C MET A 174 -21.22 -21.42 12.02
N PHE A 175 -22.21 -20.84 11.34
CA PHE A 175 -22.98 -19.73 11.88
C PHE A 175 -23.52 -20.10 13.25
N TRP A 176 -24.20 -21.24 13.33
CA TRP A 176 -24.84 -21.67 14.56
C TRP A 176 -23.86 -22.39 15.49
N ASP A 177 -22.88 -23.12 14.94
CA ASP A 177 -21.85 -23.73 15.76
C ASP A 177 -21.24 -22.71 16.70
N TYR A 178 -20.83 -21.55 16.17
CA TYR A 178 -20.25 -20.52 17.02
C TYR A 178 -21.24 -20.09 18.10
N LEU A 179 -22.50 -19.84 17.71
CA LEU A 179 -23.43 -19.24 18.66
C LEU A 179 -23.80 -20.20 19.81
N VAL A 180 -24.06 -21.47 19.51
CA VAL A 180 -24.46 -22.39 20.58
C VAL A 180 -23.32 -22.72 21.53
N ASN A 181 -22.06 -22.48 21.14
CA ASN A 181 -20.95 -22.76 22.03
C ASN A 181 -20.45 -21.53 22.76
N ASN A 182 -21.08 -20.35 22.51
CA ASN A 182 -20.71 -19.10 23.18
C ASN A 182 -22.04 -18.38 23.50
N GLN A 183 -22.67 -18.82 24.58
CA GLN A 183 -24.10 -18.63 24.74
C GLN A 183 -24.46 -17.26 25.27
N GLU A 184 -23.48 -16.46 25.64
CA GLU A 184 -23.75 -15.05 25.91
C GLU A 184 -24.37 -14.36 24.69
N SER A 185 -24.21 -14.93 23.49
CA SER A 185 -24.73 -14.36 22.24
C SER A 185 -26.24 -14.32 22.16
N ILE A 186 -26.94 -15.12 22.99
CA ILE A 186 -28.37 -15.38 22.74
C ILE A 186 -29.19 -14.10 22.81
N HIS A 187 -28.86 -13.18 23.71
CA HIS A 187 -29.69 -11.98 23.79
C HIS A 187 -29.74 -11.26 22.43
N GLN A 188 -28.58 -11.04 21.80
CA GLN A 188 -28.57 -10.34 20.51
C GLN A 188 -29.04 -11.24 19.37
N VAL A 189 -28.90 -12.54 19.50
CA VAL A 189 -29.42 -13.44 18.48
C VAL A 189 -30.95 -13.35 18.41
N MET A 190 -31.59 -13.20 19.56
CA MET A 190 -33.03 -13.01 19.59
C MET A 190 -33.43 -11.68 18.98
N TYR A 191 -32.72 -10.61 19.33
CA TYR A 191 -33.01 -9.31 18.74
C TYR A 191 -32.78 -9.36 17.23
N LEU A 192 -31.72 -10.06 16.81
CA LEU A 192 -31.39 -10.15 15.41
C LEU A 192 -32.48 -10.87 14.63
N PHE A 193 -33.11 -11.85 15.25
CA PHE A 193 -34.09 -12.69 14.56
C PHE A 193 -35.52 -12.27 14.81
N SER A 194 -35.75 -11.25 15.63
CA SER A 194 -36.98 -10.51 15.56
C SER A 194 -37.06 -9.80 14.19
N ASP A 195 -38.17 -9.13 13.95
CA ASP A 195 -38.26 -8.41 12.68
C ASP A 195 -37.41 -7.14 12.65
N ARG A 196 -36.79 -6.75 13.78
CA ARG A 196 -35.86 -5.64 13.77
C ARG A 196 -34.58 -5.98 13.04
N GLY A 197 -34.34 -7.27 12.81
CA GLY A 197 -33.29 -7.68 11.93
C GLY A 197 -33.46 -7.29 10.48
N THR A 198 -34.67 -6.88 10.08
CA THR A 198 -34.99 -6.49 8.70
C THR A 198 -35.77 -5.19 8.71
N PRO A 199 -35.12 -4.06 9.00
CA PRO A 199 -35.85 -2.79 9.05
C PRO A 199 -36.39 -2.47 7.68
N ALA A 200 -37.51 -1.75 7.67
CA ALA A 200 -38.14 -1.37 6.41
C ALA A 200 -37.51 -0.09 5.84
N SER A 201 -36.74 0.64 6.62
CA SER A 201 -36.13 1.87 6.19
C SER A 201 -35.12 2.27 7.24
N LEU A 202 -33.95 2.74 6.79
CA LEU A 202 -32.98 3.31 7.70
C LEU A 202 -33.55 4.50 8.43
N ARG A 203 -34.58 5.15 7.89
CA ARG A 203 -35.21 6.26 8.56
C ARG A 203 -36.14 5.81 9.67
N LYS A 204 -36.36 4.51 9.78
CA LYS A 204 -37.34 3.95 10.68
C LYS A 204 -36.69 2.89 11.54
N MET A 205 -35.48 3.18 12.04
CA MET A 205 -34.86 2.32 13.02
C MET A 205 -34.13 3.19 14.04
N ASN A 206 -33.83 2.61 15.19
CA ASN A 206 -33.16 3.34 16.26
C ASN A 206 -31.65 3.10 16.22
N GLY A 207 -30.92 3.92 16.95
CA GLY A 207 -29.53 3.66 17.24
C GLY A 207 -29.30 3.69 18.73
N TYR A 208 -28.30 2.92 19.16
CA TYR A 208 -27.95 2.78 20.56
C TYR A 208 -26.44 2.73 20.74
N SER A 209 -25.95 3.39 21.79
CA SER A 209 -24.54 3.26 22.13
C SER A 209 -24.15 1.81 22.34
N GLY A 210 -25.05 1.03 22.89
CA GLY A 210 -24.78 -0.36 23.17
C GLY A 210 -23.93 -0.47 24.41
N HIS A 211 -22.70 0.03 24.31
CA HIS A 211 -21.80 0.09 25.45
C HIS A 211 -22.21 1.17 26.43
N THR A 212 -21.80 0.95 27.68
CA THR A 212 -21.72 2.01 28.65
C THR A 212 -20.51 2.90 28.36
N TYR A 213 -20.73 4.22 28.40
CA TYR A 213 -19.68 5.24 28.42
C TYR A 213 -19.70 5.99 29.74
N LYS A 214 -18.70 6.85 29.96
CA LYS A 214 -18.57 7.67 31.18
C LYS A 214 -18.50 9.12 30.78
N TRP A 215 -19.47 9.91 31.22
CA TRP A 215 -19.51 11.33 30.91
C TRP A 215 -19.23 12.14 32.17
N TYR A 216 -18.48 13.24 31.99
CA TYR A 216 -17.97 14.06 33.08
C TYR A 216 -18.54 15.45 32.96
N ASN A 217 -19.03 16.00 34.06
CA ASN A 217 -19.48 17.38 34.07
C ASN A 217 -18.33 18.31 34.48
N LYS A 218 -18.60 19.61 34.47
CA LYS A 218 -17.52 20.59 34.65
C LYS A 218 -16.88 20.50 36.03
N LYS A 219 -17.58 19.94 37.01
CA LYS A 219 -17.02 19.74 38.36
C LYS A 219 -16.16 18.49 38.46
N GLY A 220 -16.04 17.70 37.40
CA GLY A 220 -15.26 16.48 37.49
C GLY A 220 -16.04 15.25 37.92
N GLU A 221 -17.35 15.38 38.14
CA GLU A 221 -18.17 14.24 38.51
C GLU A 221 -18.53 13.45 37.25
N TRP A 222 -18.45 12.13 37.34
CA TRP A 222 -18.82 11.28 36.22
C TRP A 222 -19.97 10.35 36.58
N VAL A 223 -20.74 9.97 35.55
CA VAL A 223 -21.76 8.93 35.64
C VAL A 223 -21.60 8.01 34.44
N TYR A 224 -22.13 6.82 34.59
CA TYR A 224 -22.27 5.91 33.47
C TYR A 224 -23.50 6.31 32.65
N VAL A 225 -23.41 6.10 31.34
CA VAL A 225 -24.33 6.63 30.34
C VAL A 225 -24.59 5.55 29.29
N GLN A 226 -25.86 5.39 28.92
CA GLN A 226 -26.27 4.69 27.70
C GLN A 226 -26.95 5.72 26.84
N VAL A 227 -26.74 5.67 25.53
CA VAL A 227 -27.32 6.65 24.62
C VAL A 227 -28.32 5.97 23.69
N HIS A 228 -29.45 6.64 23.48
CA HIS A 228 -30.53 6.12 22.65
C HIS A 228 -30.91 7.17 21.60
N PHE A 229 -30.93 6.75 20.34
CA PHE A 229 -31.37 7.57 19.23
C PHE A 229 -32.65 6.95 18.69
N LYS A 230 -33.79 7.60 18.84
CA LYS A 230 -35.05 6.98 18.42
C LYS A 230 -35.64 7.70 17.20
N SER A 231 -35.87 6.94 16.14
CA SER A 231 -36.48 7.50 14.95
C SER A 231 -37.80 8.18 15.26
N ASP A 232 -37.98 9.38 14.71
CA ASP A 232 -39.23 10.10 14.87
C ASP A 232 -40.37 9.51 14.06
N LEU A 233 -40.06 8.57 13.17
CA LEU A 233 -41.04 7.80 12.44
C LEU A 233 -41.29 6.44 13.08
N GLY A 234 -40.57 6.12 14.16
CA GLY A 234 -40.72 4.86 14.86
C GLY A 234 -39.99 3.73 14.17
N VAL A 235 -40.04 2.56 14.80
CA VAL A 235 -39.37 1.39 14.28
C VAL A 235 -40.34 0.65 13.38
N VAL A 236 -40.02 0.53 12.10
CA VAL A 236 -40.90 -0.14 11.16
C VAL A 236 -40.07 -1.15 10.39
N ASN A 237 -40.57 -2.39 10.33
CA ASN A 237 -39.83 -3.53 9.85
C ASN A 237 -40.54 -4.22 8.69
N PHE A 238 -39.74 -4.81 7.81
CA PHE A 238 -40.19 -5.87 6.95
C PHE A 238 -40.21 -7.15 7.74
N ASN A 239 -40.86 -8.15 7.16
CA ASN A 239 -40.80 -9.52 7.61
C ASN A 239 -39.90 -10.31 6.67
N ASN A 240 -39.64 -11.55 7.07
CA ASN A 240 -38.56 -12.31 6.45
C ASN A 240 -38.79 -12.45 4.96
N GLU A 241 -40.05 -12.71 4.57
CA GLU A 241 -40.41 -12.91 3.18
C GLU A 241 -40.28 -11.63 2.37
N GLU A 242 -40.86 -10.53 2.88
CA GLU A 242 -40.68 -9.24 2.21
C GLU A 242 -39.19 -8.98 1.97
N ALA A 243 -38.39 -9.11 3.02
CA ALA A 243 -36.98 -8.74 2.90
C ALA A 243 -36.25 -9.59 1.85
N GLY A 244 -36.54 -10.89 1.81
CA GLY A 244 -35.85 -11.74 0.85
C GLY A 244 -36.26 -11.45 -0.59
N LYS A 245 -37.54 -11.20 -0.80
CA LYS A 245 -38.00 -10.80 -2.12
C LYS A 245 -37.31 -9.52 -2.55
N LEU A 246 -37.33 -8.51 -1.68
CA LEU A 246 -36.73 -7.22 -2.01
C LEU A 246 -35.25 -7.36 -2.31
N ALA A 247 -34.58 -8.33 -1.69
CA ALA A 247 -33.16 -8.54 -1.98
C ALA A 247 -32.92 -8.85 -3.44
N GLY A 248 -33.85 -9.52 -4.11
CA GLY A 248 -33.64 -9.88 -5.50
C GLY A 248 -34.23 -8.86 -6.45
N GLU A 249 -35.11 -8.01 -5.95
CA GLU A 249 -35.72 -6.98 -6.79
C GLU A 249 -34.93 -5.68 -6.75
N ASP A 250 -34.57 -5.22 -5.55
CA ASP A 250 -33.77 -4.02 -5.37
C ASP A 250 -32.77 -4.23 -4.24
N PRO A 251 -31.61 -4.80 -4.52
CA PRO A 251 -30.60 -4.91 -3.48
C PRO A 251 -30.16 -3.59 -2.92
N ASP A 252 -30.46 -2.45 -3.55
CA ASP A 252 -30.05 -1.15 -2.99
C ASP A 252 -31.24 -0.33 -2.49
N TYR A 253 -32.27 -1.01 -1.96
CA TYR A 253 -33.52 -0.35 -1.62
C TYR A 253 -33.33 0.71 -0.54
N HIS A 254 -32.58 0.41 0.52
CA HIS A 254 -32.48 1.38 1.60
C HIS A 254 -31.61 2.56 1.20
N THR A 255 -30.59 2.31 0.39
CA THR A 255 -29.77 3.43 -0.09
C THR A 255 -30.66 4.45 -0.81
N GLY A 256 -31.48 3.98 -1.74
CA GLY A 256 -32.36 4.87 -2.48
C GLY A 256 -33.44 5.48 -1.60
N ASP A 257 -34.02 4.69 -0.68
CA ASP A 257 -35.06 5.22 0.20
C ASP A 257 -34.55 6.45 0.96
N LEU A 258 -33.35 6.34 1.54
CA LEU A 258 -32.77 7.47 2.27
C LEU A 258 -32.48 8.64 1.32
N PHE A 259 -31.87 8.35 0.16
CA PHE A 259 -31.49 9.41 -0.77
C PHE A 259 -32.70 10.17 -1.26
N ASN A 260 -33.73 9.45 -1.73
CA ASN A 260 -34.94 10.08 -2.27
C ASN A 260 -35.68 10.83 -1.20
N ALA A 261 -35.74 10.28 0.02
CA ALA A 261 -36.33 11.03 1.12
C ALA A 261 -35.72 12.41 1.20
N ILE A 262 -34.38 12.46 1.18
CA ILE A 262 -33.72 13.73 1.38
C ILE A 262 -33.87 14.63 0.17
N GLU A 263 -33.87 14.07 -1.05
CA GLU A 263 -34.08 14.92 -2.23
C GLU A 263 -35.47 15.55 -2.21
N ARG A 264 -36.47 14.82 -1.71
CA ARG A 264 -37.83 15.33 -1.64
C ARG A 264 -38.00 16.41 -0.57
N GLY A 265 -37.06 16.56 0.32
CA GLY A 265 -37.30 17.44 1.44
C GLY A 265 -37.98 16.77 2.61
N GLU A 266 -38.13 15.44 2.60
CA GLU A 266 -38.68 14.71 3.76
C GLU A 266 -37.51 14.22 4.62
N TYR A 267 -37.01 15.13 5.46
CA TYR A 267 -35.75 14.90 6.14
C TYR A 267 -35.99 14.00 7.35
N PRO A 268 -35.32 12.88 7.45
CA PRO A 268 -35.50 12.01 8.61
C PRO A 268 -34.81 12.54 9.85
N SER A 269 -35.43 12.27 10.99
CA SER A 269 -34.94 12.89 12.21
C SER A 269 -35.03 11.88 13.34
N TRP A 270 -34.28 12.18 14.39
CA TRP A 270 -34.16 11.30 15.53
C TRP A 270 -34.12 12.14 16.78
N THR A 271 -34.64 11.58 17.83
CA THR A 271 -34.60 12.21 19.15
C THR A 271 -33.59 11.45 19.99
N CYS A 272 -32.85 12.19 20.81
CA CYS A 272 -31.69 11.68 21.53
C CYS A 272 -31.96 11.68 23.01
N TYR A 273 -31.66 10.55 23.66
CA TYR A 273 -31.88 10.36 25.08
C TYR A 273 -30.66 9.70 25.70
N ILE A 274 -30.55 9.85 27.03
CA ILE A 274 -29.58 9.10 27.82
C ILE A 274 -30.27 8.41 28.97
N GLN A 275 -29.71 7.26 29.37
CA GLN A 275 -29.87 6.73 30.72
C GLN A 275 -28.58 7.03 31.48
N THR A 276 -28.71 7.18 32.79
CA THR A 276 -27.55 7.44 33.62
C THR A 276 -27.64 6.59 34.88
N MET A 277 -26.48 6.21 35.40
CA MET A 277 -26.44 5.58 36.71
C MET A 277 -25.08 5.79 37.34
N THR A 278 -25.09 5.90 38.67
CA THR A 278 -23.89 6.11 39.45
C THR A 278 -23.21 4.79 39.71
N GLN A 279 -21.96 4.87 40.13
CA GLN A 279 -21.13 3.68 40.49
C GLN A 279 -21.83 2.94 41.62
N GLU A 280 -22.45 3.68 42.52
CA GLU A 280 -23.19 3.08 43.66
C GLU A 280 -24.40 2.31 43.13
N GLN A 281 -25.09 2.83 42.12
CA GLN A 281 -26.22 2.05 41.58
C GLN A 281 -25.68 0.85 40.81
N ALA A 282 -24.59 1.01 40.07
CA ALA A 282 -24.06 -0.12 39.32
C ALA A 282 -23.79 -1.30 40.24
N ALA A 283 -23.21 -1.05 41.42
CA ALA A 283 -22.87 -2.12 42.34
C ALA A 283 -24.08 -2.90 42.81
N LYS A 284 -25.28 -2.31 42.73
CA LYS A 284 -26.51 -2.96 43.16
C LYS A 284 -27.19 -3.77 42.08
N GLN A 285 -26.72 -3.70 40.82
CA GLN A 285 -27.49 -4.31 39.73
C GLN A 285 -27.07 -5.77 39.50
N PRO A 286 -27.99 -6.57 38.95
CA PRO A 286 -27.68 -7.99 38.66
C PRO A 286 -26.79 -8.18 37.46
N PHE A 287 -26.56 -7.13 36.68
CA PHE A 287 -25.68 -7.17 35.51
C PHE A 287 -24.53 -6.18 35.70
N SER A 288 -23.42 -6.45 35.01
CA SER A 288 -22.36 -5.47 34.95
C SER A 288 -22.68 -4.39 33.93
N VAL A 289 -22.35 -3.14 34.25
CA VAL A 289 -22.45 -2.07 33.25
C VAL A 289 -21.44 -2.23 32.13
N PHE A 290 -20.50 -3.16 32.27
CA PHE A 290 -19.49 -3.42 31.28
C PHE A 290 -19.86 -4.56 30.35
N ASP A 291 -21.05 -5.12 30.52
CA ASP A 291 -21.55 -6.27 29.77
C ASP A 291 -22.44 -5.79 28.62
N LEU A 292 -21.91 -5.88 27.41
CA LEU A 292 -22.59 -5.45 26.20
C LEU A 292 -23.76 -6.35 25.82
N THR A 293 -23.93 -7.50 26.46
CA THR A 293 -25.08 -8.34 26.19
C THR A 293 -26.27 -8.01 27.08
N LYS A 294 -26.23 -6.86 27.74
CA LYS A 294 -27.26 -6.44 28.68
C LYS A 294 -27.76 -5.06 28.32
N VAL A 295 -29.01 -4.77 28.69
CA VAL A 295 -29.54 -3.42 28.68
C VAL A 295 -29.75 -2.97 30.12
N TRP A 296 -30.06 -1.68 30.27
CA TRP A 296 -30.50 -1.17 31.55
C TRP A 296 -32.02 -1.08 31.52
N PRO A 297 -32.75 -1.79 32.39
CA PRO A 297 -34.22 -1.76 32.32
C PRO A 297 -34.77 -0.35 32.47
N HIS A 298 -35.72 -0.02 31.59
CA HIS A 298 -36.27 1.34 31.56
C HIS A 298 -36.95 1.73 32.87
N LYS A 299 -37.56 0.78 33.60
CA LYS A 299 -38.24 1.19 34.81
C LYS A 299 -37.24 1.70 35.84
N ASP A 300 -36.07 1.06 35.94
CA ASP A 300 -35.06 1.48 36.90
C ASP A 300 -34.23 2.64 36.40
N PHE A 301 -34.10 2.81 35.09
CA PHE A 301 -33.22 3.81 34.51
C PHE A 301 -33.96 4.46 33.36
N PRO A 302 -34.78 5.46 33.66
CA PRO A 302 -35.59 6.07 32.60
C PRO A 302 -34.73 6.93 31.69
N LEU A 303 -35.21 7.05 30.45
CA LEU A 303 -34.60 7.84 29.41
C LEU A 303 -34.88 9.31 29.64
N ARG A 304 -33.91 10.13 29.26
CA ARG A 304 -33.94 11.57 29.48
C ARG A 304 -33.48 12.25 28.21
N ARG A 305 -34.40 12.92 27.52
CA ARG A 305 -34.15 13.60 26.26
C ARG A 305 -33.06 14.65 26.43
N PHE A 306 -32.20 14.79 25.41
CA PHE A 306 -31.27 15.92 25.39
C PHE A 306 -31.09 16.59 24.04
N GLY A 307 -31.48 15.97 22.93
CA GLY A 307 -31.28 16.61 21.65
C GLY A 307 -32.01 15.90 20.53
N LYS A 308 -31.71 16.34 19.32
CA LYS A 308 -32.34 15.75 18.15
C LYS A 308 -31.39 16.03 16.99
N PHE A 309 -31.45 15.19 15.96
CA PHE A 309 -30.67 15.48 14.77
C PHE A 309 -31.52 15.14 13.56
N THR A 310 -31.15 15.75 12.44
CA THR A 310 -31.85 15.59 11.18
C THR A 310 -30.83 15.43 10.07
N LEU A 311 -31.03 14.44 9.22
CA LEU A 311 -30.23 14.29 8.02
C LEU A 311 -30.94 15.02 6.89
N ASN A 312 -30.32 16.04 6.36
CA ASN A 312 -31.01 16.88 5.40
C ASN A 312 -30.22 17.16 4.14
N GLU A 313 -29.15 16.41 3.87
CA GLU A 313 -28.23 16.75 2.78
C GLU A 313 -27.54 15.49 2.28
N ASN A 314 -27.86 15.11 1.06
CA ASN A 314 -27.22 13.96 0.44
C ASN A 314 -25.76 14.26 0.07
N PRO A 315 -24.93 13.21 -0.01
CA PRO A 315 -23.56 13.41 -0.47
C PRO A 315 -23.51 13.83 -1.93
N LYS A 316 -22.48 14.61 -2.26
CA LYS A 316 -22.23 14.96 -3.65
C LYS A 316 -21.52 13.83 -4.37
N ASN A 317 -20.56 13.15 -3.72
CA ASN A 317 -19.85 12.03 -4.32
C ASN A 317 -19.76 10.92 -3.29
N TYR A 318 -20.31 9.76 -3.62
CA TYR A 318 -20.43 8.69 -2.65
C TYR A 318 -19.06 8.16 -2.24
N PHE A 319 -18.19 7.88 -3.21
CA PHE A 319 -16.88 7.35 -2.85
C PHE A 319 -16.14 8.32 -1.93
N ALA A 320 -16.09 9.60 -2.29
CA ALA A 320 -15.26 10.55 -1.55
C ALA A 320 -15.79 10.79 -0.14
N GLU A 321 -17.11 10.83 0.01
CA GLU A 321 -17.70 11.21 1.29
C GLU A 321 -18.25 10.04 2.09
N VAL A 322 -18.70 8.97 1.46
CA VAL A 322 -19.25 7.85 2.21
C VAL A 322 -18.28 6.72 2.29
N GLU A 323 -17.80 6.24 1.14
CA GLU A 323 -16.90 5.12 1.16
C GLU A 323 -15.67 5.44 2.01
N GLN A 324 -15.17 6.69 1.92
CA GLN A 324 -13.94 7.10 2.60
C GLN A 324 -14.17 7.63 4.01
N ALA A 325 -15.40 7.67 4.49
CA ALA A 325 -15.64 8.13 5.86
C ALA A 325 -15.00 7.16 6.85
N ALA A 326 -14.34 7.70 7.87
CA ALA A 326 -13.74 6.90 8.93
C ALA A 326 -14.32 7.30 10.29
N PHE A 327 -14.88 6.33 10.98
CA PHE A 327 -15.44 6.58 12.32
C PHE A 327 -14.65 5.75 13.32
N SER A 328 -14.43 6.31 14.48
CA SER A 328 -13.72 5.54 15.52
C SER A 328 -14.32 5.89 16.88
N PRO A 329 -14.58 4.90 17.74
CA PRO A 329 -15.04 5.15 19.09
C PRO A 329 -13.99 5.88 19.94
N SER A 330 -12.71 5.75 19.62
CA SER A 330 -11.64 6.52 20.31
C SER A 330 -11.61 7.99 19.84
N HIS A 331 -12.43 8.40 18.86
CA HIS A 331 -12.50 9.82 18.53
C HIS A 331 -13.53 10.45 19.46
N THR A 332 -13.07 11.08 20.52
CA THR A 332 -13.99 11.62 21.50
C THR A 332 -13.52 13.02 21.89
N ILE A 333 -14.26 13.62 22.81
CA ILE A 333 -13.95 14.93 23.37
C ILE A 333 -13.65 14.69 24.84
N PRO A 334 -13.02 15.64 25.53
CA PRO A 334 -12.51 15.35 26.87
C PRO A 334 -13.55 14.89 27.88
N SER A 335 -14.79 15.40 27.78
CA SER A 335 -15.84 15.08 28.76
C SER A 335 -16.51 13.74 28.55
N MET A 336 -16.20 13.00 27.48
CA MET A 336 -16.87 11.74 27.18
C MET A 336 -15.81 10.65 27.01
N GLN A 337 -15.85 9.65 27.88
CA GLN A 337 -14.76 8.69 27.98
C GLN A 337 -15.32 7.28 27.87
N PRO A 338 -14.52 6.34 27.37
CA PRO A 338 -14.94 4.95 27.37
C PRO A 338 -15.03 4.37 28.77
N SER A 339 -16.03 3.51 28.97
CA SER A 339 -16.06 2.61 30.11
C SER A 339 -15.06 1.48 29.89
N ALA A 340 -14.93 0.62 30.90
CA ALA A 340 -14.07 -0.53 30.85
C ALA A 340 -14.73 -1.75 30.21
N ASP A 341 -15.84 -1.57 29.52
CA ASP A 341 -16.41 -2.59 28.64
C ASP A 341 -15.29 -3.22 27.82
N PRO A 342 -15.00 -4.50 27.99
CA PRO A 342 -13.88 -5.10 27.24
C PRO A 342 -14.01 -4.96 25.73
N VAL A 343 -15.22 -4.90 25.22
CA VAL A 343 -15.42 -4.87 23.77
C VAL A 343 -15.17 -3.46 23.24
N LEU A 344 -15.76 -2.47 23.89
CA LEU A 344 -15.44 -1.08 23.59
C LEU A 344 -13.93 -0.85 23.62
N GLN A 345 -13.28 -1.29 24.71
CA GLN A 345 -11.84 -1.10 24.88
C GLN A 345 -11.07 -1.55 23.64
N SER A 346 -11.41 -2.74 23.13
CA SER A 346 -10.70 -3.24 21.95
C SER A 346 -11.05 -2.43 20.70
N ARG A 347 -12.21 -1.78 20.67
CA ARG A 347 -12.68 -0.98 19.51
C ARG A 347 -11.85 0.30 19.44
N LEU A 348 -11.40 0.79 20.58
CA LEU A 348 -10.54 1.98 20.66
C LEU A 348 -9.29 1.82 19.81
N PHE A 349 -8.68 0.63 19.84
CA PHE A 349 -7.48 0.34 19.02
C PHE A 349 -7.85 -0.01 17.58
N SER A 350 -8.81 -0.92 17.42
CA SER A 350 -9.20 -1.51 16.11
C SER A 350 -9.66 -0.52 15.02
N TYR A 351 -10.44 0.51 15.31
CA TYR A 351 -10.90 1.40 14.21
C TYR A 351 -9.73 2.15 13.58
N PRO A 352 -8.94 2.96 14.32
CA PRO A 352 -7.78 3.65 13.75
C PRO A 352 -6.82 2.69 13.02
N ASP A 353 -6.57 1.52 13.61
CA ASP A 353 -5.72 0.48 13.00
C ASP A 353 -6.24 0.10 11.61
N THR A 354 -7.54 -0.18 11.51
CA THR A 354 -8.12 -0.55 10.20
C THR A 354 -8.12 0.66 9.26
N HIS A 355 -8.40 1.86 9.77
CA HIS A 355 -8.46 3.09 8.95
C HIS A 355 -7.13 3.30 8.25
N ARG A 356 -6.05 3.08 8.95
CA ARG A 356 -4.73 3.28 8.36
C ARG A 356 -4.49 2.28 7.23
N HIS A 357 -5.00 1.04 7.37
CA HIS A 357 -4.88 0.06 6.30
C HIS A 357 -5.78 0.38 5.12
N ARG A 358 -7.01 0.83 5.38
CA ARG A 358 -8.00 0.97 4.34
C ARG A 358 -7.85 2.29 3.58
N LEU A 359 -7.46 3.34 4.28
CA LEU A 359 -7.46 4.69 3.76
C LEU A 359 -6.10 5.35 3.75
N GLY A 360 -5.17 4.91 4.59
CA GLY A 360 -3.86 5.51 4.69
C GLY A 360 -3.74 6.28 5.99
N VAL A 361 -2.49 6.49 6.42
CA VAL A 361 -2.22 7.05 7.73
C VAL A 361 -2.75 8.46 7.87
N ASN A 362 -2.86 9.21 6.76
CA ASN A 362 -3.35 10.58 6.80
C ASN A 362 -4.82 10.67 6.44
N TYR A 363 -5.58 9.63 6.77
CA TYR A 363 -6.99 9.56 6.41
C TYR A 363 -7.84 10.67 7.00
N GLN A 364 -7.37 11.31 8.09
CA GLN A 364 -8.15 12.39 8.65
C GLN A 364 -7.92 13.69 7.92
N GLN A 365 -7.14 13.70 6.86
CA GLN A 365 -7.06 14.86 5.99
C GLN A 365 -8.04 14.78 4.84
N ILE A 366 -8.67 13.62 4.65
CA ILE A 366 -9.79 13.52 3.74
C ILE A 366 -10.93 14.41 4.24
N PRO A 367 -11.55 15.24 3.38
CA PRO A 367 -12.51 16.25 3.87
C PRO A 367 -13.61 15.76 4.79
N VAL A 368 -14.32 14.67 4.46
CA VAL A 368 -15.39 14.21 5.33
C VAL A 368 -14.86 13.93 6.72
N ASN A 369 -13.58 13.58 6.83
CA ASN A 369 -13.00 13.18 8.10
C ASN A 369 -12.27 14.31 8.81
N CYS A 370 -12.14 15.47 8.18
CA CYS A 370 -11.41 16.59 8.78
C CYS A 370 -12.14 17.15 9.99
N PRO A 371 -11.47 17.39 11.09
CA PRO A 371 -12.09 18.19 12.15
C PRO A 371 -12.29 19.61 11.67
N VAL A 372 -13.23 20.30 12.34
CA VAL A 372 -13.35 21.74 12.19
C VAL A 372 -12.71 22.44 13.37
N ALA A 373 -12.54 21.76 14.50
CA ALA A 373 -11.66 22.30 15.50
C ALA A 373 -10.24 22.38 14.91
N PRO A 374 -9.45 23.35 15.33
CA PRO A 374 -8.04 23.39 14.89
C PRO A 374 -7.26 22.20 15.45
N VAL A 375 -6.59 21.49 14.55
CA VAL A 375 -5.76 20.35 14.87
C VAL A 375 -4.33 20.83 14.97
N PHE A 376 -3.66 20.56 16.09
CA PHE A 376 -2.26 20.95 16.22
C PHE A 376 -1.50 19.78 16.88
N THR A 377 -0.78 19.04 16.05
CA THR A 377 -0.03 17.85 16.46
C THR A 377 1.41 17.96 15.93
N PRO A 378 2.24 18.84 16.51
CA PRO A 378 3.59 19.02 15.96
C PRO A 378 4.41 17.74 15.83
N GLN A 379 4.18 16.72 16.67
CA GLN A 379 5.03 15.54 16.69
C GLN A 379 4.56 14.45 15.74
N MET A 380 3.41 14.65 15.08
CA MET A 380 2.85 13.71 14.11
C MET A 380 2.98 14.34 12.74
N ARG A 381 3.90 13.84 11.91
CA ARG A 381 4.23 14.50 10.66
C ARG A 381 4.50 13.47 9.57
N ASP A 382 4.48 13.94 8.33
CA ASP A 382 4.79 13.13 7.14
C ASP A 382 3.74 12.04 6.97
N GLY A 383 4.14 10.91 6.40
CA GLY A 383 3.23 9.87 5.99
C GLY A 383 2.68 10.08 4.58
N SER A 384 2.19 9.00 4.01
CA SER A 384 1.71 9.01 2.64
C SER A 384 0.56 10.01 2.45
N MET A 385 0.60 10.73 1.32
CA MET A 385 -0.47 11.66 0.93
C MET A 385 -0.71 12.72 2.00
N THR A 386 0.37 13.35 2.47
CA THR A 386 0.28 14.56 3.26
C THR A 386 -0.17 15.70 2.36
N VAL A 387 -1.39 16.17 2.54
CA VAL A 387 -1.99 17.15 1.65
C VAL A 387 -2.36 18.43 2.37
N ASN A 388 -2.11 18.54 3.66
CA ASN A 388 -2.55 19.70 4.43
C ASN A 388 -1.42 20.66 4.78
N GLY A 389 -0.28 20.58 4.08
CA GLY A 389 0.86 21.42 4.40
C GLY A 389 1.79 20.87 5.47
N ASN A 390 1.37 19.86 6.23
CA ASN A 390 2.27 19.19 7.17
C ASN A 390 2.87 20.19 8.18
N LEU A 391 2.06 21.18 8.56
CA LEU A 391 2.41 22.18 9.57
C LEU A 391 3.61 23.02 9.17
N GLY A 392 3.93 23.04 7.88
CA GLY A 392 5.05 23.86 7.42
C GLY A 392 6.32 23.66 8.21
N SER A 393 6.90 24.77 8.65
CA SER A 393 8.16 24.77 9.36
C SER A 393 8.03 24.56 10.86
N THR A 394 6.82 24.37 11.36
CA THR A 394 6.58 24.24 12.79
C THR A 394 7.48 23.13 13.35
N PRO A 395 8.20 23.38 14.44
CA PRO A 395 9.07 22.32 14.99
C PRO A 395 8.26 21.07 15.29
N ASN A 396 8.92 19.92 15.20
CA ASN A 396 8.21 18.65 15.15
C ASN A 396 8.39 17.85 16.44
N TYR A 397 8.56 18.59 17.54
CA TYR A 397 8.69 18.10 18.90
C TYR A 397 8.26 19.22 19.86
N LYS A 398 8.08 18.87 21.12
CA LYS A 398 7.76 19.86 22.15
C LYS A 398 9.00 20.71 22.41
N SER A 399 8.98 21.93 21.87
CA SER A 399 10.15 22.77 21.65
C SER A 399 10.07 24.04 22.50
N SER A 400 11.25 24.62 22.77
CA SER A 400 11.33 25.97 23.33
C SER A 400 11.06 27.06 22.29
N PHE A 401 11.30 26.77 21.01
CA PHE A 401 11.16 27.75 19.93
C PHE A 401 9.72 27.92 19.44
N CYS A 402 8.74 27.39 20.16
CA CYS A 402 7.36 27.42 19.69
C CYS A 402 6.41 27.33 20.89
N PRO A 403 5.67 28.39 21.20
CA PRO A 403 4.70 28.34 22.30
C PRO A 403 3.40 27.63 21.94
N PHE A 404 2.76 27.07 22.97
CA PHE A 404 1.52 26.32 22.83
C PHE A 404 0.81 26.28 24.17
N SER A 405 -0.47 25.94 24.15
CA SER A 405 -1.22 25.78 25.38
C SER A 405 -1.76 24.37 25.49
N THR A 406 -1.89 23.92 26.73
CA THR A 406 -2.61 22.71 27.09
C THR A 406 -3.84 23.10 27.89
N GLU A 407 -4.83 22.21 27.90
CA GLU A 407 -5.99 22.39 28.75
C GLU A 407 -5.65 22.06 30.20
N ALA A 408 -6.48 22.56 31.11
CA ALA A 408 -6.38 22.14 32.50
C ALA A 408 -7.00 20.75 32.64
N GLN A 409 -6.39 19.92 33.50
CA GLN A 409 -6.83 18.54 33.61
C GLN A 409 -8.19 18.42 34.31
N ILE A 410 -9.13 17.70 33.68
CA ILE A 410 -10.40 17.32 34.31
C ILE A 410 -10.06 16.43 35.50
N GLN A 411 -10.01 17.03 36.69
CA GLN A 411 -9.67 16.31 37.90
C GLN A 411 -10.90 15.57 38.46
N THR A 412 -10.76 14.27 38.71
CA THR A 412 -11.92 13.50 39.15
C THR A 412 -12.31 13.91 40.57
N ASN A 413 -13.60 14.15 40.73
CA ASN A 413 -14.16 14.72 41.95
C ASN A 413 -14.25 13.63 43.01
N SER A 414 -13.80 13.95 44.22
CA SER A 414 -13.88 12.98 45.32
C SER A 414 -15.29 12.45 45.52
N HIS A 415 -16.32 13.21 45.14
CA HIS A 415 -17.69 12.74 45.24
C HIS A 415 -17.94 11.52 44.35
N THR A 416 -17.20 11.42 43.24
CA THR A 416 -17.35 10.31 42.29
C THR A 416 -15.95 9.79 41.96
N PRO A 417 -15.39 8.96 42.83
CA PRO A 417 -14.06 8.39 42.54
C PRO A 417 -14.11 7.44 41.36
N GLU A 418 -12.96 7.31 40.67
CA GLU A 418 -12.80 6.27 39.68
C GLU A 418 -12.91 4.88 40.33
N GLU A 419 -13.13 3.88 39.50
CA GLU A 419 -13.23 2.54 40.01
C GLU A 419 -11.90 2.13 40.63
N VAL A 420 -11.98 1.42 41.74
CA VAL A 420 -10.82 0.91 42.45
C VAL A 420 -10.33 -0.36 41.76
N LEU A 421 -9.02 -0.48 41.61
CA LEU A 421 -8.44 -1.68 41.03
C LEU A 421 -8.49 -2.84 42.02
N ALA A 422 -8.67 -4.03 41.49
CA ALA A 422 -8.39 -5.23 42.26
C ALA A 422 -6.88 -5.34 42.49
N ALA A 423 -6.40 -6.50 42.97
CA ALA A 423 -5.02 -6.57 43.39
C ALA A 423 -4.03 -6.92 42.27
N HIS A 424 -4.46 -7.63 41.23
CA HIS A 424 -3.57 -7.96 40.12
C HIS A 424 -4.27 -7.84 38.76
N THR A 425 -3.47 -7.65 37.72
CA THR A 425 -3.95 -7.88 36.36
C THR A 425 -4.17 -9.36 36.14
N GLU A 426 -5.20 -9.71 35.36
CA GLU A 426 -5.45 -11.11 35.00
C GLU A 426 -5.98 -11.23 33.58
N LYS A 427 -5.88 -12.46 33.07
CA LYS A 427 -6.60 -12.89 31.87
C LYS A 427 -7.97 -13.47 32.25
N PHE A 428 -8.96 -13.22 31.42
CA PHE A 428 -10.32 -13.63 31.73
C PHE A 428 -11.09 -13.89 30.44
N HIS A 429 -11.89 -14.95 30.47
CA HIS A 429 -12.83 -15.32 29.42
C HIS A 429 -14.23 -15.27 30.02
N TRP A 430 -15.04 -14.35 29.53
CA TRP A 430 -16.37 -14.03 30.07
C TRP A 430 -17.46 -14.75 29.29
N GLY A 431 -17.31 -16.03 28.99
CA GLY A 431 -18.27 -16.60 28.09
C GLY A 431 -18.17 -18.10 28.01
N GLY A 432 -18.91 -18.65 27.04
CA GLY A 432 -18.91 -20.06 26.77
C GLY A 432 -20.26 -20.71 26.99
N ILE A 433 -20.27 -21.85 27.67
CA ILE A 433 -21.52 -22.53 27.98
C ILE A 433 -22.05 -22.01 29.30
N LEU A 434 -23.26 -21.48 29.28
CA LEU A 434 -23.83 -20.82 30.44
C LEU A 434 -25.00 -21.63 30.96
N ASP A 435 -25.33 -21.40 32.23
CA ASP A 435 -26.40 -22.12 32.88
C ASP A 435 -27.74 -21.44 32.61
N SER A 436 -28.73 -22.25 32.21
CA SER A 436 -30.06 -21.76 31.95
C SER A 436 -30.59 -20.86 33.06
N LYS A 437 -30.25 -21.15 34.31
CA LYS A 437 -30.87 -20.44 35.43
C LYS A 437 -30.21 -19.12 35.80
N SER A 438 -29.06 -18.78 35.21
CA SER A 438 -28.33 -17.58 35.61
C SER A 438 -28.96 -16.32 35.03
N TYR A 439 -28.57 -15.17 35.60
CA TYR A 439 -29.09 -13.92 35.07
C TYR A 439 -28.73 -13.73 33.62
N ASP A 440 -27.81 -14.51 33.05
CA ASP A 440 -27.40 -14.30 31.67
C ASP A 440 -28.50 -14.67 30.69
N PHE A 441 -29.54 -15.38 31.14
CA PHE A 441 -30.70 -15.65 30.31
C PHE A 441 -31.94 -14.85 30.72
N GLU A 442 -31.86 -14.04 31.77
CA GLU A 442 -33.07 -13.34 32.21
C GLU A 442 -33.49 -12.25 31.22
N GLN A 443 -32.53 -11.55 30.62
CA GLN A 443 -32.85 -10.46 29.65
C GLN A 443 -33.42 -11.06 28.36
N PRO A 444 -32.86 -12.15 27.83
CA PRO A 444 -33.47 -12.89 26.75
C PRO A 444 -34.90 -13.35 27.13
N ARG A 445 -35.12 -13.81 28.35
CA ARG A 445 -36.49 -14.18 28.79
C ARG A 445 -37.39 -12.94 28.75
N ALA A 446 -36.86 -11.80 29.19
CA ALA A 446 -37.64 -10.54 29.15
C ALA A 446 -37.94 -10.15 27.71
N LEU A 447 -37.02 -10.38 26.77
CA LEU A 447 -37.23 -10.04 25.35
C LEU A 447 -38.36 -10.89 24.78
N TRP A 448 -38.45 -12.15 25.18
CA TRP A 448 -39.54 -12.99 24.74
C TRP A 448 -40.88 -12.41 25.19
N LYS A 449 -40.97 -12.00 26.44
CA LYS A 449 -42.21 -11.39 26.90
C LYS A 449 -42.49 -10.10 26.16
N VAL A 450 -41.46 -9.35 25.79
CA VAL A 450 -41.71 -8.12 25.04
C VAL A 450 -42.28 -8.44 23.66
N PHE A 451 -41.73 -9.46 23.00
CA PHE A 451 -42.31 -9.97 21.78
C PHE A 451 -43.82 -10.22 21.96
N GLY A 452 -44.19 -10.87 23.07
CA GLY A 452 -45.54 -11.31 23.30
C GLY A 452 -46.53 -10.18 23.53
N LYS A 453 -46.05 -8.96 23.71
CA LYS A 453 -46.95 -7.84 23.89
C LYS A 453 -47.42 -7.29 22.55
N THR A 454 -46.82 -7.74 21.44
CA THR A 454 -47.25 -7.35 20.10
C THR A 454 -47.67 -8.62 19.36
N PRO A 455 -48.91 -8.71 18.90
CA PRO A 455 -49.36 -9.94 18.22
C PRO A 455 -48.53 -10.17 16.97
N GLY A 456 -48.10 -11.41 16.80
CA GLY A 456 -47.29 -11.81 15.66
C GLY A 456 -45.79 -11.87 15.92
N GLN A 457 -45.28 -11.18 16.95
CA GLN A 457 -43.83 -11.06 17.04
C GLN A 457 -43.17 -12.36 17.51
N GLN A 458 -43.80 -13.08 18.44
CA GLN A 458 -43.20 -14.35 18.85
C GLN A 458 -43.19 -15.35 17.71
N ARG A 459 -44.29 -15.42 16.95
CA ARG A 459 -44.35 -16.37 15.84
C ARG A 459 -43.33 -16.00 14.77
N ASN A 460 -43.20 -14.70 14.47
CA ASN A 460 -42.21 -14.27 13.47
C ASN A 460 -40.79 -14.62 13.91
N PHE A 461 -40.46 -14.35 15.18
CA PHE A 461 -39.14 -14.74 15.67
C PHE A 461 -38.87 -16.22 15.42
N CYS A 462 -39.81 -17.09 15.80
CA CYS A 462 -39.56 -18.54 15.68
C CYS A 462 -39.47 -18.97 14.23
N HIS A 463 -40.29 -18.38 13.36
CA HIS A 463 -40.21 -18.68 11.94
C HIS A 463 -38.89 -18.17 11.35
N ASN A 464 -38.46 -16.96 11.73
CA ASN A 464 -37.20 -16.42 11.22
C ASN A 464 -36.00 -17.29 11.60
N VAL A 465 -36.00 -17.86 12.80
CA VAL A 465 -34.92 -18.78 13.16
C VAL A 465 -35.02 -20.05 12.34
N ALA A 466 -36.24 -20.60 12.20
CA ALA A 466 -36.40 -21.93 11.60
C ALA A 466 -35.94 -21.95 10.14
N VAL A 467 -36.33 -20.94 9.35
CA VAL A 467 -35.97 -20.97 7.93
C VAL A 467 -34.47 -20.90 7.77
N HIS A 468 -33.78 -20.31 8.74
CA HIS A 468 -32.34 -20.18 8.70
C HIS A 468 -31.65 -21.46 9.20
N VAL A 469 -32.08 -22.01 10.34
CA VAL A 469 -31.36 -23.18 10.87
C VAL A 469 -31.71 -24.46 10.12
N ALA A 470 -32.83 -24.50 9.42
CA ALA A 470 -33.17 -25.65 8.60
C ALA A 470 -32.03 -26.07 7.67
N ALA A 471 -31.15 -25.13 7.30
CA ALA A 471 -30.03 -25.42 6.40
C ALA A 471 -28.89 -26.13 7.10
N ALA A 472 -28.73 -25.91 8.39
CA ALA A 472 -27.67 -26.60 9.09
C ALA A 472 -28.00 -28.08 9.19
N ASN A 473 -26.96 -28.88 9.43
CA ASN A 473 -27.20 -30.31 9.52
C ASN A 473 -27.86 -30.65 10.85
N HIS A 474 -28.30 -31.90 10.98
CA HIS A 474 -29.25 -32.27 12.04
C HIS A 474 -28.64 -32.17 13.44
N GLU A 475 -27.37 -32.50 13.59
CA GLU A 475 -26.71 -32.39 14.90
C GLU A 475 -26.62 -30.94 15.39
N ILE A 476 -26.34 -29.99 14.47
CA ILE A 476 -26.33 -28.56 14.82
C ILE A 476 -27.74 -28.08 15.17
N GLN A 477 -28.73 -28.44 14.36
CA GLN A 477 -30.12 -28.15 14.67
C GLN A 477 -30.47 -28.47 16.12
N ASP A 478 -30.02 -29.64 16.59
CA ASP A 478 -30.39 -30.09 17.93
C ASP A 478 -29.72 -29.23 19.00
N ARG A 479 -28.43 -28.91 18.82
CA ARG A 479 -27.82 -27.94 19.72
C ARG A 479 -28.56 -26.63 19.72
N VAL A 480 -29.13 -26.23 18.57
CA VAL A 480 -29.78 -24.92 18.50
C VAL A 480 -31.09 -24.93 19.28
N PHE A 481 -31.86 -26.01 19.18
CA PHE A 481 -33.09 -26.11 19.98
C PHE A 481 -32.81 -26.06 21.47
N GLU A 482 -31.80 -26.82 21.94
CA GLU A 482 -31.37 -26.74 23.35
C GLU A 482 -31.05 -25.31 23.73
N TYR A 483 -30.29 -24.61 22.87
CA TYR A 483 -29.80 -23.25 23.15
C TYR A 483 -30.97 -22.31 23.41
N PHE A 484 -31.97 -22.28 22.52
CA PHE A 484 -33.13 -21.42 22.74
C PHE A 484 -33.99 -21.90 23.91
N SER A 485 -34.05 -23.22 24.13
CA SER A 485 -34.78 -23.74 25.28
C SER A 485 -34.09 -23.42 26.61
N LYS A 486 -32.84 -22.93 26.59
CA LYS A 486 -32.27 -22.38 27.83
C LYS A 486 -32.91 -21.05 28.22
N VAL A 487 -33.68 -20.44 27.33
CA VAL A 487 -34.38 -19.18 27.61
C VAL A 487 -35.72 -19.56 28.23
N TYR A 488 -36.60 -20.11 27.41
CA TYR A 488 -37.81 -20.76 27.84
C TYR A 488 -37.90 -22.03 27.01
N PRO A 489 -38.26 -23.16 27.63
CA PRO A 489 -38.35 -24.40 26.86
C PRO A 489 -39.28 -24.32 25.66
N GLU A 490 -40.39 -23.58 25.74
CA GLU A 490 -41.33 -23.53 24.62
C GLU A 490 -40.71 -22.90 23.39
N ILE A 491 -39.70 -22.06 23.54
CA ILE A 491 -39.11 -21.44 22.37
C ILE A 491 -38.39 -22.49 21.53
N GLY A 492 -37.49 -23.24 22.15
CA GLY A 492 -36.75 -24.23 21.40
C GLY A 492 -37.65 -25.21 20.72
N ASP A 493 -38.81 -25.49 21.33
CA ASP A 493 -39.68 -26.56 20.85
C ASP A 493 -40.57 -26.09 19.70
N GLN A 494 -41.04 -24.84 19.75
CA GLN A 494 -41.75 -24.25 18.62
C GLN A 494 -40.85 -24.18 17.40
N ILE A 495 -39.56 -23.91 17.61
CA ILE A 495 -38.61 -23.83 16.50
C ILE A 495 -38.30 -25.22 15.98
N ARG A 496 -38.09 -26.19 16.88
CA ARG A 496 -37.84 -27.55 16.45
C ARG A 496 -38.98 -28.09 15.57
N LYS A 497 -40.23 -27.77 15.92
CA LYS A 497 -41.35 -28.30 15.17
C LYS A 497 -41.35 -27.73 13.76
N GLU A 498 -41.10 -26.43 13.64
CA GLU A 498 -41.12 -25.83 12.32
C GLU A 498 -39.92 -26.29 11.50
N VAL A 499 -38.76 -26.42 12.13
CA VAL A 499 -37.59 -26.90 11.40
C VAL A 499 -37.83 -28.30 10.87
N LEU A 500 -38.58 -29.12 11.61
CA LEU A 500 -38.81 -30.51 11.19
C LEU A 500 -39.69 -30.59 9.95
N GLN A 501 -40.63 -29.67 9.79
CA GLN A 501 -41.32 -29.52 8.53
C GLN A 501 -40.33 -29.17 7.42
N LEU A 502 -39.45 -28.21 7.65
CA LEU A 502 -38.57 -27.75 6.57
C LEU A 502 -37.42 -28.72 6.30
N SER A 503 -37.04 -29.51 7.29
CA SER A 503 -35.83 -30.34 7.19
C SER A 503 -36.18 -31.71 7.75
N PRO A 504 -36.81 -32.55 6.94
CA PRO A 504 -37.37 -33.80 7.47
C PRO A 504 -36.32 -34.77 7.99
N ARG A 505 -36.73 -35.59 8.95
CA ARG A 505 -35.92 -36.68 9.47
C ARG A 505 -36.70 -37.99 9.35
N GLY A 506 -36.00 -39.06 8.98
CA GLY A 506 -36.64 -40.35 8.76
C GLY A 506 -35.68 -41.53 8.87
N GLN B 5 -3.76 32.96 22.21
CA GLN B 5 -2.98 33.21 20.99
C GLN B 5 -2.13 32.00 20.56
N PRO B 6 -1.51 31.29 21.51
CA PRO B 6 -0.77 30.07 21.15
C PRO B 6 -1.73 28.93 20.84
N PRO B 7 -1.40 28.07 19.88
CA PRO B 7 -2.33 27.02 19.49
C PRO B 7 -2.39 25.92 20.53
N LYS B 8 -3.60 25.38 20.73
CA LYS B 8 -3.77 24.27 21.66
C LYS B 8 -3.26 23.00 21.03
N TRP B 9 -2.40 22.29 21.75
CA TRP B 9 -1.96 20.96 21.34
C TRP B 9 -3.15 19.98 21.41
N THR B 10 -3.34 19.21 20.33
CA THR B 10 -4.48 18.30 20.19
C THR B 10 -4.01 16.89 19.82
N THR B 11 -5.00 16.01 19.76
CA THR B 11 -4.92 14.71 19.09
C THR B 11 -5.32 14.86 17.63
N SER B 12 -5.21 13.75 16.89
CA SER B 12 -5.48 13.82 15.45
C SER B 12 -6.93 14.19 15.14
N ASN B 13 -7.88 13.90 16.04
CA ASN B 13 -9.29 14.27 15.83
C ASN B 13 -9.63 15.66 16.40
N GLY B 14 -8.63 16.42 16.82
CA GLY B 14 -8.87 17.80 17.21
C GLY B 14 -9.22 18.00 18.66
N ALA B 15 -9.20 16.96 19.46
CA ALA B 15 -9.53 17.09 20.88
C ALA B 15 -8.34 17.65 21.64
N PRO B 16 -8.51 18.71 22.42
CA PRO B 16 -7.34 19.27 23.13
C PRO B 16 -6.80 18.28 24.16
N VAL B 17 -5.49 18.28 24.33
CA VAL B 17 -4.85 17.49 25.36
C VAL B 17 -4.52 18.39 26.55
N SER B 18 -4.31 17.77 27.70
CA SER B 18 -3.92 18.45 28.93
C SER B 18 -2.44 18.31 29.26
N ASP B 19 -1.80 17.22 28.83
CA ASP B 19 -0.39 16.96 29.07
C ASP B 19 0.17 16.31 27.81
N VAL B 20 1.29 16.87 27.29
CA VAL B 20 1.90 16.34 26.08
C VAL B 20 2.57 14.98 26.32
N PHE B 21 3.10 14.72 27.52
CA PHE B 21 3.96 13.57 27.73
C PHE B 21 3.39 12.51 28.65
N ALA B 22 2.40 12.82 29.48
CA ALA B 22 1.90 11.83 30.44
C ALA B 22 1.12 10.72 29.74
N THR B 23 1.29 9.46 30.20
CA THR B 23 0.60 8.33 29.61
C THR B 23 -0.09 7.45 30.67
N GLU B 24 -1.15 6.75 30.24
CA GLU B 24 -2.00 5.98 31.14
C GLU B 24 -1.40 4.62 31.46
N ARG B 25 -1.52 4.21 32.73
CA ARG B 25 -0.91 2.99 33.26
C ARG B 25 -1.75 2.43 34.40
N ALA B 26 -1.78 1.11 34.52
CA ALA B 26 -2.35 0.45 35.72
C ALA B 26 -1.26 0.36 36.79
N THR B 27 -1.12 1.46 37.54
CA THR B 27 0.00 1.63 38.46
C THR B 27 0.16 0.50 39.48
N PHE B 28 1.38 0.01 39.61
CA PHE B 28 1.75 -0.89 40.70
C PHE B 28 1.94 -0.11 41.99
N ASP B 29 1.49 -0.69 43.11
CA ASP B 29 1.74 -0.13 44.43
C ASP B 29 3.22 -0.29 44.78
N ASN B 30 3.95 0.81 44.88
CA ASN B 30 5.33 0.81 45.32
C ASN B 30 5.54 1.76 46.49
N ALA B 31 4.53 1.91 47.33
CA ALA B 31 4.58 2.92 48.39
C ALA B 31 5.54 2.51 49.50
N ASN B 32 5.76 1.22 49.69
CA ASN B 32 6.73 0.75 50.67
C ASN B 32 8.15 0.64 50.12
N HIS B 33 8.36 0.94 48.84
CA HIS B 33 9.68 0.82 48.20
C HIS B 33 10.68 1.84 48.73
N ALA B 34 11.96 1.49 48.60
CA ALA B 34 13.06 2.42 48.88
C ALA B 34 12.91 3.75 48.13
N ASN B 35 12.59 3.70 46.84
CA ASN B 35 12.22 4.91 46.08
C ASN B 35 10.80 4.75 45.58
N ASN B 36 9.85 5.45 46.21
CA ASN B 36 8.44 5.27 45.92
C ASN B 36 7.88 6.38 45.02
N ALA B 37 8.74 7.24 44.48
CA ALA B 37 8.30 8.36 43.67
C ALA B 37 7.68 7.91 42.34
N PRO B 38 8.25 6.92 41.65
CA PRO B 38 7.68 6.51 40.36
C PRO B 38 6.24 6.01 40.48
N LYS B 39 5.48 6.20 39.40
CA LYS B 39 4.14 5.66 39.25
C LYS B 39 4.15 4.85 37.95
N VAL B 40 4.33 3.55 38.08
CA VAL B 40 4.54 2.68 36.94
C VAL B 40 3.67 1.45 37.08
N GLY B 41 3.07 1.05 35.96
CA GLY B 41 2.45 -0.25 35.78
C GLY B 41 2.14 -0.45 34.30
N PRO B 42 1.47 -1.56 33.96
CA PRO B 42 1.21 -1.83 32.54
C PRO B 42 0.43 -0.70 31.87
N LEU B 43 0.82 -0.40 30.63
CA LEU B 43 0.17 0.61 29.82
C LEU B 43 -1.21 0.13 29.37
N LEU B 44 -2.14 1.07 29.25
CA LEU B 44 -3.54 0.82 28.91
C LEU B 44 -3.82 1.02 27.43
N LEU B 45 -4.60 0.11 26.86
CA LEU B 45 -4.96 0.19 25.45
C LEU B 45 -5.79 1.42 25.14
N GLN B 46 -6.48 1.96 26.15
CA GLN B 46 -7.38 3.09 25.96
C GLN B 46 -6.69 4.44 25.90
N ASP B 47 -5.35 4.49 25.91
CA ASP B 47 -4.60 5.75 25.80
C ASP B 47 -4.50 6.16 24.32
N PHE B 48 -5.55 6.82 23.82
CA PHE B 48 -5.57 7.17 22.41
C PHE B 48 -4.45 8.15 22.09
N GLN B 49 -4.26 9.15 22.93
CA GLN B 49 -3.22 10.14 22.68
C GLN B 49 -1.88 9.47 22.36
N LEU B 50 -1.50 8.47 23.17
CA LEU B 50 -0.24 7.77 22.93
C LEU B 50 -0.29 6.96 21.66
N ILE B 51 -1.25 6.04 21.55
CA ILE B 51 -1.30 5.11 20.42
C ILE B 51 -1.47 5.86 19.10
N ASP B 52 -2.25 6.94 19.12
CA ASP B 52 -2.37 7.85 17.99
C ASP B 52 -1.00 8.35 17.55
N SER B 53 -0.22 8.85 18.49
CA SER B 53 1.10 9.41 18.14
C SER B 53 2.05 8.33 17.62
N LEU B 54 2.14 7.19 18.30
CA LEU B 54 3.05 6.13 17.87
C LEU B 54 2.63 5.53 16.54
N ALA B 55 1.34 5.26 16.35
CA ALA B 55 0.90 4.68 15.08
C ALA B 55 1.18 5.59 13.90
N HIS B 56 1.15 6.90 14.10
CA HIS B 56 1.51 7.79 13.02
C HIS B 56 3.01 7.81 12.81
N PHE B 57 3.76 7.86 13.92
CA PHE B 57 5.21 7.75 13.85
C PHE B 57 5.63 6.52 13.07
N ASP B 58 4.96 5.39 13.32
CA ASP B 58 5.26 4.12 12.67
C ASP B 58 5.06 4.13 11.15
N ARG B 59 4.36 5.13 10.59
CA ARG B 59 4.08 5.18 9.16
C ARG B 59 4.62 6.46 8.51
N GLU B 60 5.55 7.15 9.17
CA GLU B 60 6.16 8.35 8.61
C GLU B 60 6.80 8.09 7.24
N ARG B 61 7.43 6.95 7.06
CA ARG B 61 8.25 6.73 5.87
C ARG B 61 7.41 6.26 4.70
N ILE B 62 7.57 6.92 3.58
CA ILE B 62 7.05 6.44 2.27
C ILE B 62 8.25 5.87 1.49
N PRO B 63 8.11 5.03 0.47
CA PRO B 63 9.28 4.53 -0.21
C PRO B 63 10.02 5.68 -0.88
N GLU B 64 11.35 5.63 -0.86
CA GLU B 64 12.23 6.62 -1.50
C GLU B 64 12.22 6.36 -3.01
N ARG B 65 12.59 7.37 -3.79
CA ARG B 65 12.73 7.26 -5.25
C ARG B 65 13.73 6.15 -5.56
N VAL B 66 13.42 5.34 -6.54
CA VAL B 66 14.27 4.22 -6.90
C VAL B 66 15.62 4.72 -7.41
N VAL B 67 15.62 5.88 -8.07
CA VAL B 67 16.82 6.63 -8.37
C VAL B 67 16.53 8.08 -8.00
N HIS B 68 17.61 8.85 -7.80
CA HIS B 68 17.52 10.28 -7.47
C HIS B 68 16.88 10.50 -6.11
N ALA B 69 17.10 9.56 -5.17
CA ALA B 69 16.42 9.61 -3.87
C ALA B 69 16.80 10.83 -3.04
N LYS B 70 18.02 11.31 -3.19
CA LYS B 70 18.59 12.35 -2.33
C LYS B 70 18.55 13.69 -3.07
N GLY B 71 17.74 14.62 -2.58
CA GLY B 71 17.52 15.85 -3.31
C GLY B 71 17.24 17.06 -2.45
N ALA B 72 17.23 18.21 -3.11
CA ALA B 72 16.96 19.51 -2.52
C ALA B 72 16.12 20.31 -3.51
N GLY B 73 15.29 21.20 -3.00
CA GLY B 73 14.31 21.85 -3.85
C GLY B 73 14.01 23.29 -3.45
N ALA B 74 13.38 24.00 -4.38
CA ALA B 74 13.06 25.40 -4.20
C ALA B 74 12.00 25.80 -5.19
N PHE B 75 11.17 26.77 -4.79
CA PHE B 75 10.24 27.41 -5.71
C PHE B 75 10.84 28.65 -6.34
N GLY B 76 10.40 28.94 -7.54
CA GLY B 76 10.82 30.15 -8.21
C GLY B 76 9.89 30.60 -9.30
N GLU B 77 10.45 31.32 -10.26
CA GLU B 77 9.67 32.06 -11.23
C GLU B 77 10.47 32.05 -12.52
N PHE B 78 9.80 31.69 -13.61
CA PHE B 78 10.41 31.69 -14.94
C PHE B 78 9.87 32.89 -15.69
N GLU B 79 10.71 33.48 -16.53
CA GLU B 79 10.30 34.68 -17.26
C GLU B 79 10.71 34.58 -18.71
N VAL B 80 9.77 34.91 -19.62
CA VAL B 80 10.08 34.96 -21.05
C VAL B 80 10.92 36.22 -21.33
N THR B 81 12.06 36.05 -22.02
CA THR B 81 12.89 37.18 -22.44
C THR B 81 13.01 37.34 -23.95
N ASP B 82 12.66 36.33 -24.74
CA ASP B 82 12.68 36.43 -26.19
C ASP B 82 11.47 35.68 -26.74
N ASP B 83 11.07 36.05 -27.96
CA ASP B 83 9.93 35.46 -28.63
C ASP B 83 10.40 34.24 -29.43
N ILE B 84 9.91 33.05 -29.06
CA ILE B 84 10.22 31.89 -29.87
C ILE B 84 8.91 31.27 -30.32
N SER B 85 7.86 32.08 -30.40
CA SER B 85 6.56 31.57 -30.82
C SER B 85 6.58 31.02 -32.25
N ASP B 86 7.61 31.35 -33.03
CA ASP B 86 7.82 30.70 -34.32
C ASP B 86 8.24 29.25 -34.18
N VAL B 87 8.72 28.85 -33.00
CA VAL B 87 9.13 27.48 -32.75
C VAL B 87 8.08 26.73 -31.96
N CYS B 88 7.37 27.41 -31.06
CA CYS B 88 6.54 26.77 -30.05
C CYS B 88 5.37 27.67 -29.66
N ALA B 89 4.16 27.12 -29.75
CA ALA B 89 2.93 27.88 -29.52
C ALA B 89 2.52 27.93 -28.05
N ALA B 90 3.37 27.46 -27.14
CA ALA B 90 3.02 27.37 -25.72
C ALA B 90 2.53 28.69 -25.14
N LYS B 91 1.45 28.63 -24.37
CA LYS B 91 0.97 29.89 -23.79
C LYS B 91 1.95 30.50 -22.79
N PHE B 92 2.71 29.71 -22.03
CA PHE B 92 3.59 30.34 -21.06
C PHE B 92 4.77 31.06 -21.72
N LEU B 93 4.96 30.88 -23.03
CA LEU B 93 6.03 31.48 -23.80
C LEU B 93 5.55 32.60 -24.71
N ASP B 94 4.26 32.91 -24.72
CA ASP B 94 3.63 33.67 -25.80
C ASP B 94 3.73 35.19 -25.63
N THR B 95 4.42 35.68 -24.61
CA THR B 95 4.53 37.12 -24.37
C THR B 95 5.81 37.40 -23.61
N ILE B 96 6.66 38.28 -24.16
CA ILE B 96 7.88 38.66 -23.48
C ILE B 96 7.50 39.33 -22.18
N GLY B 97 8.12 38.90 -21.09
CA GLY B 97 7.79 39.40 -19.78
C GLY B 97 6.89 38.49 -18.98
N LYS B 98 6.24 37.55 -19.64
CA LYS B 98 5.29 36.65 -18.99
C LYS B 98 5.99 35.75 -17.99
N LYS B 99 5.45 35.71 -16.78
CA LYS B 99 6.04 34.97 -15.67
C LYS B 99 5.18 33.76 -15.32
N THR B 100 5.86 32.66 -15.00
CA THR B 100 5.27 31.38 -14.62
C THR B 100 5.97 30.85 -13.38
N ARG B 101 5.17 30.43 -12.38
CA ARG B 101 5.72 29.85 -11.16
C ARG B 101 6.33 28.48 -11.44
N ILE B 102 7.44 28.19 -10.78
CA ILE B 102 8.12 26.91 -10.96
C ILE B 102 8.48 26.31 -9.62
N PHE B 103 8.77 25.02 -9.66
CA PHE B 103 9.34 24.28 -8.56
C PHE B 103 10.46 23.40 -9.10
N THR B 104 11.63 23.49 -8.49
CA THR B 104 12.78 22.71 -8.93
C THR B 104 13.22 21.73 -7.86
N ARG B 105 13.56 20.51 -8.28
CA ARG B 105 14.24 19.55 -7.42
C ARG B 105 15.57 19.13 -8.03
N PHE B 106 16.63 19.26 -7.24
CA PHE B 106 17.95 18.81 -7.62
C PHE B 106 18.23 17.50 -6.94
N SER B 107 19.07 16.68 -7.53
CA SER B 107 19.37 15.42 -6.87
C SER B 107 20.60 14.78 -7.48
N THR B 108 21.14 13.81 -6.74
CA THR B 108 22.12 12.85 -7.26
C THR B 108 21.32 11.67 -7.84
N VAL B 109 22.00 10.64 -8.29
CA VAL B 109 21.35 9.53 -9.02
C VAL B 109 21.39 8.26 -8.20
N GLY B 110 22.60 7.78 -7.90
CA GLY B 110 22.76 6.49 -7.26
C GLY B 110 22.47 6.45 -5.77
N GLY B 111 22.88 7.48 -5.04
CA GLY B 111 22.76 7.50 -3.57
C GLY B 111 21.36 7.48 -3.00
N GLU B 112 21.25 6.93 -1.79
CA GLU B 112 19.99 6.86 -1.01
C GLU B 112 19.82 8.12 -0.19
N LYS B 113 18.76 8.17 0.62
CA LYS B 113 18.36 9.35 1.42
C LYS B 113 19.44 9.88 2.37
N GLY B 114 20.36 9.06 2.86
CA GLY B 114 21.36 9.64 3.77
C GLY B 114 22.75 9.74 3.17
N SER B 115 22.87 9.54 1.87
CA SER B 115 24.15 9.63 1.11
C SER B 115 24.67 11.08 1.01
N ALA B 116 25.91 11.19 0.56
CA ALA B 116 26.59 12.49 0.47
C ALA B 116 26.15 13.31 -0.75
N ASP B 117 25.76 14.54 -0.52
CA ASP B 117 25.46 15.47 -1.61
C ASP B 117 26.64 15.64 -2.57
N SER B 118 27.87 15.49 -2.09
CA SER B 118 29.06 15.79 -2.88
C SER B 118 29.64 14.58 -3.61
N ALA B 119 28.90 13.49 -3.69
CA ALA B 119 29.41 12.30 -4.36
C ALA B 119 29.44 12.46 -5.87
N ARG B 120 30.33 11.72 -6.51
CA ARG B 120 30.39 11.72 -7.96
C ARG B 120 29.17 11.02 -8.55
N ASP B 121 28.50 11.70 -9.48
CA ASP B 121 27.24 11.24 -10.05
C ASP B 121 26.79 12.28 -11.07
N PRO B 122 25.90 11.95 -11.99
CA PRO B 122 25.08 13.00 -12.62
C PRO B 122 24.24 13.66 -11.55
N ARG B 123 23.77 14.85 -11.86
CA ARG B 123 22.85 15.55 -10.98
C ARG B 123 21.54 15.74 -11.74
N GLY B 124 20.45 15.40 -11.07
CA GLY B 124 19.13 15.72 -11.59
C GLY B 124 18.78 17.18 -11.38
N PHE B 125 17.97 17.69 -12.31
CA PHE B 125 17.62 19.08 -12.41
C PHE B 125 16.22 19.12 -13.02
N SER B 126 15.20 18.94 -12.19
CA SER B 126 13.84 18.77 -12.68
C SER B 126 12.96 19.93 -12.23
N THR B 127 12.23 20.49 -13.18
CA THR B 127 11.47 21.70 -12.94
C THR B 127 10.04 21.51 -13.41
N LYS B 128 9.12 21.96 -12.58
CA LYS B 128 7.71 21.92 -12.83
C LYS B 128 7.26 23.34 -13.16
N PHE B 129 6.70 23.51 -14.35
CA PHE B 129 6.15 24.78 -14.77
C PHE B 129 4.64 24.72 -14.59
N TYR B 130 4.09 25.59 -13.74
CA TYR B 130 2.65 25.63 -13.47
C TYR B 130 1.98 26.59 -14.46
N THR B 131 1.76 26.10 -15.68
CA THR B 131 1.26 26.96 -16.76
C THR B 131 -0.27 26.91 -16.88
N GLU B 132 -0.78 27.84 -17.70
CA GLU B 132 -2.21 27.94 -18.01
C GLU B 132 -2.74 26.70 -18.71
N GLU B 133 -1.89 25.99 -19.45
CA GLU B 133 -2.31 24.81 -20.19
C GLU B 133 -1.93 23.53 -19.50
N GLY B 134 -1.45 23.59 -18.25
CA GLY B 134 -1.15 22.40 -17.49
C GLY B 134 0.27 22.44 -16.94
N ASN B 135 0.56 21.44 -16.10
CA ASN B 135 1.89 21.35 -15.50
C ASN B 135 2.83 20.71 -16.52
N LEU B 136 3.90 21.40 -16.85
CA LEU B 136 4.94 20.92 -17.74
C LEU B 136 6.14 20.55 -16.89
N ASP B 137 6.54 19.29 -16.95
CA ASP B 137 7.70 18.81 -16.19
C ASP B 137 8.90 18.72 -17.13
N LEU B 138 9.96 19.49 -16.83
CA LEU B 138 11.20 19.38 -17.59
C LEU B 138 12.17 18.57 -16.72
N VAL B 139 12.27 17.27 -17.00
CA VAL B 139 12.99 16.36 -16.12
C VAL B 139 14.36 16.17 -16.77
N TYR B 140 15.27 17.04 -16.39
CA TYR B 140 16.58 17.16 -17.01
C TYR B 140 17.70 16.69 -16.07
N ASN B 141 18.89 16.51 -16.65
CA ASN B 141 20.11 16.24 -15.91
C ASN B 141 21.12 17.36 -16.18
N ASN B 142 22.20 17.36 -15.40
CA ASN B 142 23.28 18.33 -15.53
C ASN B 142 24.30 17.90 -16.58
N THR B 143 23.88 17.03 -17.49
CA THR B 143 24.65 16.52 -18.59
C THR B 143 23.73 16.48 -19.80
N PRO B 144 24.24 16.77 -21.00
CA PRO B 144 23.41 16.69 -22.21
C PRO B 144 23.36 15.30 -22.82
N ILE B 145 24.02 14.32 -22.22
CA ILE B 145 24.01 12.95 -22.70
C ILE B 145 23.68 12.02 -21.52
N PHE B 146 23.63 10.72 -21.80
CA PHE B 146 23.41 9.70 -20.78
C PHE B 146 24.09 8.40 -21.20
N PHE B 147 24.07 7.44 -20.29
CA PHE B 147 24.83 6.19 -20.46
C PHE B 147 24.22 5.25 -21.48
N ILE B 148 22.95 5.42 -21.86
CA ILE B 148 22.24 4.42 -22.65
C ILE B 148 21.42 5.07 -23.76
N ARG B 149 21.14 4.27 -24.78
CA ARG B 149 20.16 4.61 -25.79
C ARG B 149 19.19 3.44 -26.03
N ASP B 150 19.20 2.44 -25.15
CA ASP B 150 18.25 1.35 -25.14
C ASP B 150 17.55 1.34 -23.80
N PRO B 151 16.21 1.46 -23.73
CA PRO B 151 15.54 1.59 -22.42
C PRO B 151 15.62 0.35 -21.55
N SER B 152 15.73 -0.84 -22.14
CA SER B 152 15.77 -2.06 -21.34
C SER B 152 17.00 -2.13 -20.44
N LYS B 153 18.06 -1.40 -20.80
CA LYS B 153 19.30 -1.45 -20.07
C LYS B 153 19.23 -0.67 -18.76
N PHE B 154 18.22 0.17 -18.57
CA PHE B 154 18.28 1.06 -17.40
C PHE B 154 18.29 0.30 -16.07
N PRO B 155 17.44 -0.71 -15.84
CA PRO B 155 17.59 -1.53 -14.61
C PRO B 155 18.96 -2.17 -14.47
N HIS B 156 19.51 -2.71 -15.56
CA HIS B 156 20.87 -3.28 -15.57
C HIS B 156 21.88 -2.24 -15.12
N PHE B 157 21.91 -1.11 -15.82
CA PHE B 157 22.88 -0.05 -15.54
C PHE B 157 22.76 0.44 -14.10
N ILE B 158 21.53 0.75 -13.66
CA ILE B 158 21.34 1.34 -12.35
C ILE B 158 21.77 0.40 -11.25
N HIS B 159 21.49 -0.90 -11.44
CA HIS B 159 21.91 -1.90 -10.46
C HIS B 159 23.42 -1.90 -10.30
N THR B 160 24.16 -1.82 -11.41
CA THR B 160 25.62 -1.81 -11.30
C THR B 160 26.16 -0.52 -10.68
N GLN B 161 25.39 0.57 -10.70
CA GLN B 161 25.80 1.79 -10.04
C GLN B 161 25.49 1.79 -8.56
N LYS B 162 24.73 0.82 -8.07
CA LYS B 162 24.28 0.80 -6.69
C LYS B 162 24.99 -0.34 -5.97
N ARG B 163 24.30 -1.26 -5.31
CA ARG B 163 24.94 -2.19 -4.38
C ARG B 163 24.85 -3.65 -4.83
N ASN B 164 25.91 -4.37 -4.53
CA ASN B 164 25.94 -5.81 -4.68
C ASN B 164 24.74 -6.47 -3.98
N PRO B 165 24.06 -7.43 -4.62
CA PRO B 165 22.85 -8.02 -4.02
C PRO B 165 23.11 -8.82 -2.77
N ALA B 166 24.34 -9.28 -2.56
CA ALA B 166 24.62 -10.11 -1.41
C ALA B 166 25.18 -9.32 -0.25
N THR B 167 26.07 -8.38 -0.54
CA THR B 167 26.84 -7.68 0.48
C THR B 167 26.28 -6.29 0.79
N ASN B 168 25.45 -5.76 -0.09
CA ASN B 168 24.96 -4.40 0.02
C ASN B 168 26.07 -3.36 -0.07
N LEU B 169 27.22 -3.71 -0.66
CA LEU B 169 28.32 -2.78 -0.89
C LEU B 169 28.41 -2.33 -2.35
N LYS B 170 28.93 -1.12 -2.56
CA LYS B 170 29.27 -0.72 -3.92
C LYS B 170 30.37 -1.66 -4.43
N ASP B 171 30.33 -1.93 -5.73
CA ASP B 171 31.14 -2.96 -6.35
C ASP B 171 31.72 -2.40 -7.66
N ALA B 172 32.97 -1.98 -7.60
CA ALA B 172 33.65 -1.47 -8.79
C ALA B 172 33.58 -2.47 -9.92
N ASN B 173 33.58 -3.76 -9.60
CA ASN B 173 33.65 -4.76 -10.65
C ASN B 173 32.41 -4.79 -11.51
N MET B 174 31.23 -4.67 -10.91
CA MET B 174 30.03 -4.66 -11.76
C MET B 174 29.81 -3.28 -12.37
N PHE B 175 30.16 -2.22 -11.63
CA PHE B 175 30.12 -0.87 -12.17
C PHE B 175 30.79 -0.82 -13.55
N TRP B 176 32.01 -1.33 -13.63
CA TRP B 176 32.79 -1.28 -14.86
C TRP B 176 32.50 -2.44 -15.77
N ASP B 177 32.14 -3.59 -15.23
CA ASP B 177 31.77 -4.70 -16.10
C ASP B 177 30.63 -4.29 -17.02
N TYR B 178 29.63 -3.57 -16.49
CA TYR B 178 28.51 -3.14 -17.32
C TYR B 178 29.00 -2.23 -18.44
N LEU B 179 29.85 -1.26 -18.09
CA LEU B 179 30.19 -0.17 -19.01
C LEU B 179 31.05 -0.64 -20.16
N VAL B 180 32.06 -1.48 -19.90
CA VAL B 180 32.98 -1.92 -20.96
C VAL B 180 32.30 -2.89 -21.91
N ASN B 181 31.17 -3.45 -21.54
CA ASN B 181 30.45 -4.34 -22.44
C ASN B 181 29.30 -3.65 -23.14
N ASN B 182 29.02 -2.38 -22.79
CA ASN B 182 27.96 -1.61 -23.43
C ASN B 182 28.57 -0.25 -23.76
N GLN B 183 29.35 -0.24 -24.85
CA GLN B 183 30.33 0.83 -25.01
C GLN B 183 29.74 2.14 -25.53
N GLU B 184 28.44 2.17 -25.87
CA GLU B 184 27.75 3.44 -26.09
C GLU B 184 27.79 4.33 -24.86
N SER B 185 28.14 3.78 -23.69
CA SER B 185 28.15 4.53 -22.44
C SER B 185 29.33 5.47 -22.29
N ILE B 186 30.35 5.38 -23.14
CA ILE B 186 31.61 6.02 -22.80
C ILE B 186 31.49 7.54 -22.84
N HIS B 187 30.66 8.08 -23.74
CA HIS B 187 30.54 9.54 -23.78
C HIS B 187 30.09 10.07 -22.42
N GLN B 188 29.04 9.49 -21.83
CA GLN B 188 28.60 9.99 -20.52
C GLN B 188 29.58 9.60 -19.41
N VAL B 189 30.24 8.45 -19.53
CA VAL B 189 31.26 8.09 -18.56
C VAL B 189 32.34 9.17 -18.50
N MET B 190 32.77 9.70 -19.65
CA MET B 190 33.82 10.69 -19.62
C MET B 190 33.32 11.93 -18.92
N TYR B 191 32.07 12.31 -19.17
CA TYR B 191 31.48 13.47 -18.51
C TYR B 191 31.39 13.23 -17.00
N LEU B 192 30.98 12.02 -16.63
CA LEU B 192 30.86 11.65 -15.22
C LEU B 192 32.17 11.78 -14.48
N PHE B 193 33.28 11.39 -15.12
CA PHE B 193 34.57 11.38 -14.45
C PHE B 193 35.37 12.65 -14.69
N SER B 194 34.88 13.58 -15.49
CA SER B 194 35.39 14.93 -15.44
C SER B 194 35.03 15.54 -14.09
N ASP B 195 35.57 16.71 -13.82
CA ASP B 195 35.20 17.36 -12.57
C ASP B 195 33.74 17.80 -12.51
N ARG B 196 33.01 17.85 -13.63
CA ARG B 196 31.57 18.12 -13.59
C ARG B 196 30.79 17.04 -12.84
N GLY B 197 31.41 15.88 -12.59
CA GLY B 197 30.80 14.87 -11.75
C GLY B 197 30.72 15.25 -10.28
N THR B 198 31.43 16.30 -9.87
CA THR B 198 31.40 16.77 -8.47
C THR B 198 31.22 18.27 -8.46
N PRO B 199 30.01 18.75 -8.79
CA PRO B 199 29.75 20.19 -8.75
C PRO B 199 30.01 20.76 -7.37
N ALA B 200 30.45 22.02 -7.32
CA ALA B 200 30.71 22.69 -6.06
C ALA B 200 29.44 23.21 -5.42
N SER B 201 28.39 23.39 -6.20
CA SER B 201 27.13 23.94 -5.74
C SER B 201 26.10 23.69 -6.83
N LEU B 202 24.89 23.32 -6.41
CA LEU B 202 23.80 23.17 -7.37
C LEU B 202 23.48 24.49 -8.05
N ARG B 203 23.85 25.63 -7.46
CA ARG B 203 23.62 26.91 -8.12
C ARG B 203 24.62 27.18 -9.22
N LYS B 204 25.60 26.29 -9.41
CA LYS B 204 26.77 26.46 -10.29
C LYS B 204 26.92 25.26 -11.20
N MET B 205 25.83 24.79 -11.76
CA MET B 205 25.86 23.73 -12.74
C MET B 205 24.73 23.99 -13.73
N ASN B 206 24.80 23.30 -14.86
CA ASN B 206 23.84 23.52 -15.92
C ASN B 206 22.75 22.44 -15.90
N GLY B 207 21.68 22.68 -16.64
CA GLY B 207 20.70 21.67 -16.94
C GLY B 207 20.51 21.53 -18.44
N TYR B 208 20.18 20.32 -18.86
CA TYR B 208 20.06 19.95 -20.26
C TYR B 208 18.92 18.95 -20.43
N SER B 209 18.09 19.17 -21.46
CA SER B 209 17.07 18.21 -21.79
C SER B 209 17.68 16.84 -22.10
N GLY B 210 18.86 16.83 -22.70
CA GLY B 210 19.48 15.57 -23.07
C GLY B 210 18.82 14.91 -24.27
N HIS B 211 17.54 14.57 -24.18
CA HIS B 211 16.82 14.11 -25.34
C HIS B 211 16.47 15.28 -26.26
N THR B 212 16.21 14.91 -27.49
CA THR B 212 15.47 15.74 -28.41
C THR B 212 13.99 15.65 -28.14
N TYR B 213 13.32 16.79 -28.15
CA TYR B 213 11.88 16.87 -28.15
C TYR B 213 11.44 17.52 -29.47
N LYS B 214 10.13 17.50 -29.74
CA LYS B 214 9.57 18.14 -30.92
C LYS B 214 8.60 19.22 -30.46
N TRP B 215 8.88 20.46 -30.84
CA TRP B 215 8.03 21.59 -30.48
C TRP B 215 7.27 22.10 -31.71
N TYR B 216 6.02 22.51 -31.49
CA TYR B 216 5.07 22.84 -32.54
C TYR B 216 4.62 24.29 -32.39
N ASN B 217 4.57 25.02 -33.50
CA ASN B 217 4.06 26.39 -33.48
C ASN B 217 2.59 26.43 -33.89
N LYS B 218 2.02 27.62 -33.84
CA LYS B 218 0.58 27.78 -34.10
C LYS B 218 0.19 27.29 -35.49
N LYS B 219 1.13 27.22 -36.44
CA LYS B 219 0.81 26.70 -37.76
C LYS B 219 0.90 25.17 -37.85
N GLY B 220 1.26 24.49 -36.78
CA GLY B 220 1.43 23.05 -36.87
C GLY B 220 2.78 22.61 -37.40
N GLU B 221 3.71 23.54 -37.60
CA GLU B 221 5.08 23.20 -37.98
C GLU B 221 5.90 22.82 -36.77
N TRP B 222 6.74 21.81 -36.92
CA TRP B 222 7.51 21.32 -35.80
C TRP B 222 8.98 21.31 -36.14
N VAL B 223 9.82 21.45 -35.11
CA VAL B 223 11.25 21.19 -35.21
C VAL B 223 11.73 20.40 -34.00
N TYR B 224 12.84 19.68 -34.21
CA TYR B 224 13.55 19.05 -33.12
C TYR B 224 14.19 20.10 -32.22
N VAL B 225 14.17 19.86 -30.91
CA VAL B 225 14.63 20.85 -29.94
C VAL B 225 15.54 20.16 -28.91
N GLN B 226 16.68 20.78 -28.62
CA GLN B 226 17.49 20.52 -27.43
C GLN B 226 17.40 21.73 -26.53
N VAL B 227 17.31 21.54 -25.21
CA VAL B 227 17.15 22.65 -24.27
C VAL B 227 18.35 22.69 -23.33
N HIS B 228 18.79 23.91 -23.00
CA HIS B 228 20.00 24.17 -22.21
C HIS B 228 19.66 25.20 -21.16
N PHE B 229 19.89 24.88 -19.90
CA PHE B 229 19.74 25.82 -18.79
C PHE B 229 21.15 26.09 -18.28
N LYS B 230 21.64 27.31 -18.44
CA LYS B 230 23.02 27.63 -18.10
C LYS B 230 23.04 28.53 -16.89
N SER B 231 23.77 28.12 -15.85
CA SER B 231 23.82 28.90 -14.63
C SER B 231 24.41 30.28 -14.87
N ASP B 232 23.77 31.29 -14.29
CA ASP B 232 24.30 32.65 -14.37
C ASP B 232 25.56 32.81 -13.56
N LEU B 233 25.93 31.79 -12.79
CA LEU B 233 27.17 31.79 -12.04
C LEU B 233 28.26 30.95 -12.71
N GLY B 234 27.97 30.29 -13.82
CA GLY B 234 28.95 29.41 -14.42
C GLY B 234 28.96 28.05 -13.76
N VAL B 235 29.67 27.14 -14.41
CA VAL B 235 29.90 25.80 -13.91
C VAL B 235 31.11 25.86 -12.99
N VAL B 236 30.94 25.50 -11.72
CA VAL B 236 32.05 25.44 -10.77
C VAL B 236 32.05 24.08 -10.08
N ASN B 237 33.22 23.44 -10.07
CA ASN B 237 33.37 22.07 -9.60
C ASN B 237 34.36 21.95 -8.45
N PHE B 238 34.15 20.92 -7.64
CA PHE B 238 35.16 20.38 -6.75
C PHE B 238 36.05 19.41 -7.52
N ASN B 239 37.26 19.19 -7.00
CA ASN B 239 38.03 18.06 -7.51
C ASN B 239 37.69 16.84 -6.65
N ASN B 240 38.24 15.69 -7.04
CA ASN B 240 37.86 14.43 -6.40
C ASN B 240 38.09 14.46 -4.88
N GLU B 241 39.16 15.09 -4.44
CA GLU B 241 39.55 15.08 -3.03
C GLU B 241 38.71 16.02 -2.19
N GLU B 242 38.43 17.21 -2.70
CA GLU B 242 37.49 18.10 -2.04
C GLU B 242 36.15 17.39 -1.87
N ALA B 243 35.68 16.74 -2.93
CA ALA B 243 34.35 16.14 -2.88
C ALA B 243 34.32 15.01 -1.87
N GLY B 244 35.41 14.23 -1.78
CA GLY B 244 35.43 13.11 -0.85
C GLY B 244 35.58 13.54 0.61
N LYS B 245 36.36 14.58 0.84
CA LYS B 245 36.49 15.09 2.21
C LYS B 245 35.15 15.63 2.68
N LEU B 246 34.46 16.34 1.79
CA LEU B 246 33.16 16.89 2.12
C LEU B 246 32.13 15.80 2.42
N ALA B 247 32.22 14.65 1.72
CA ALA B 247 31.32 13.54 2.04
C ALA B 247 31.29 13.24 3.55
N GLY B 248 32.41 13.38 4.24
CA GLY B 248 32.44 13.09 5.66
C GLY B 248 32.16 14.28 6.57
N GLU B 249 32.61 15.47 6.17
CA GLU B 249 32.39 16.66 7.00
C GLU B 249 30.94 17.15 6.93
N ASP B 250 30.38 17.29 5.73
CA ASP B 250 28.99 17.70 5.56
C ASP B 250 28.35 16.98 4.39
N PRO B 251 27.72 15.84 4.62
CA PRO B 251 27.00 15.18 3.54
C PRO B 251 25.77 15.94 3.05
N ASP B 252 25.32 16.99 3.74
CA ASP B 252 24.19 17.77 3.24
C ASP B 252 24.60 19.14 2.67
N TYR B 253 25.85 19.24 2.20
CA TYR B 253 26.45 20.55 1.87
C TYR B 253 25.63 21.29 0.80
N HIS B 254 25.41 20.67 -0.34
CA HIS B 254 24.66 21.33 -1.41
C HIS B 254 23.27 21.72 -0.96
N THR B 255 22.63 20.88 -0.14
CA THR B 255 21.28 21.19 0.32
C THR B 255 21.30 22.48 1.14
N GLY B 256 22.25 22.60 2.07
CA GLY B 256 22.33 23.80 2.86
C GLY B 256 22.81 24.99 2.07
N ASP B 257 23.69 24.77 1.09
CA ASP B 257 24.16 25.85 0.26
C ASP B 257 23.00 26.51 -0.49
N LEU B 258 22.13 25.70 -1.09
CA LEU B 258 20.96 26.24 -1.78
C LEU B 258 20.04 26.96 -0.81
N PHE B 259 19.73 26.33 0.33
CA PHE B 259 18.77 26.90 1.26
C PHE B 259 19.30 28.22 1.82
N ASN B 260 20.57 28.25 2.23
CA ASN B 260 21.15 29.47 2.78
C ASN B 260 21.28 30.56 1.74
N ALA B 261 21.61 30.21 0.51
CA ALA B 261 21.67 31.22 -0.54
C ALA B 261 20.32 31.92 -0.68
N ILE B 262 19.23 31.14 -0.67
CA ILE B 262 17.91 31.74 -0.81
C ILE B 262 17.53 32.52 0.46
N GLU B 263 17.83 31.96 1.65
CA GLU B 263 17.49 32.66 2.90
C GLU B 263 18.12 34.04 2.94
N ARG B 264 19.33 34.17 2.42
CA ARG B 264 20.03 35.44 2.52
C ARG B 264 19.79 36.36 1.30
N GLY B 265 18.93 35.99 0.36
CA GLY B 265 18.59 36.88 -0.74
C GLY B 265 19.41 36.71 -2.00
N GLU B 266 20.41 35.85 -2.00
CA GLU B 266 21.22 35.56 -3.15
C GLU B 266 20.53 34.49 -3.97
N TYR B 267 19.48 34.90 -4.68
CA TYR B 267 18.64 33.98 -5.44
C TYR B 267 19.36 33.43 -6.67
N PRO B 268 19.54 32.12 -6.82
CA PRO B 268 20.22 31.61 -8.01
C PRO B 268 19.33 31.75 -9.23
N SER B 269 19.96 31.91 -10.41
CA SER B 269 19.23 32.16 -11.66
C SER B 269 19.94 31.45 -12.80
N TRP B 270 19.16 31.07 -13.80
CA TRP B 270 19.64 30.39 -14.99
C TRP B 270 19.09 31.10 -16.22
N THR B 271 19.83 31.02 -17.33
CA THR B 271 19.35 31.51 -18.62
C THR B 271 19.05 30.31 -19.53
N CYS B 272 17.95 30.39 -20.25
CA CYS B 272 17.41 29.25 -21.00
C CYS B 272 17.60 29.42 -22.50
N TYR B 273 18.11 28.38 -23.14
CA TYR B 273 18.37 28.40 -24.57
C TYR B 273 17.80 27.14 -25.19
N ILE B 274 17.63 27.19 -26.52
CA ILE B 274 17.26 26.03 -27.32
C ILE B 274 18.21 25.93 -28.49
N GLN B 275 18.28 24.75 -29.04
CA GLN B 275 18.92 24.40 -30.29
C GLN B 275 17.79 23.84 -31.12
N THR B 276 17.81 24.13 -32.39
CA THR B 276 16.79 23.69 -33.30
C THR B 276 17.31 23.10 -34.57
N MET B 277 16.60 22.13 -35.06
CA MET B 277 16.94 21.49 -36.29
C MET B 277 15.72 20.95 -36.96
N THR B 278 15.72 21.03 -38.27
CA THR B 278 14.70 20.47 -39.12
C THR B 278 14.98 19.03 -39.40
N GLN B 279 13.98 18.37 -39.96
CA GLN B 279 14.09 16.94 -40.34
C GLN B 279 15.12 16.79 -41.47
N GLU B 280 15.17 17.74 -42.38
CA GLU B 280 16.15 17.70 -43.50
C GLU B 280 17.57 17.83 -42.95
N GLN B 281 17.78 18.72 -41.98
CA GLN B 281 19.11 18.86 -41.35
C GLN B 281 19.43 17.59 -40.59
N ALA B 282 18.46 17.04 -39.86
CA ALA B 282 18.69 15.83 -39.08
C ALA B 282 19.16 14.68 -39.98
N ALA B 283 18.59 14.57 -41.18
CA ALA B 283 18.94 13.48 -42.09
C ALA B 283 20.37 13.58 -42.61
N LYS B 284 21.03 14.72 -42.46
CA LYS B 284 22.39 14.88 -42.93
C LYS B 284 23.43 14.69 -41.84
N GLN B 285 23.01 14.53 -40.58
CA GLN B 285 23.97 14.51 -39.50
C GLN B 285 24.58 13.11 -39.33
N PRO B 286 25.83 13.04 -38.85
CA PRO B 286 26.47 11.73 -38.65
C PRO B 286 25.86 10.96 -37.50
N PHE B 287 25.05 11.60 -36.68
CA PHE B 287 24.42 11.05 -35.50
C PHE B 287 22.91 11.15 -35.63
N SER B 288 22.20 10.37 -34.83
CA SER B 288 20.76 10.40 -34.81
C SER B 288 20.26 11.40 -33.78
N VAL B 289 19.23 12.18 -34.15
CA VAL B 289 18.62 13.05 -33.14
C VAL B 289 17.97 12.23 -32.03
N PHE B 290 17.79 10.92 -32.22
CA PHE B 290 17.20 10.04 -31.22
C PHE B 290 18.24 9.37 -30.32
N ASP B 291 19.52 9.73 -30.47
CA ASP B 291 20.62 9.12 -29.73
C ASP B 291 20.99 10.00 -28.53
N LEU B 292 20.54 9.55 -27.35
CA LEU B 292 20.84 10.22 -26.10
C LEU B 292 22.33 10.25 -25.77
N THR B 293 23.15 9.42 -26.40
CA THR B 293 24.60 9.51 -26.18
C THR B 293 25.26 10.55 -27.06
N LYS B 294 24.50 11.46 -27.67
CA LYS B 294 25.03 12.44 -28.60
C LYS B 294 24.60 13.82 -28.19
N VAL B 295 25.45 14.80 -28.44
CA VAL B 295 25.08 16.20 -28.39
C VAL B 295 24.90 16.69 -29.81
N TRP B 296 24.39 17.92 -29.94
CA TRP B 296 24.41 18.61 -31.21
C TRP B 296 25.53 19.63 -31.17
N PRO B 297 26.54 19.54 -32.03
CA PRO B 297 27.64 20.49 -31.97
C PRO B 297 27.18 21.93 -32.07
N HIS B 298 27.74 22.77 -31.20
CA HIS B 298 27.33 24.15 -31.08
C HIS B 298 27.55 24.94 -32.37
N LYS B 299 28.71 24.77 -33.02
CA LYS B 299 28.94 25.57 -34.22
C LYS B 299 27.89 25.28 -35.27
N ASP B 300 27.38 24.05 -35.27
CA ASP B 300 26.41 23.63 -36.26
C ASP B 300 24.97 23.96 -35.86
N PHE B 301 24.66 23.94 -34.56
CA PHE B 301 23.32 24.23 -34.04
C PHE B 301 23.45 25.20 -32.87
N PRO B 302 23.47 26.49 -33.17
CA PRO B 302 23.81 27.46 -32.14
C PRO B 302 22.66 27.68 -31.17
N LEU B 303 23.01 28.11 -29.97
CA LEU B 303 22.05 28.32 -28.91
C LEU B 303 21.27 29.60 -29.14
N ARG B 304 19.98 29.55 -28.83
CA ARG B 304 19.10 30.68 -29.01
C ARG B 304 18.38 30.92 -27.69
N ARG B 305 18.55 32.11 -27.14
CA ARG B 305 17.97 32.45 -25.85
C ARG B 305 16.46 32.59 -25.92
N PHE B 306 15.75 32.13 -24.87
CA PHE B 306 14.32 32.43 -24.79
C PHE B 306 13.85 32.86 -23.42
N GLY B 307 14.56 32.63 -22.34
CA GLY B 307 14.03 32.99 -21.04
C GLY B 307 15.03 32.79 -19.93
N LYS B 308 14.55 32.93 -18.70
CA LYS B 308 15.40 32.79 -17.53
C LYS B 308 14.52 32.37 -16.36
N PHE B 309 15.13 31.73 -15.37
CA PHE B 309 14.41 31.52 -14.14
C PHE B 309 15.30 31.70 -12.94
N THR B 310 14.63 31.97 -11.82
CA THR B 310 15.25 32.25 -10.54
C THR B 310 14.53 31.43 -9.46
N LEU B 311 15.31 30.81 -8.58
CA LEU B 311 14.79 30.08 -7.43
C LEU B 311 14.90 31.01 -6.23
N ASN B 312 13.77 31.42 -5.69
CA ASN B 312 13.77 32.50 -4.73
C ASN B 312 12.89 32.22 -3.53
N GLU B 313 12.55 30.96 -3.26
CA GLU B 313 11.64 30.67 -2.16
C GLU B 313 11.92 29.26 -1.67
N ASN B 314 12.37 29.15 -0.44
CA ASN B 314 12.60 27.83 0.11
C ASN B 314 11.28 27.13 0.47
N PRO B 315 11.26 25.80 0.45
CA PRO B 315 10.13 25.05 0.99
C PRO B 315 9.89 25.38 2.44
N LYS B 316 8.61 25.37 2.82
CA LYS B 316 8.19 25.44 4.22
C LYS B 316 8.35 24.10 4.93
N ASN B 317 8.01 23.02 4.24
CA ASN B 317 8.13 21.68 4.78
C ASN B 317 8.77 20.79 3.73
N TYR B 318 9.94 20.23 4.05
CA TYR B 318 10.69 19.48 3.06
C TYR B 318 9.92 18.26 2.60
N PHE B 319 9.31 17.52 3.52
CA PHE B 319 8.66 16.26 3.14
C PHE B 319 7.43 16.53 2.28
N ALA B 320 6.60 17.48 2.69
CA ALA B 320 5.35 17.69 1.99
C ALA B 320 5.57 18.28 0.59
N GLU B 321 6.65 19.04 0.38
CA GLU B 321 6.86 19.77 -0.88
C GLU B 321 8.00 19.22 -1.73
N VAL B 322 9.07 18.72 -1.14
CA VAL B 322 10.16 18.14 -1.89
C VAL B 322 10.05 16.64 -1.96
N GLU B 323 9.92 15.97 -0.82
CA GLU B 323 9.95 14.50 -0.92
C GLU B 323 8.75 13.97 -1.69
N GLN B 324 7.61 14.65 -1.61
CA GLN B 324 6.40 14.24 -2.34
C GLN B 324 6.29 14.81 -3.74
N ALA B 325 7.22 15.66 -4.17
CA ALA B 325 7.15 16.19 -5.53
C ALA B 325 7.30 15.04 -6.53
N ALA B 326 6.53 15.12 -7.61
CA ALA B 326 6.51 14.11 -8.65
C ALA B 326 6.69 14.79 -9.99
N PHE B 327 7.61 14.29 -10.82
CA PHE B 327 7.85 14.87 -12.13
C PHE B 327 7.80 13.79 -13.20
N SER B 328 7.30 14.13 -14.38
CA SER B 328 7.30 13.15 -15.45
C SER B 328 7.55 13.81 -16.79
N PRO B 329 8.48 13.29 -17.59
CA PRO B 329 8.57 13.78 -18.97
C PRO B 329 7.25 13.80 -19.69
N SER B 330 6.32 12.91 -19.37
CA SER B 330 5.04 12.83 -20.08
C SER B 330 4.01 13.81 -19.55
N HIS B 331 4.36 14.63 -18.58
CA HIS B 331 3.53 15.76 -18.15
C HIS B 331 3.93 16.97 -18.99
N THR B 332 3.16 17.26 -20.02
CA THR B 332 3.55 18.26 -20.99
C THR B 332 2.33 19.05 -21.41
N ILE B 333 2.54 19.96 -22.35
CA ILE B 333 1.51 20.81 -22.92
C ILE B 333 1.43 20.48 -24.40
N PRO B 334 0.34 20.84 -25.07
CA PRO B 334 0.11 20.31 -26.43
C PRO B 334 1.16 20.69 -27.46
N SER B 335 1.81 21.83 -27.33
CA SER B 335 2.82 22.22 -28.31
C SER B 335 4.20 21.62 -28.07
N MET B 336 4.37 20.74 -27.09
CA MET B 336 5.69 20.18 -26.80
C MET B 336 5.54 18.68 -26.66
N GLN B 337 6.17 17.95 -27.57
CA GLN B 337 5.95 16.54 -27.70
C GLN B 337 7.27 15.81 -27.66
N PRO B 338 7.26 14.57 -27.22
CA PRO B 338 8.49 13.78 -27.22
C PRO B 338 8.86 13.31 -28.61
N SER B 339 10.16 13.20 -28.82
CA SER B 339 10.69 12.51 -29.99
C SER B 339 10.74 11.00 -29.73
N ALA B 340 11.19 10.25 -30.74
CA ALA B 340 11.23 8.81 -30.67
C ALA B 340 12.52 8.28 -30.06
N ASP B 341 13.26 9.14 -29.38
CA ASP B 341 14.38 8.71 -28.56
C ASP B 341 13.87 7.54 -27.71
N PRO B 342 14.38 6.32 -27.89
CA PRO B 342 13.80 5.18 -27.16
C PRO B 342 13.89 5.29 -25.66
N VAL B 343 14.89 6.00 -25.15
CA VAL B 343 15.01 6.16 -23.71
C VAL B 343 13.92 7.09 -23.19
N LEU B 344 13.74 8.26 -23.81
CA LEU B 344 12.63 9.16 -23.47
C LEU B 344 11.28 8.46 -23.55
N GLN B 345 11.06 7.69 -24.61
CA GLN B 345 9.80 6.98 -24.81
C GLN B 345 9.48 6.08 -23.61
N SER B 346 10.46 5.39 -23.06
CA SER B 346 10.17 4.55 -21.92
C SER B 346 10.04 5.39 -20.63
N ARG B 347 10.64 6.57 -20.58
CA ARG B 347 10.40 7.44 -19.42
C ARG B 347 8.98 7.97 -19.39
N LEU B 348 8.32 8.12 -20.54
CA LEU B 348 6.91 8.51 -20.54
C LEU B 348 6.05 7.56 -19.72
N PHE B 349 6.39 6.27 -19.72
CA PHE B 349 5.66 5.30 -18.93
C PHE B 349 6.19 5.21 -17.51
N SER B 350 7.51 5.15 -17.37
CA SER B 350 8.09 4.71 -16.10
C SER B 350 7.82 5.68 -14.94
N TYR B 351 7.77 7.02 -15.18
CA TYR B 351 7.61 7.94 -14.04
C TYR B 351 6.21 7.94 -13.44
N PRO B 352 5.12 8.12 -14.21
CA PRO B 352 3.79 7.98 -13.61
C PRO B 352 3.57 6.63 -12.96
N ASP B 353 4.03 5.57 -13.62
CA ASP B 353 4.07 4.25 -13.01
C ASP B 353 4.71 4.28 -11.61
N THR B 354 5.94 4.77 -11.49
CA THR B 354 6.59 4.76 -10.17
C THR B 354 5.92 5.73 -9.20
N HIS B 355 5.38 6.84 -9.70
CA HIS B 355 4.65 7.78 -8.85
C HIS B 355 3.49 7.08 -8.16
N ARG B 356 2.75 6.26 -8.90
CA ARG B 356 1.60 5.63 -8.31
C ARG B 356 2.02 4.72 -7.17
N HIS B 357 3.17 4.08 -7.32
CA HIS B 357 3.64 3.17 -6.31
C HIS B 357 4.18 3.92 -5.09
N ARG B 358 4.90 5.02 -5.28
CA ARG B 358 5.58 5.69 -4.20
C ARG B 358 4.64 6.63 -3.43
N LEU B 359 3.76 7.32 -4.15
CA LEU B 359 2.90 8.34 -3.57
C LEU B 359 1.42 7.97 -3.53
N GLY B 360 0.97 7.04 -4.36
CA GLY B 360 -0.46 6.77 -4.49
C GLY B 360 -1.05 7.33 -5.80
N VAL B 361 -2.21 6.79 -6.16
CA VAL B 361 -2.73 7.05 -7.50
C VAL B 361 -3.13 8.51 -7.67
N ASN B 362 -3.51 9.17 -6.59
CA ASN B 362 -3.97 10.55 -6.64
C ASN B 362 -2.89 11.54 -6.19
N TYR B 363 -1.63 11.22 -6.49
CA TYR B 363 -0.54 12.08 -6.06
C TYR B 363 -0.59 13.46 -6.71
N GLN B 364 -1.32 13.64 -7.81
CA GLN B 364 -1.41 14.99 -8.34
C GLN B 364 -2.37 15.86 -7.56
N GLN B 365 -2.99 15.34 -6.50
CA GLN B 365 -3.72 16.16 -5.55
C GLN B 365 -2.87 16.61 -4.37
N ILE B 366 -1.65 16.12 -4.25
CA ILE B 366 -0.72 16.72 -3.29
C ILE B 366 -0.41 18.14 -3.73
N PRO B 367 -0.45 19.14 -2.84
CA PRO B 367 -0.30 20.54 -3.28
C PRO B 367 0.80 20.84 -4.27
N VAL B 368 2.06 20.49 -3.99
CA VAL B 368 3.16 20.78 -4.92
C VAL B 368 2.93 20.18 -6.33
N ASN B 369 2.15 19.12 -6.43
CA ASN B 369 1.94 18.47 -7.72
C ASN B 369 0.66 18.96 -8.39
N CYS B 370 -0.13 19.78 -7.70
CA CYS B 370 -1.42 20.24 -8.25
C CYS B 370 -1.23 21.17 -9.43
N PRO B 371 -1.93 20.98 -10.53
CA PRO B 371 -1.92 21.97 -11.60
C PRO B 371 -2.61 23.25 -11.15
N VAL B 372 -2.18 24.39 -11.72
CA VAL B 372 -2.93 25.63 -11.55
C VAL B 372 -4.00 25.79 -12.62
N ALA B 373 -3.81 25.18 -13.80
CA ALA B 373 -4.88 25.11 -14.79
C ALA B 373 -6.05 24.28 -14.25
N PRO B 374 -7.28 24.56 -14.68
CA PRO B 374 -8.41 23.72 -14.27
C PRO B 374 -8.27 22.30 -14.81
N VAL B 375 -8.39 21.33 -13.92
CA VAL B 375 -8.32 19.92 -14.31
C VAL B 375 -9.73 19.36 -14.43
N PHE B 376 -10.02 18.69 -15.55
CA PHE B 376 -11.36 18.13 -15.77
C PHE B 376 -11.23 16.75 -16.43
N THR B 377 -11.29 15.72 -15.59
CA THR B 377 -11.14 14.32 -15.98
C THR B 377 -12.33 13.55 -15.42
N PRO B 378 -13.51 13.71 -16.01
CA PRO B 378 -14.70 13.05 -15.47
C PRO B 378 -14.61 11.54 -15.41
N GLN B 379 -13.85 10.91 -16.31
CA GLN B 379 -13.73 9.45 -16.33
C GLN B 379 -12.62 8.91 -15.41
N MET B 380 -11.88 9.76 -14.71
CA MET B 380 -10.85 9.30 -13.77
C MET B 380 -11.32 9.71 -12.38
N ARG B 381 -11.71 8.72 -11.57
CA ARG B 381 -12.39 8.97 -10.32
C ARG B 381 -11.94 7.94 -9.29
N ASP B 382 -12.17 8.29 -8.02
CA ASP B 382 -11.93 7.43 -6.87
C ASP B 382 -10.43 7.17 -6.68
N GLY B 383 -10.10 6.07 -6.05
CA GLY B 383 -8.73 5.78 -5.67
C GLY B 383 -8.42 6.26 -4.26
N SER B 384 -7.38 5.65 -3.69
CA SER B 384 -6.95 6.02 -2.34
C SER B 384 -6.73 7.52 -2.19
N MET B 385 -7.12 8.04 -1.04
CA MET B 385 -6.88 9.43 -0.62
C MET B 385 -7.37 10.43 -1.67
N THR B 386 -8.62 10.24 -2.13
CA THR B 386 -9.29 11.27 -2.94
C THR B 386 -9.65 12.43 -2.01
N VAL B 387 -9.00 13.59 -2.17
CA VAL B 387 -9.16 14.73 -1.28
C VAL B 387 -9.69 15.99 -1.97
N ASN B 388 -9.94 15.95 -3.27
CA ASN B 388 -10.36 17.16 -3.97
C ASN B 388 -11.84 17.18 -4.28
N GLY B 389 -12.62 16.31 -3.66
CA GLY B 389 -14.03 16.25 -3.91
C GLY B 389 -14.45 15.27 -4.99
N ASN B 390 -13.51 14.75 -5.76
CA ASN B 390 -13.83 13.71 -6.73
C ASN B 390 -14.89 14.18 -7.73
N LEU B 391 -14.88 15.48 -8.05
CA LEU B 391 -15.77 16.10 -9.04
C LEU B 391 -17.24 16.02 -8.65
N GLY B 392 -17.56 15.73 -7.39
CA GLY B 392 -18.94 15.77 -6.94
C GLY B 392 -19.78 14.81 -7.73
N SER B 393 -20.94 15.29 -8.19
CA SER B 393 -21.90 14.47 -8.91
C SER B 393 -21.65 14.43 -10.40
N THR B 394 -20.58 15.04 -10.87
CA THR B 394 -20.33 15.06 -12.29
C THR B 394 -20.38 13.64 -12.86
N PRO B 395 -21.06 13.41 -13.96
CA PRO B 395 -21.07 12.07 -14.56
C PRO B 395 -19.65 11.60 -14.81
N ASN B 396 -19.44 10.30 -14.74
CA ASN B 396 -18.09 9.76 -14.82
C ASN B 396 -17.82 9.10 -16.18
N TYR B 397 -18.45 9.62 -17.23
CA TYR B 397 -18.21 9.22 -18.61
C TYR B 397 -18.52 10.40 -19.52
N LYS B 398 -18.18 10.27 -20.80
CA LYS B 398 -18.57 11.26 -21.80
C LYS B 398 -20.08 11.18 -22.05
N SER B 399 -20.84 12.06 -21.44
CA SER B 399 -22.29 11.93 -21.43
C SER B 399 -23.00 13.12 -22.08
N SER B 400 -24.28 12.88 -22.40
CA SER B 400 -25.19 13.92 -22.91
C SER B 400 -25.60 14.91 -21.83
N PHE B 401 -25.74 14.44 -20.59
CA PHE B 401 -26.21 15.24 -19.45
C PHE B 401 -25.20 16.28 -18.95
N CYS B 402 -24.04 16.42 -19.58
CA CYS B 402 -22.99 17.29 -19.05
C CYS B 402 -22.16 17.81 -20.22
N PRO B 403 -22.29 19.08 -20.60
CA PRO B 403 -21.53 19.59 -21.73
C PRO B 403 -20.10 19.93 -21.35
N PHE B 404 -19.22 19.86 -22.35
CA PHE B 404 -17.81 20.10 -22.15
C PHE B 404 -17.22 20.58 -23.46
N SER B 405 -16.02 21.14 -23.39
CA SER B 405 -15.25 21.49 -24.58
C SER B 405 -14.01 20.61 -24.72
N THR B 406 -13.58 20.48 -25.97
CA THR B 406 -12.25 20.04 -26.33
C THR B 406 -11.57 21.15 -27.12
N GLU B 407 -10.24 21.05 -27.25
CA GLU B 407 -9.46 21.86 -28.18
C GLU B 407 -9.56 21.30 -29.60
N ALA B 408 -9.10 22.07 -30.56
CA ALA B 408 -8.92 21.56 -31.90
C ALA B 408 -7.52 20.98 -32.03
N GLN B 409 -7.42 19.81 -32.64
CA GLN B 409 -6.14 19.12 -32.78
C GLN B 409 -5.14 20.01 -33.52
N ILE B 410 -3.91 20.05 -33.02
CA ILE B 410 -2.79 20.64 -33.76
C ILE B 410 -2.55 19.75 -34.98
N GLN B 411 -3.08 20.15 -36.14
CA GLN B 411 -2.90 19.36 -37.36
C GLN B 411 -1.48 19.54 -37.87
N THR B 412 -0.75 18.44 -38.02
CA THR B 412 0.64 18.54 -38.49
C THR B 412 0.63 19.12 -39.91
N ASN B 413 1.52 20.11 -40.11
CA ASN B 413 1.57 20.90 -41.32
C ASN B 413 2.24 20.10 -42.43
N SER B 414 1.66 20.15 -43.62
CA SER B 414 2.24 19.47 -44.79
C SER B 414 3.65 19.96 -45.11
N HIS B 415 4.04 21.13 -44.60
CA HIS B 415 5.38 21.70 -44.80
C HIS B 415 6.43 21.01 -43.91
N THR B 416 6.03 20.53 -42.73
CA THR B 416 6.86 19.65 -41.90
C THR B 416 6.04 18.38 -41.62
N PRO B 417 6.03 17.42 -42.54
CA PRO B 417 5.34 16.15 -42.25
C PRO B 417 5.92 15.46 -41.04
N GLU B 418 5.08 14.62 -40.39
CA GLU B 418 5.59 13.68 -39.41
C GLU B 418 6.55 12.70 -40.08
N GLU B 419 7.41 12.10 -39.25
CA GLU B 419 8.37 11.12 -39.76
C GLU B 419 7.63 9.96 -40.40
N VAL B 420 8.18 9.46 -41.50
CA VAL B 420 7.61 8.35 -42.24
C VAL B 420 8.08 7.02 -41.64
N LEU B 421 7.14 6.06 -41.57
CA LEU B 421 7.41 4.73 -41.03
C LEU B 421 8.14 3.86 -42.04
N ALA B 422 8.96 2.94 -41.55
CA ALA B 422 9.46 1.84 -42.36
C ALA B 422 8.36 0.77 -42.55
N ALA B 423 8.71 -0.33 -43.20
CA ALA B 423 7.72 -1.33 -43.60
C ALA B 423 7.16 -2.10 -42.43
N HIS B 424 7.96 -2.34 -41.38
CA HIS B 424 7.53 -3.25 -40.33
C HIS B 424 7.99 -2.77 -38.97
N THR B 425 7.24 -3.19 -37.96
CA THR B 425 7.76 -3.11 -36.60
C THR B 425 8.90 -4.10 -36.45
N GLU B 426 9.86 -3.76 -35.60
CA GLU B 426 10.91 -4.72 -35.33
C GLU B 426 11.47 -4.52 -33.93
N LYS B 427 12.27 -5.50 -33.51
CA LYS B 427 13.03 -5.42 -32.29
C LYS B 427 14.47 -5.00 -32.60
N PHE B 428 15.02 -4.16 -31.75
CA PHE B 428 16.32 -3.58 -32.02
C PHE B 428 17.05 -3.35 -30.72
N HIS B 429 18.31 -3.78 -30.68
CA HIS B 429 19.26 -3.43 -29.63
C HIS B 429 20.32 -2.52 -30.21
N TRP B 430 20.42 -1.31 -29.69
CA TRP B 430 21.28 -0.24 -30.21
C TRP B 430 22.60 -0.12 -29.45
N GLY B 431 23.22 -1.20 -29.00
CA GLY B 431 24.38 -1.08 -28.13
C GLY B 431 25.23 -2.34 -28.10
N GLY B 432 26.16 -2.37 -27.15
CA GLY B 432 27.06 -3.50 -27.02
C GLY B 432 28.50 -3.12 -27.30
N ILE B 433 29.25 -4.03 -27.92
CA ILE B 433 30.65 -3.75 -28.27
C ILE B 433 30.70 -2.99 -29.61
N LEU B 434 31.45 -1.89 -29.63
CA LEU B 434 31.47 -0.96 -30.75
C LEU B 434 32.87 -0.80 -31.32
N ASP B 435 32.92 -0.33 -32.56
CA ASP B 435 34.17 -0.14 -33.29
C ASP B 435 34.81 1.19 -32.91
N SER B 436 36.08 1.14 -32.50
CA SER B 436 36.83 2.35 -32.21
C SER B 436 36.69 3.40 -33.32
N LYS B 437 36.65 2.96 -34.58
CA LYS B 437 36.69 3.89 -35.70
C LYS B 437 35.37 4.61 -35.93
N SER B 438 34.27 4.12 -35.36
CA SER B 438 32.94 4.60 -35.71
C SER B 438 32.63 5.94 -35.07
N TYR B 439 31.56 6.57 -35.55
CA TYR B 439 31.19 7.88 -35.04
C TYR B 439 30.78 7.80 -33.58
N ASP B 440 30.41 6.61 -33.07
CA ASP B 440 30.07 6.52 -31.65
C ASP B 440 31.24 6.86 -30.73
N PHE B 441 32.49 6.84 -31.23
CA PHE B 441 33.61 7.29 -30.42
C PHE B 441 34.10 8.69 -30.79
N GLU B 442 33.45 9.36 -31.77
CA GLU B 442 33.93 10.66 -32.22
C GLU B 442 33.62 11.76 -31.22
N GLN B 443 32.43 11.75 -30.62
CA GLN B 443 32.10 12.86 -29.73
C GLN B 443 32.87 12.70 -28.41
N PRO B 444 33.12 11.46 -27.96
CA PRO B 444 34.10 11.27 -26.86
C PRO B 444 35.47 11.84 -27.17
N ARG B 445 35.99 11.59 -28.38
CA ARG B 445 37.28 12.17 -28.74
C ARG B 445 37.23 13.68 -28.66
N ALA B 446 36.12 14.28 -29.09
CA ALA B 446 35.98 15.72 -29.03
C ALA B 446 35.92 16.22 -27.60
N LEU B 447 35.38 15.41 -26.68
CA LEU B 447 35.33 15.81 -25.29
C LEU B 447 36.74 15.80 -24.69
N TRP B 448 37.54 14.79 -25.03
CA TRP B 448 38.95 14.84 -24.70
C TRP B 448 39.58 16.15 -25.17
N LYS B 449 39.37 16.50 -26.44
CA LYS B 449 39.90 17.77 -26.94
C LYS B 449 39.37 18.95 -26.10
N VAL B 450 38.10 18.89 -25.69
CA VAL B 450 37.56 19.98 -24.88
C VAL B 450 38.24 20.04 -23.52
N PHE B 451 38.44 18.88 -22.87
CA PHE B 451 39.20 18.88 -21.63
C PHE B 451 40.52 19.61 -21.84
N GLY B 452 41.18 19.33 -22.97
CA GLY B 452 42.52 19.84 -23.22
C GLY B 452 42.59 21.35 -23.25
N LYS B 453 41.48 22.03 -23.57
CA LYS B 453 41.43 23.49 -23.63
C LYS B 453 41.50 24.17 -22.28
N THR B 454 41.35 23.40 -21.19
CA THR B 454 41.50 23.97 -19.85
C THR B 454 42.59 23.22 -19.11
N PRO B 455 43.65 23.89 -18.64
CA PRO B 455 44.72 23.19 -17.91
C PRO B 455 44.20 22.40 -16.71
N GLY B 456 44.64 21.15 -16.62
CA GLY B 456 44.28 20.28 -15.53
C GLY B 456 43.12 19.34 -15.79
N GLN B 457 42.23 19.64 -16.73
CA GLN B 457 41.02 18.83 -16.86
C GLN B 457 41.34 17.43 -17.37
N GLN B 458 42.27 17.31 -18.31
CA GLN B 458 42.65 15.97 -18.82
C GLN B 458 43.31 15.15 -17.70
N ARG B 459 44.20 15.80 -16.95
CA ARG B 459 44.95 15.17 -15.83
C ARG B 459 43.94 14.68 -14.79
N ASN B 460 43.04 15.57 -14.38
CA ASN B 460 41.99 15.26 -13.38
C ASN B 460 41.09 14.13 -13.88
N PHE B 461 40.70 14.14 -15.15
CA PHE B 461 39.83 13.09 -15.65
C PHE B 461 40.46 11.72 -15.46
N CYS B 462 41.73 11.59 -15.87
CA CYS B 462 42.41 10.31 -15.72
C CYS B 462 42.58 9.95 -14.27
N HIS B 463 42.94 10.92 -13.43
CA HIS B 463 42.99 10.67 -12.00
C HIS B 463 41.65 10.20 -11.47
N ASN B 464 40.56 10.90 -11.83
CA ASN B 464 39.24 10.55 -11.30
C ASN B 464 38.83 9.13 -11.70
N VAL B 465 39.09 8.72 -12.94
CA VAL B 465 38.84 7.32 -13.29
C VAL B 465 39.73 6.40 -12.47
N ALA B 466 41.00 6.73 -12.36
CA ALA B 466 41.98 5.79 -11.84
C ALA B 466 41.65 5.39 -10.41
N VAL B 467 41.31 6.35 -9.55
CA VAL B 467 41.07 6.02 -8.15
C VAL B 467 39.86 5.10 -8.05
N HIS B 468 38.90 5.23 -8.96
CA HIS B 468 37.69 4.41 -8.92
C HIS B 468 37.95 3.00 -9.43
N VAL B 469 38.63 2.86 -10.56
CA VAL B 469 38.82 1.55 -11.18
C VAL B 469 39.92 0.73 -10.52
N ALA B 470 40.75 1.36 -9.69
CA ALA B 470 41.73 0.58 -8.94
C ALA B 470 41.08 -0.38 -7.95
N ALA B 471 39.82 -0.13 -7.57
CA ALA B 471 39.18 -1.09 -6.68
C ALA B 471 38.65 -2.31 -7.41
N ALA B 472 38.68 -2.32 -8.73
CA ALA B 472 38.22 -3.48 -9.46
C ALA B 472 39.36 -4.46 -9.62
N ASN B 473 39.05 -5.70 -9.95
CA ASN B 473 40.10 -6.69 -10.08
C ASN B 473 40.89 -6.44 -11.39
N HIS B 474 41.95 -7.21 -11.59
CA HIS B 474 42.90 -6.82 -12.63
C HIS B 474 42.36 -7.10 -14.01
N GLU B 475 41.53 -8.14 -14.15
CA GLU B 475 40.97 -8.46 -15.45
C GLU B 475 39.98 -7.37 -15.90
N ILE B 476 39.15 -6.87 -14.99
CA ILE B 476 38.25 -5.77 -15.31
C ILE B 476 39.06 -4.51 -15.65
N GLN B 477 40.05 -4.18 -14.84
CA GLN B 477 40.89 -3.03 -15.09
C GLN B 477 41.43 -3.06 -16.50
N ASP B 478 41.86 -4.25 -16.94
CA ASP B 478 42.37 -4.41 -18.28
C ASP B 478 41.31 -3.99 -19.30
N ARG B 479 40.09 -4.57 -19.19
CA ARG B 479 39.00 -4.19 -20.09
C ARG B 479 38.75 -2.69 -20.07
N VAL B 480 38.94 -2.03 -18.94
CA VAL B 480 38.69 -0.59 -18.85
C VAL B 480 39.71 0.21 -19.63
N PHE B 481 41.00 -0.12 -19.46
CA PHE B 481 42.03 0.59 -20.22
C PHE B 481 41.77 0.45 -21.71
N GLU B 482 41.40 -0.75 -22.11
CA GLU B 482 41.10 -1.12 -23.50
C GLU B 482 39.88 -0.32 -23.99
N TYR B 483 38.91 -0.09 -23.09
CA TYR B 483 37.67 0.66 -23.38
C TYR B 483 37.99 2.14 -23.61
N PHE B 484 38.76 2.75 -22.72
CA PHE B 484 39.12 4.18 -22.88
C PHE B 484 40.05 4.37 -24.07
N SER B 485 40.80 3.33 -24.42
CA SER B 485 41.72 3.44 -25.55
C SER B 485 40.99 3.46 -26.89
N LYS B 486 39.75 3.00 -26.94
CA LYS B 486 38.94 3.15 -28.13
C LYS B 486 38.66 4.62 -28.45
N VAL B 487 38.79 5.50 -27.47
CA VAL B 487 38.65 6.92 -27.70
C VAL B 487 39.95 7.41 -28.32
N TYR B 488 40.99 7.46 -27.49
CA TYR B 488 42.39 7.77 -27.85
C TYR B 488 43.23 6.84 -27.01
N PRO B 489 44.21 6.12 -27.58
CA PRO B 489 45.06 5.24 -26.81
C PRO B 489 45.85 5.91 -25.68
N GLU B 490 46.21 7.19 -25.83
CA GLU B 490 46.82 7.97 -24.74
C GLU B 490 45.95 7.88 -23.48
N ILE B 491 44.64 7.92 -23.61
CA ILE B 491 43.81 7.92 -22.45
C ILE B 491 43.87 6.65 -21.64
N GLY B 492 43.76 5.53 -22.31
CA GLY B 492 43.81 4.25 -21.63
C GLY B 492 45.14 4.01 -20.96
N ASP B 493 46.23 4.39 -21.63
CA ASP B 493 47.57 4.15 -21.12
C ASP B 493 47.86 5.07 -19.94
N GLN B 494 47.52 6.34 -20.07
CA GLN B 494 47.67 7.27 -18.95
C GLN B 494 46.94 6.74 -17.72
N ILE B 495 45.77 6.12 -17.90
CA ILE B 495 45.03 5.58 -16.77
C ILE B 495 45.67 4.30 -16.27
N ARG B 496 46.08 3.42 -17.18
CA ARG B 496 46.77 2.19 -16.76
C ARG B 496 47.96 2.49 -15.86
N LYS B 497 48.73 3.52 -16.18
CA LYS B 497 49.92 3.85 -15.40
C LYS B 497 49.53 4.22 -13.98
N GLU B 498 48.57 5.12 -13.81
CA GLU B 498 48.23 5.55 -12.47
C GLU B 498 47.54 4.43 -11.69
N VAL B 499 46.80 3.57 -12.38
CA VAL B 499 46.11 2.48 -11.69
C VAL B 499 47.14 1.47 -11.20
N LEU B 500 48.25 1.32 -11.92
CA LEU B 500 49.26 0.36 -11.51
C LEU B 500 49.95 0.81 -10.22
N GLN B 501 50.17 2.13 -10.06
CA GLN B 501 50.70 2.62 -8.80
C GLN B 501 49.75 2.33 -7.65
N LEU B 502 48.44 2.54 -7.88
CA LEU B 502 47.45 2.34 -6.82
C LEU B 502 47.11 0.89 -6.61
N SER B 503 47.28 0.05 -7.62
CA SER B 503 46.87 -1.36 -7.58
C SER B 503 48.00 -2.22 -8.14
N PRO B 504 49.08 -2.41 -7.39
CA PRO B 504 50.26 -3.07 -7.93
C PRO B 504 49.97 -4.50 -8.39
N ARG B 505 50.76 -4.94 -9.38
CA ARG B 505 50.70 -6.30 -9.92
C ARG B 505 52.07 -6.98 -9.85
N GLY B 506 52.05 -8.29 -9.63
CA GLY B 506 53.28 -9.07 -9.59
C GLY B 506 54.38 -8.46 -8.74
N GLN C 5 23.93 -27.13 -17.20
CA GLN C 5 23.49 -26.20 -18.23
C GLN C 5 23.13 -24.84 -17.62
N PRO C 6 23.37 -23.76 -18.36
CA PRO C 6 23.05 -22.43 -17.85
C PRO C 6 21.56 -22.17 -17.97
N PRO C 7 20.98 -21.40 -17.05
CA PRO C 7 19.53 -21.19 -17.08
C PRO C 7 19.08 -20.29 -18.25
N LYS C 8 17.82 -20.47 -18.62
CA LYS C 8 17.23 -19.60 -19.64
C LYS C 8 16.78 -18.31 -19.01
N TRP C 9 17.12 -17.21 -19.67
CA TRP C 9 16.60 -15.90 -19.29
C TRP C 9 15.13 -15.81 -19.69
N THR C 10 14.26 -15.32 -18.80
CA THR C 10 12.82 -15.38 -19.03
C THR C 10 12.17 -14.05 -18.72
N THR C 11 10.88 -14.01 -18.99
CA THR C 11 10.00 -13.00 -18.43
C THR C 11 9.48 -13.47 -17.07
N SER C 12 8.69 -12.63 -16.40
CA SER C 12 8.23 -12.95 -15.06
C SER C 12 7.23 -14.12 -15.02
N ASN C 13 6.58 -14.44 -16.15
CA ASN C 13 5.65 -15.55 -16.23
C ASN C 13 6.32 -16.82 -16.78
N GLY C 14 7.63 -16.80 -16.97
CA GLY C 14 8.38 -17.98 -17.35
C GLY C 14 8.66 -18.17 -18.82
N ALA C 15 8.32 -17.19 -19.67
CA ALA C 15 8.54 -17.35 -21.11
C ALA C 15 10.00 -17.07 -21.44
N PRO C 16 10.68 -17.93 -22.18
CA PRO C 16 12.09 -17.67 -22.49
C PRO C 16 12.24 -16.51 -23.46
N VAL C 17 13.16 -15.62 -23.17
CA VAL C 17 13.44 -14.51 -24.06
C VAL C 17 14.47 -14.95 -25.09
N SER C 18 14.48 -14.26 -26.23
CA SER C 18 15.51 -14.44 -27.24
C SER C 18 16.59 -13.35 -27.20
N ASP C 19 16.29 -12.17 -26.67
CA ASP C 19 17.25 -11.09 -26.55
C ASP C 19 16.95 -10.34 -25.27
N VAL C 20 18.01 -10.00 -24.52
CA VAL C 20 17.80 -9.38 -23.24
C VAL C 20 17.55 -7.88 -23.39
N PHE C 21 18.15 -7.27 -24.39
CA PHE C 21 18.14 -5.81 -24.50
C PHE C 21 17.30 -5.27 -25.65
N ALA C 22 16.94 -6.07 -26.64
CA ALA C 22 16.21 -5.51 -27.76
C ALA C 22 14.77 -5.20 -27.37
N THR C 23 14.23 -4.15 -27.97
CA THR C 23 12.89 -3.68 -27.66
C THR C 23 12.19 -3.33 -28.96
N GLU C 24 10.86 -3.43 -28.91
CA GLU C 24 10.00 -3.38 -30.08
C GLU C 24 9.62 -1.93 -30.41
N ARG C 25 9.72 -1.58 -31.68
CA ARG C 25 9.46 -0.21 -32.11
C ARG C 25 8.81 -0.18 -33.49
N ALA C 26 8.01 0.86 -33.73
CA ALA C 26 7.50 1.16 -35.07
C ALA C 26 8.56 1.99 -35.77
N THR C 27 9.48 1.30 -36.44
CA THR C 27 10.69 1.93 -36.95
C THR C 27 10.38 3.05 -37.94
N PHE C 28 11.13 4.13 -37.83
CA PHE C 28 11.09 5.18 -38.83
C PHE C 28 12.03 4.86 -39.99
N ASP C 29 11.60 5.21 -41.20
CA ASP C 29 12.39 5.00 -42.40
C ASP C 29 13.50 6.05 -42.40
N ASN C 30 14.75 5.59 -42.30
CA ASN C 30 15.91 6.51 -42.32
C ASN C 30 16.94 5.99 -43.31
N ALA C 31 16.49 5.24 -44.31
CA ALA C 31 17.38 4.61 -45.30
C ALA C 31 18.19 5.66 -46.08
N ASN C 32 17.66 6.85 -46.29
CA ASN C 32 18.36 7.90 -47.05
C ASN C 32 19.21 8.79 -46.12
N HIS C 33 19.23 8.51 -44.83
CA HIS C 33 20.04 9.35 -43.91
C HIS C 33 21.54 9.13 -44.09
N ALA C 34 22.34 10.10 -43.69
CA ALA C 34 23.81 9.98 -43.73
C ALA C 34 24.18 8.77 -42.88
N ASN C 35 23.57 8.63 -41.70
CA ASN C 35 23.74 7.46 -40.85
C ASN C 35 22.39 6.76 -40.74
N ASN C 36 22.26 5.64 -41.46
CA ASN C 36 21.00 4.91 -41.49
C ASN C 36 21.06 3.59 -40.73
N ALA C 37 22.12 3.34 -39.96
CA ALA C 37 22.18 2.14 -39.15
C ALA C 37 21.08 2.08 -38.10
N PRO C 38 20.69 3.16 -37.46
CA PRO C 38 19.66 3.05 -36.42
C PRO C 38 18.36 2.52 -36.99
N LYS C 39 17.69 1.70 -36.18
CA LYS C 39 16.30 1.30 -36.37
C LYS C 39 15.54 1.90 -35.20
N VAL C 40 14.97 3.08 -35.40
CA VAL C 40 14.37 3.83 -34.30
C VAL C 40 13.01 4.37 -34.72
N GLY C 41 12.08 4.30 -33.78
CA GLY C 41 10.73 4.77 -33.96
C GLY C 41 10.01 4.60 -32.64
N PRO C 42 8.78 5.09 -32.53
CA PRO C 42 8.11 5.07 -31.23
C PRO C 42 7.92 3.64 -30.71
N LEU C 43 8.07 3.51 -29.39
CA LEU C 43 7.99 2.23 -28.70
C LEU C 43 6.55 1.75 -28.63
N LEU C 44 6.39 0.43 -28.59
CA LEU C 44 5.08 -0.21 -28.66
C LEU C 44 4.62 -0.68 -27.29
N LEU C 45 3.36 -0.39 -26.98
CA LEU C 45 2.73 -0.86 -25.75
C LEU C 45 2.75 -2.38 -25.60
N GLN C 46 2.83 -3.12 -26.70
CA GLN C 46 2.81 -4.57 -26.63
C GLN C 46 4.17 -5.19 -26.28
N ASP C 47 5.19 -4.41 -25.96
CA ASP C 47 6.49 -4.98 -25.59
C ASP C 47 6.48 -5.40 -24.12
N PHE C 48 5.96 -6.62 -23.85
CA PHE C 48 5.78 -7.08 -22.47
C PHE C 48 7.11 -7.17 -21.74
N GLN C 49 8.13 -7.66 -22.42
CA GLN C 49 9.43 -7.85 -21.79
C GLN C 49 9.99 -6.54 -21.25
N LEU C 50 9.86 -5.47 -22.03
CA LEU C 50 10.31 -4.16 -21.58
C LEU C 50 9.49 -3.69 -20.39
N ILE C 51 8.17 -3.63 -20.56
CA ILE C 51 7.29 -3.03 -19.56
C ILE C 51 7.29 -3.84 -18.27
N ASP C 52 7.25 -5.16 -18.39
CA ASP C 52 7.39 -6.05 -17.24
C ASP C 52 8.67 -5.70 -16.45
N SER C 53 9.79 -5.53 -17.16
CA SER C 53 11.04 -5.23 -16.50
C SER C 53 11.01 -3.83 -15.87
N LEU C 54 10.52 -2.82 -16.58
CA LEU C 54 10.52 -1.47 -16.00
C LEU C 54 9.52 -1.36 -14.86
N ALA C 55 8.37 -2.03 -14.96
CA ALA C 55 7.37 -1.90 -13.91
C ALA C 55 7.87 -2.51 -12.59
N HIS C 56 8.61 -3.60 -12.67
CA HIS C 56 9.22 -4.15 -11.46
C HIS C 56 10.28 -3.20 -10.91
N PHE C 57 11.17 -2.75 -11.78
CA PHE C 57 12.15 -1.75 -11.37
C PHE C 57 11.49 -0.60 -10.64
N ASP C 58 10.36 -0.11 -11.17
CA ASP C 58 9.66 1.02 -10.59
C ASP C 58 9.14 0.73 -9.20
N ARG C 59 9.09 -0.54 -8.77
CA ARG C 59 8.53 -0.90 -7.46
C ARG C 59 9.54 -1.57 -6.54
N GLU C 60 10.84 -1.46 -6.86
CA GLU C 60 11.87 -2.13 -6.06
C GLU C 60 11.86 -1.69 -4.60
N ARG C 61 11.54 -0.43 -4.33
CA ARG C 61 11.74 0.12 -3.01
C ARG C 61 10.50 -0.03 -2.15
N ILE C 62 10.74 -0.45 -0.91
CA ILE C 62 9.75 -0.43 0.15
C ILE C 62 10.16 0.67 1.14
N PRO C 63 9.32 1.09 2.06
CA PRO C 63 9.76 2.11 3.02
C PRO C 63 10.86 1.58 3.90
N GLU C 64 11.87 2.40 4.15
CA GLU C 64 12.92 2.07 5.09
C GLU C 64 12.36 2.12 6.51
N ARG C 65 13.00 1.39 7.43
CA ARG C 65 12.62 1.46 8.83
C ARG C 65 12.65 2.90 9.28
N VAL C 66 11.68 3.27 10.11
CA VAL C 66 11.56 4.66 10.56
C VAL C 66 12.75 5.04 11.43
N VAL C 67 13.30 4.08 12.17
CA VAL C 67 14.60 4.19 12.81
C VAL C 67 15.37 2.92 12.51
N HIS C 68 16.69 3.00 12.73
CA HIS C 68 17.55 1.84 12.51
C HIS C 68 17.54 1.41 11.05
N ALA C 69 17.34 2.36 10.13
CA ALA C 69 17.24 2.03 8.70
C ALA C 69 18.52 1.41 8.13
N LYS C 70 19.67 1.77 8.66
CA LYS C 70 20.96 1.37 8.07
C LYS C 70 21.49 0.17 8.85
N GLY C 71 21.71 -0.95 8.16
CA GLY C 71 21.93 -2.21 8.85
C GLY C 71 22.73 -3.26 8.10
N ALA C 72 23.17 -4.26 8.87
CA ALA C 72 23.95 -5.39 8.36
C ALA C 72 23.54 -6.62 9.14
N GLY C 73 23.52 -7.77 8.46
CA GLY C 73 23.00 -8.96 9.08
C GLY C 73 23.82 -10.19 8.77
N ALA C 74 23.52 -11.26 9.53
CA ALA C 74 24.17 -12.55 9.40
C ALA C 74 23.42 -13.58 10.23
N PHE C 75 23.37 -14.80 9.72
CA PHE C 75 22.83 -15.95 10.44
C PHE C 75 23.91 -16.60 11.32
N GLY C 76 23.46 -17.25 12.37
CA GLY C 76 24.38 -17.91 13.27
C GLY C 76 23.73 -18.99 14.11
N GLU C 77 24.32 -19.21 15.29
CA GLU C 77 24.00 -20.34 16.15
C GLU C 77 24.18 -19.92 17.60
N PHE C 78 23.14 -20.10 18.39
CA PHE C 78 23.21 -19.93 19.83
C PHE C 78 23.39 -21.32 20.43
N GLU C 79 24.20 -21.42 21.48
CA GLU C 79 24.43 -22.70 22.15
C GLU C 79 24.37 -22.49 23.66
N VAL C 80 23.57 -23.32 24.33
CA VAL C 80 23.50 -23.28 25.80
C VAL C 80 24.81 -23.81 26.39
N THR C 81 25.40 -23.05 27.33
CA THR C 81 26.64 -23.45 27.99
C THR C 81 26.50 -23.63 29.49
N ASP C 82 25.40 -23.19 30.08
CA ASP C 82 25.15 -23.37 31.50
C ASP C 82 23.65 -23.51 31.70
N ASP C 83 23.28 -24.23 32.75
CA ASP C 83 21.88 -24.55 33.01
C ASP C 83 21.30 -23.43 33.87
N ILE C 84 20.22 -22.78 33.37
CA ILE C 84 19.53 -21.77 34.14
C ILE C 84 18.03 -22.06 34.25
N SER C 85 17.63 -23.31 34.10
CA SER C 85 16.22 -23.70 34.28
C SER C 85 15.67 -23.38 35.67
N ASP C 86 16.52 -23.03 36.63
CA ASP C 86 16.00 -22.51 37.89
C ASP C 86 15.34 -21.16 37.70
N VAL C 87 15.71 -20.44 36.63
CA VAL C 87 15.24 -19.08 36.39
C VAL C 87 14.23 -19.04 35.26
N CYS C 88 14.34 -19.97 34.30
CA CYS C 88 13.62 -19.86 33.05
C CYS C 88 13.39 -21.21 32.40
N ALA C 89 12.12 -21.51 32.12
CA ALA C 89 11.72 -22.80 31.57
C ALA C 89 11.79 -22.85 30.05
N ALA C 90 12.36 -21.86 29.40
CA ALA C 90 12.39 -21.83 27.94
C ALA C 90 12.94 -23.14 27.38
N LYS C 91 12.28 -23.69 26.35
CA LYS C 91 12.74 -24.96 25.80
C LYS C 91 14.10 -24.85 25.14
N PHE C 92 14.40 -23.73 24.48
CA PHE C 92 15.69 -23.64 23.81
C PHE C 92 16.85 -23.55 24.78
N LEU C 93 16.57 -23.35 26.06
CA LEU C 93 17.57 -23.33 27.12
C LEU C 93 17.63 -24.61 27.94
N ASP C 94 16.85 -25.65 27.62
CA ASP C 94 16.54 -26.71 28.59
C ASP C 94 17.59 -27.83 28.65
N THR C 95 18.71 -27.71 27.93
CA THR C 95 19.74 -28.73 27.82
C THR C 95 21.07 -28.05 27.53
N ILE C 96 22.12 -28.39 28.28
CA ILE C 96 23.43 -27.82 28.00
C ILE C 96 23.87 -28.33 26.64
N GLY C 97 24.39 -27.45 25.79
CA GLY C 97 24.80 -27.86 24.48
C GLY C 97 23.70 -27.85 23.43
N LYS C 98 22.48 -27.48 23.82
CA LYS C 98 21.40 -27.32 22.85
C LYS C 98 21.71 -26.15 21.93
N LYS C 99 21.60 -26.38 20.63
CA LYS C 99 21.91 -25.38 19.61
C LYS C 99 20.65 -24.83 18.97
N THR C 100 20.60 -23.50 18.81
CA THR C 100 19.47 -22.84 18.17
C THR C 100 19.94 -21.89 17.08
N ARG C 101 19.31 -21.98 15.90
CA ARG C 101 19.67 -21.09 14.79
C ARG C 101 19.21 -19.67 15.08
N ILE C 102 20.04 -18.68 14.71
CA ILE C 102 19.70 -17.29 14.95
C ILE C 102 19.94 -16.46 13.69
N PHE C 103 19.30 -15.30 13.67
CA PHE C 103 19.61 -14.27 12.69
C PHE C 103 19.76 -12.96 13.45
N THR C 104 20.82 -12.24 13.13
CA THR C 104 21.11 -10.98 13.78
C THR C 104 21.21 -9.88 12.75
N ARG C 105 20.60 -8.72 13.07
CA ARG C 105 20.77 -7.48 12.31
C ARG C 105 21.32 -6.39 13.22
N PHE C 106 22.43 -5.78 12.80
CA PHE C 106 22.98 -4.59 13.47
C PHE C 106 22.58 -3.32 12.71
N SER C 107 22.62 -2.19 13.41
CA SER C 107 22.21 -0.95 12.77
C SER C 107 22.63 0.26 13.58
N THR C 108 22.69 1.43 12.92
CA THR C 108 22.65 2.72 13.60
C THR C 108 21.19 3.06 13.90
N VAL C 109 20.90 4.29 14.35
CA VAL C 109 19.55 4.68 14.76
C VAL C 109 18.97 5.77 13.89
N GLY C 110 19.65 6.93 13.80
CA GLY C 110 19.09 8.05 13.09
C GLY C 110 19.34 8.05 11.59
N GLY C 111 20.40 7.37 11.15
CA GLY C 111 20.81 7.49 9.78
C GLY C 111 19.89 6.77 8.81
N GLU C 112 19.75 7.35 7.64
CA GLU C 112 18.98 6.73 6.57
C GLU C 112 19.85 5.69 5.86
N LYS C 113 19.27 5.02 4.86
N LYS C 113 19.29 5.02 4.86
CA LYS C 113 19.89 3.82 4.30
CA LYS C 113 20.12 4.16 4.02
C LYS C 113 21.23 4.08 3.63
C LYS C 113 21.21 5.00 3.38
N GLY C 114 21.49 5.30 3.17
N GLY C 114 22.36 4.37 3.14
CA GLY C 114 22.75 5.65 2.53
CA GLY C 114 23.47 5.12 2.59
C GLY C 114 23.75 6.34 3.42
C GLY C 114 24.04 6.17 3.51
N SER C 115 23.52 6.33 4.73
CA SER C 115 24.25 7.14 5.68
C SER C 115 25.49 6.37 6.13
N ALA C 116 26.30 6.97 7.00
CA ALA C 116 27.61 6.40 7.32
C ALA C 116 27.53 5.39 8.47
N ASP C 117 28.12 4.21 8.26
CA ASP C 117 28.20 3.21 9.31
C ASP C 117 28.93 3.69 10.54
N SER C 118 29.88 4.62 10.40
CA SER C 118 30.74 5.00 11.52
C SER C 118 30.23 6.22 12.27
N ALA C 119 29.00 6.62 12.03
CA ALA C 119 28.42 7.77 12.67
C ALA C 119 28.27 7.56 14.17
N ARG C 120 28.22 8.65 14.92
CA ARG C 120 28.01 8.55 16.34
C ARG C 120 26.52 8.30 16.59
N ASP C 121 26.22 7.15 17.16
CA ASP C 121 24.86 6.73 17.42
C ASP C 121 24.92 5.54 18.38
N PRO C 122 23.82 5.27 19.08
CA PRO C 122 23.66 3.92 19.61
C PRO C 122 23.59 2.98 18.44
N ARG C 123 24.02 1.75 18.65
CA ARG C 123 23.87 0.69 17.67
C ARG C 123 22.75 -0.26 18.07
N GLY C 124 21.98 -0.71 17.11
CA GLY C 124 21.05 -1.77 17.36
C GLY C 124 21.70 -3.13 17.15
N PHE C 125 21.25 -4.07 17.98
CA PHE C 125 21.80 -5.42 18.11
C PHE C 125 20.58 -6.32 18.32
N SER C 126 20.00 -6.77 17.22
CA SER C 126 18.70 -7.41 17.24
C SER C 126 18.82 -8.84 16.72
N THR C 127 18.34 -9.81 17.49
CA THR C 127 18.57 -11.21 17.20
C THR C 127 17.27 -11.99 17.28
N LYS C 128 17.08 -12.87 16.33
CA LYS C 128 15.89 -13.69 16.22
C LYS C 128 16.31 -15.13 16.49
N PHE C 129 15.71 -15.75 17.50
CA PHE C 129 15.96 -17.14 17.88
C PHE C 129 14.83 -18.02 17.33
N TYR C 130 15.14 -18.93 16.42
CA TYR C 130 14.13 -19.82 15.84
C TYR C 130 13.97 -21.06 16.71
N THR C 131 13.20 -20.92 17.79
CA THR C 131 13.05 -21.98 18.78
C THR C 131 11.82 -22.85 18.52
N GLU C 132 11.79 -24.03 19.15
CA GLU C 132 10.68 -24.96 18.96
C GLU C 132 9.39 -24.47 19.59
N GLU C 133 9.43 -23.43 20.43
CA GLU C 133 8.26 -22.76 20.98
C GLU C 133 7.94 -21.43 20.29
N GLY C 134 8.50 -21.17 19.12
CA GLY C 134 8.27 -19.91 18.44
C GLY C 134 9.53 -19.08 18.30
N ASN C 135 9.40 -18.05 17.47
CA ASN C 135 10.49 -17.12 17.24
C ASN C 135 10.55 -16.11 18.36
N LEU C 136 11.68 -16.07 19.04
CA LEU C 136 11.94 -15.10 20.10
C LEU C 136 12.83 -14.03 19.54
N ASP C 137 12.43 -12.77 19.70
CA ASP C 137 13.20 -11.62 19.23
C ASP C 137 13.78 -10.87 20.41
N LEU C 138 15.09 -10.79 20.49
CA LEU C 138 15.78 -10.00 21.49
C LEU C 138 16.24 -8.73 20.78
N VAL C 139 15.51 -7.64 20.98
CA VAL C 139 15.69 -6.42 20.20
C VAL C 139 16.45 -5.46 21.12
N TYR C 140 17.77 -5.56 21.06
CA TYR C 140 18.68 -4.96 22.01
C TYR C 140 19.49 -3.85 21.35
N ASN C 141 20.06 -2.97 22.18
CA ASN C 141 21.06 -1.99 21.75
C ASN C 141 22.43 -2.31 22.35
N ASN C 142 23.44 -1.59 21.87
CA ASN C 142 24.80 -1.71 22.37
C ASN C 142 25.06 -0.87 23.63
N THR C 143 23.99 -0.47 24.30
CA THR C 143 24.00 0.28 25.54
C THR C 143 22.94 -0.32 26.46
N PRO C 144 23.14 -0.33 27.78
CA PRO C 144 22.14 -0.89 28.69
C PRO C 144 21.12 0.11 29.23
N ILE C 145 21.13 1.33 28.74
CA ILE C 145 20.19 2.35 29.15
C ILE C 145 19.69 3.04 27.88
N PHE C 146 18.88 4.07 28.05
CA PHE C 146 18.36 4.78 26.88
C PHE C 146 17.90 6.16 27.31
N PHE C 147 17.58 6.99 26.32
CA PHE C 147 17.38 8.41 26.56
C PHE C 147 16.07 8.73 27.24
N ILE C 148 15.12 7.79 27.32
CA ILE C 148 13.78 8.09 27.79
C ILE C 148 13.28 6.95 28.67
N ARG C 149 12.32 7.30 29.54
CA ARG C 149 11.53 6.32 30.28
C ARG C 149 10.03 6.62 30.19
N ASP C 150 9.64 7.45 29.22
CA ASP C 150 8.26 7.78 28.89
C ASP C 150 8.03 7.46 27.42
N PRO C 151 7.15 6.53 27.06
CA PRO C 151 7.07 6.13 25.66
C PRO C 151 6.60 7.26 24.74
N SER C 152 5.89 8.24 25.29
CA SER C 152 5.37 9.31 24.46
C SER C 152 6.47 10.21 23.93
N LYS C 153 7.63 10.21 24.57
CA LYS C 153 8.71 11.09 24.15
C LYS C 153 9.43 10.58 22.92
N PHE C 154 9.26 9.31 22.56
CA PHE C 154 10.07 8.74 21.49
C PHE C 154 9.95 9.51 20.18
N PRO C 155 8.77 9.76 19.63
CA PRO C 155 8.71 10.55 18.39
C PRO C 155 9.38 11.92 18.53
N HIS C 156 9.19 12.60 19.66
CA HIS C 156 9.86 13.88 19.85
C HIS C 156 11.37 13.71 19.82
N PHE C 157 11.88 12.78 20.62
CA PHE C 157 13.32 12.55 20.67
C PHE C 157 13.87 12.18 19.30
N ILE C 158 13.27 11.21 18.64
CA ILE C 158 13.82 10.77 17.38
C ILE C 158 13.80 11.90 16.37
N HIS C 159 12.77 12.74 16.41
CA HIS C 159 12.72 13.84 15.46
C HIS C 159 13.89 14.79 15.65
N THR C 160 14.24 15.10 16.87
CA THR C 160 15.34 15.98 17.18
C THR C 160 16.71 15.43 16.81
N GLN C 161 16.82 14.12 16.74
CA GLN C 161 18.00 13.43 16.32
C GLN C 161 18.09 13.35 14.81
N LYS C 162 17.03 13.71 14.13
CA LYS C 162 16.98 13.66 12.70
C LYS C 162 17.00 15.05 12.07
N ARG C 163 16.26 15.29 11.00
CA ARG C 163 16.33 16.53 10.30
C ARG C 163 15.26 17.53 10.51
N ASN C 164 15.67 18.78 10.38
CA ASN C 164 14.76 19.90 10.51
C ASN C 164 13.62 19.81 9.49
N PRO C 165 12.38 20.10 9.89
CA PRO C 165 11.25 19.94 8.96
C PRO C 165 11.30 20.83 7.72
N ALA C 166 11.96 21.98 7.79
CA ALA C 166 12.05 22.85 6.63
C ALA C 166 13.32 22.63 5.83
N THR C 167 14.47 22.51 6.48
CA THR C 167 15.72 22.46 5.75
C THR C 167 16.19 21.06 5.36
N ASN C 168 15.67 20.02 6.01
CA ASN C 168 16.13 18.65 5.86
C ASN C 168 17.57 18.47 6.32
N LEU C 169 18.07 19.40 7.12
CA LEU C 169 19.41 19.29 7.66
C LEU C 169 19.36 18.88 9.13
N LYS C 170 20.41 18.19 9.57
CA LYS C 170 20.59 18.00 11.00
C LYS C 170 20.73 19.33 11.70
N ASP C 171 20.33 19.38 12.97
CA ASP C 171 20.12 20.67 13.63
C ASP C 171 20.53 20.49 15.08
N ALA C 172 21.71 21.02 15.44
CA ALA C 172 22.20 20.85 16.80
C ALA C 172 21.31 21.56 17.80
N ASN C 173 20.60 22.61 17.40
CA ASN C 173 19.76 23.33 18.35
C ASN C 173 18.59 22.46 18.84
N MET C 174 17.87 21.80 17.93
CA MET C 174 16.78 20.96 18.41
C MET C 174 17.31 19.73 19.12
N PHE C 175 18.44 19.20 18.64
CA PHE C 175 19.10 18.06 19.28
C PHE C 175 19.29 18.31 20.76
N TRP C 176 19.94 19.41 21.12
CA TRP C 176 20.24 19.67 22.51
C TRP C 176 19.05 20.28 23.24
N ASP C 177 18.23 21.09 22.58
CA ASP C 177 17.00 21.60 23.20
C ASP C 177 16.18 20.48 23.83
N TYR C 178 15.93 19.38 23.09
CA TYR C 178 15.22 18.26 23.68
C TYR C 178 15.97 17.70 24.90
N LEU C 179 17.26 17.44 24.75
CA LEU C 179 17.97 16.74 25.82
C LEU C 179 18.01 17.56 27.11
N VAL C 180 18.19 18.87 27.01
CA VAL C 180 18.37 19.64 28.23
C VAL C 180 17.05 19.91 28.92
N ASN C 181 15.91 19.78 28.24
CA ASN C 181 14.62 19.94 28.90
C ASN C 181 14.01 18.63 29.35
N ASN C 182 14.62 17.49 29.03
CA ASN C 182 14.14 16.19 29.44
C ASN C 182 15.33 15.45 30.04
N GLN C 183 15.67 15.84 31.26
CA GLN C 183 17.00 15.65 31.81
C GLN C 183 17.31 14.22 32.25
N GLU C 184 16.33 13.32 32.19
CA GLU C 184 16.59 11.89 32.41
C GLU C 184 17.41 11.28 31.30
N SER C 185 17.57 11.98 30.18
CA SER C 185 18.34 11.52 29.04
C SER C 185 19.84 11.48 29.31
N ILE C 186 20.31 12.02 30.43
CA ILE C 186 21.72 12.37 30.51
C ILE C 186 22.60 11.14 30.65
N HIS C 187 22.13 10.11 31.36
CA HIS C 187 22.93 8.90 31.47
C HIS C 187 23.26 8.35 30.09
N GLN C 188 22.24 8.16 29.24
CA GLN C 188 22.52 7.62 27.89
C GLN C 188 23.25 8.63 27.03
N VAL C 189 23.00 9.93 27.23
CA VAL C 189 23.75 10.93 26.47
C VAL C 189 25.24 10.81 26.76
N MET C 190 25.61 10.52 28.02
CA MET C 190 27.03 10.39 28.35
C MET C 190 27.61 9.15 27.71
N TYR C 191 26.86 8.05 27.74
CA TYR C 191 27.27 6.85 27.04
C TYR C 191 27.44 7.12 25.54
N LEU C 192 26.58 7.96 24.97
CA LEU C 192 26.61 8.23 23.53
C LEU C 192 27.85 9.00 23.13
N PHE C 193 28.23 9.98 23.93
CA PHE C 193 29.37 10.81 23.60
C PHE C 193 30.67 10.29 24.22
N SER C 194 30.63 9.13 24.85
CA SER C 194 31.85 8.36 25.05
C SER C 194 32.27 7.79 23.71
N ASP C 195 33.42 7.11 23.69
CA ASP C 195 33.88 6.50 22.45
C ASP C 195 33.06 5.29 22.07
N ARG C 196 32.24 4.78 22.97
CA ARG C 196 31.30 3.72 22.62
C ARG C 196 30.23 4.18 21.64
N GLY C 197 30.05 5.48 21.45
CA GLY C 197 29.22 5.94 20.35
C GLY C 197 29.78 5.70 18.95
N THR C 198 31.05 5.30 18.85
CA THR C 198 31.69 5.05 17.55
C THR C 198 32.49 3.76 17.61
N PRO C 199 31.81 2.61 17.69
CA PRO C 199 32.51 1.33 17.68
C PRO C 199 33.39 1.19 16.44
N ALA C 200 34.46 0.42 16.58
CA ALA C 200 35.33 0.13 15.46
C ALA C 200 34.82 -1.04 14.63
N SER C 201 33.86 -1.78 15.14
CA SER C 201 33.41 -2.97 14.45
C SER C 201 32.18 -3.48 15.18
N LEU C 202 31.18 -3.85 14.41
CA LEU C 202 30.04 -4.51 14.99
C LEU C 202 30.48 -5.73 15.78
N ARG C 203 31.59 -6.36 15.38
CA ARG C 203 32.13 -7.54 16.03
C ARG C 203 32.74 -7.24 17.39
N LYS C 204 32.97 -5.96 17.70
CA LYS C 204 33.70 -5.57 18.89
C LYS C 204 32.83 -4.62 19.72
N MET C 205 31.59 -5.03 19.97
CA MET C 205 30.70 -4.27 20.86
C MET C 205 29.76 -5.24 21.55
N ASN C 206 29.15 -4.77 22.62
CA ASN C 206 28.23 -5.58 23.39
C ASN C 206 26.78 -5.33 22.99
N GLY C 207 25.90 -6.25 23.40
CA GLY C 207 24.48 -6.01 23.40
C GLY C 207 23.88 -6.14 24.78
N TYR C 208 22.78 -5.42 24.99
CA TYR C 208 22.13 -5.36 26.28
C TYR C 208 20.62 -5.32 26.11
N SER C 209 19.91 -6.10 26.91
CA SER C 209 18.46 -5.99 26.89
C SER C 209 18.01 -4.57 27.19
N GLY C 210 18.74 -3.87 28.02
CA GLY C 210 18.37 -2.55 28.47
C GLY C 210 17.19 -2.52 29.41
N HIS C 211 16.03 -2.97 28.93
CA HIS C 211 14.88 -3.11 29.80
C HIS C 211 15.05 -4.30 30.72
N THR C 212 14.35 -4.22 31.84
CA THR C 212 14.09 -5.39 32.66
C THR C 212 13.02 -6.26 32.00
N TYR C 213 13.28 -7.56 31.94
CA TYR C 213 12.25 -8.51 31.56
C TYR C 213 11.88 -9.38 32.78
N LYS C 214 10.91 -10.27 32.61
CA LYS C 214 10.48 -11.15 33.70
C LYS C 214 10.47 -12.57 33.17
N TRP C 215 11.31 -13.43 33.75
CA TRP C 215 11.45 -14.81 33.29
C TRP C 215 10.85 -15.78 34.30
N TYR C 216 10.21 -16.83 33.80
CA TYR C 216 9.46 -17.77 34.62
C TYR C 216 10.04 -19.16 34.48
N ASN C 217 10.08 -19.92 35.60
CA ASN C 217 10.49 -21.31 35.54
C ASN C 217 9.26 -22.21 35.53
N LYS C 218 9.52 -23.53 35.49
CA LYS C 218 8.48 -24.56 35.43
C LYS C 218 7.52 -24.51 36.62
N LYS C 219 7.93 -23.92 37.74
CA LYS C 219 7.08 -23.79 38.92
C LYS C 219 6.29 -22.49 38.95
N GLY C 220 6.48 -21.63 37.97
CA GLY C 220 5.79 -20.36 37.99
C GLY C 220 6.44 -19.32 38.85
N GLU C 221 7.62 -19.59 39.37
CA GLU C 221 8.35 -18.54 40.06
C GLU C 221 8.99 -17.65 39.03
N TRP C 222 9.07 -16.34 39.31
CA TRP C 222 9.66 -15.43 38.36
C TRP C 222 10.61 -14.46 39.02
N VAL C 223 11.59 -14.03 38.24
CA VAL C 223 12.56 -13.01 38.62
C VAL C 223 12.66 -11.93 37.56
N TYR C 224 13.04 -10.72 37.96
CA TYR C 224 13.45 -9.71 37.01
C TYR C 224 14.82 -10.06 36.42
N VAL C 225 15.00 -9.73 35.14
CA VAL C 225 16.16 -10.16 34.40
C VAL C 225 16.71 -9.00 33.59
N GLN C 226 18.04 -8.94 33.47
CA GLN C 226 18.76 -8.10 32.52
C GLN C 226 19.70 -9.02 31.77
N VAL C 227 19.76 -8.89 30.45
CA VAL C 227 20.56 -9.76 29.60
C VAL C 227 21.72 -8.95 29.05
N HIS C 228 22.90 -9.59 29.00
CA HIS C 228 24.12 -8.95 28.50
C HIS C 228 24.76 -9.90 27.50
N PHE C 229 25.07 -9.38 26.31
CA PHE C 229 25.84 -10.09 25.29
C PHE C 229 27.18 -9.39 25.19
N LYS C 230 28.24 -10.05 25.63
CA LYS C 230 29.57 -9.45 25.65
C LYS C 230 30.38 -10.07 24.50
N SER C 231 30.93 -9.20 23.65
CA SER C 231 31.79 -9.64 22.57
C SER C 231 33.00 -10.39 23.10
N ASP C 232 33.28 -11.54 22.50
CA ASP C 232 34.53 -12.26 22.80
C ASP C 232 35.78 -11.47 22.38
N LEU C 233 35.65 -10.49 21.49
CA LEU C 233 36.76 -9.63 21.14
C LEU C 233 36.81 -8.37 21.98
N GLY C 234 35.87 -8.20 22.89
CA GLY C 234 35.87 -7.03 23.73
C GLY C 234 35.39 -5.81 22.99
N VAL C 235 35.29 -4.72 23.73
CA VAL C 235 34.78 -3.47 23.18
C VAL C 235 35.95 -2.63 22.66
N VAL C 236 35.93 -2.35 21.35
CA VAL C 236 36.93 -1.50 20.69
C VAL C 236 36.22 -0.37 19.95
N ASN C 237 36.74 0.84 20.12
CA ASN C 237 36.11 2.06 19.63
C ASN C 237 37.06 2.90 18.77
N PHE C 238 36.50 3.49 17.71
CA PHE C 238 37.15 4.63 17.11
C PHE C 238 37.04 5.84 18.02
N ASN C 239 37.91 6.82 17.78
CA ASN C 239 37.70 8.12 18.38
C ASN C 239 36.93 8.98 17.38
N ASN C 240 36.57 10.18 17.81
CA ASN C 240 35.66 11.00 16.99
C ASN C 240 36.23 11.27 15.61
N GLU C 241 37.54 11.53 15.52
CA GLU C 241 38.15 11.96 14.27
C GLU C 241 38.29 10.80 13.29
N GLU C 242 38.66 9.62 13.78
CA GLU C 242 38.73 8.44 12.94
C GLU C 242 37.36 8.13 12.35
N ALA C 243 36.32 8.21 13.17
CA ALA C 243 34.98 7.90 12.70
C ALA C 243 34.55 8.88 11.63
N GLY C 244 34.83 10.17 11.86
CA GLY C 244 34.43 11.18 10.89
C GLY C 244 35.20 11.04 9.60
N LYS C 245 36.48 10.69 9.69
CA LYS C 245 37.28 10.49 8.48
C LYS C 245 36.78 9.29 7.72
N LEU C 246 36.42 8.22 8.42
CA LEU C 246 35.92 7.02 7.77
C LEU C 246 34.54 7.24 7.15
N ALA C 247 33.76 8.18 7.65
CA ALA C 247 32.46 8.47 7.04
C ALA C 247 32.61 8.84 5.58
N GLY C 248 33.65 9.60 5.25
CA GLY C 248 33.95 9.97 3.88
C GLY C 248 34.58 8.89 3.03
N GLU C 249 35.53 8.12 3.56
CA GLU C 249 36.22 7.10 2.77
C GLU C 249 35.42 5.82 2.60
N ASP C 250 34.78 5.32 3.66
CA ASP C 250 34.01 4.08 3.59
C ASP C 250 32.78 4.17 4.47
N PRO C 251 31.71 4.77 3.96
CA PRO C 251 30.45 4.80 4.72
C PRO C 251 29.83 3.41 4.96
N ASP C 252 30.30 2.37 4.29
CA ASP C 252 29.85 1.02 4.57
C ASP C 252 30.92 0.19 5.28
N TYR C 253 31.77 0.82 6.10
CA TYR C 253 32.92 0.10 6.67
C TYR C 253 32.46 -1.07 7.52
N HIS C 254 31.54 -0.83 8.45
CA HIS C 254 31.10 -1.87 9.37
C HIS C 254 30.44 -3.03 8.67
N THR C 255 29.63 -2.72 7.64
CA THR C 255 28.99 -3.77 6.88
C THR C 255 30.01 -4.64 6.17
N GLY C 256 31.05 -4.03 5.58
CA GLY C 256 32.08 -4.83 4.93
C GLY C 256 32.92 -5.62 5.91
N ASP C 257 33.22 -5.03 7.06
CA ASP C 257 34.00 -5.71 8.09
C ASP C 257 33.31 -7.00 8.53
N LEU C 258 32.01 -6.91 8.81
CA LEU C 258 31.28 -8.09 9.26
C LEU C 258 31.24 -9.14 8.17
N PHE C 259 30.92 -8.73 6.95
CA PHE C 259 30.79 -9.68 5.85
C PHE C 259 32.12 -10.36 5.56
N ASN C 260 33.20 -9.58 5.43
CA ASN C 260 34.53 -10.14 5.17
C ASN C 260 35.01 -11.05 6.30
N ALA C 261 34.71 -10.70 7.55
CA ALA C 261 35.09 -11.58 8.66
C ALA C 261 34.52 -12.99 8.46
N ILE C 262 33.24 -13.07 8.14
CA ILE C 262 32.57 -14.36 8.01
C ILE C 262 33.03 -15.06 6.74
N GLU C 263 33.29 -14.28 5.69
CA GLU C 263 33.71 -14.88 4.44
C GLU C 263 35.04 -15.60 4.61
N ARG C 264 35.95 -15.01 5.38
CA ARG C 264 37.25 -15.64 5.57
C ARG C 264 37.28 -16.61 6.75
N GLY C 265 36.18 -16.74 7.49
CA GLY C 265 36.05 -17.76 8.52
C GLY C 265 36.32 -17.28 9.93
N GLU C 266 36.57 -15.99 10.12
CA GLU C 266 36.82 -15.40 11.43
C GLU C 266 35.47 -15.03 12.06
N TYR C 267 34.73 -16.07 12.43
CA TYR C 267 33.35 -15.93 12.91
C TYR C 267 33.27 -15.19 14.24
N PRO C 268 32.52 -14.10 14.33
CA PRO C 268 32.41 -13.41 15.61
C PRO C 268 31.46 -14.15 16.54
N SER C 269 31.73 -14.00 17.82
CA SER C 269 30.92 -14.68 18.81
C SER C 269 30.83 -13.81 20.06
N TRP C 270 29.79 -14.06 20.82
CA TRP C 270 29.47 -13.34 22.03
C TRP C 270 29.18 -14.37 23.11
N THR C 271 29.34 -13.96 24.34
CA THR C 271 28.97 -14.76 25.48
C THR C 271 27.83 -14.05 26.19
N CYS C 272 26.86 -14.84 26.64
CA CYS C 272 25.56 -14.36 27.08
C CYS C 272 25.42 -14.52 28.59
N TYR C 273 25.06 -13.43 29.27
CA TYR C 273 24.88 -13.41 30.71
C TYR C 273 23.50 -12.86 31.08
N ILE C 274 23.04 -13.19 32.30
CA ILE C 274 21.92 -12.52 32.93
C ILE C 274 22.30 -11.99 34.30
N GLN C 275 21.71 -10.84 34.65
CA GLN C 275 21.53 -10.39 36.02
C GLN C 275 20.10 -10.74 36.43
N THR C 276 19.89 -11.00 37.72
CA THR C 276 18.57 -11.38 38.22
C THR C 276 18.35 -10.76 39.58
N MET C 277 17.10 -10.40 39.85
CA MET C 277 16.74 -9.99 41.20
C MET C 277 15.27 -10.27 41.42
N THR C 278 14.90 -10.50 42.67
CA THR C 278 13.53 -10.80 43.05
C THR C 278 12.78 -9.50 43.27
N GLN C 279 11.46 -9.64 43.39
CA GLN C 279 10.64 -8.48 43.73
C GLN C 279 11.06 -7.90 45.05
N GLU C 280 11.43 -8.77 46.01
CA GLU C 280 11.83 -8.28 47.33
C GLU C 280 13.10 -7.45 47.22
N GLN C 281 14.09 -7.93 46.47
CA GLN C 281 15.29 -7.11 46.23
C GLN C 281 14.92 -5.80 45.53
N ALA C 282 14.09 -5.86 44.48
CA ALA C 282 13.77 -4.64 43.74
C ALA C 282 13.27 -3.54 44.67
N ALA C 283 12.46 -3.92 45.66
CA ALA C 283 11.90 -2.95 46.60
C ALA C 283 12.95 -2.18 47.40
N LYS C 284 14.16 -2.73 47.54
CA LYS C 284 15.23 -2.08 48.30
C LYS C 284 16.10 -1.12 47.47
N GLN C 285 15.98 -1.14 46.15
CA GLN C 285 16.91 -0.37 45.33
C GLN C 285 16.55 1.11 45.29
N PRO C 286 17.54 1.97 45.10
CA PRO C 286 17.27 3.40 44.92
C PRO C 286 16.76 3.75 43.50
N PHE C 287 16.76 2.78 42.59
CA PHE C 287 16.21 2.89 41.25
C PHE C 287 15.09 1.87 41.06
N SER C 288 14.18 2.19 40.12
CA SER C 288 13.15 1.26 39.65
C SER C 288 13.72 0.31 38.62
N VAL C 289 13.33 -0.96 38.71
CA VAL C 289 13.67 -1.92 37.68
C VAL C 289 12.94 -1.63 36.38
N PHE C 290 11.96 -0.72 36.42
CA PHE C 290 11.22 -0.32 35.24
C PHE C 290 11.83 0.89 34.57
N ASP C 291 12.94 1.41 35.12
CA ASP C 291 13.55 2.65 34.62
C ASP C 291 14.68 2.28 33.64
N LEU C 292 14.41 2.52 32.36
CA LEU C 292 15.36 2.22 31.31
C LEU C 292 16.61 3.11 31.34
N THR C 293 16.61 4.22 32.09
CA THR C 293 17.79 5.08 32.21
C THR C 293 18.74 4.63 33.32
N LYS C 294 18.57 3.40 33.82
CA LYS C 294 19.29 2.89 34.98
C LYS C 294 19.92 1.56 34.62
N VAL C 295 21.04 1.23 35.27
CA VAL C 295 21.61 -0.10 35.18
C VAL C 295 21.51 -0.77 36.54
N TRP C 296 21.86 -2.04 36.58
CA TRP C 296 21.99 -2.73 37.85
C TRP C 296 23.46 -2.90 38.19
N PRO C 297 23.95 -2.31 39.27
CA PRO C 297 25.38 -2.40 39.59
C PRO C 297 25.89 -3.83 39.64
N HIS C 298 27.06 -4.01 39.05
CA HIS C 298 27.60 -5.36 38.84
C HIS C 298 27.91 -6.08 40.16
N LYS C 299 28.48 -5.38 41.15
CA LYS C 299 28.89 -6.07 42.37
C LYS C 299 27.69 -6.48 43.21
N ASP C 300 26.57 -5.74 43.09
CA ASP C 300 25.29 -6.13 43.70
C ASP C 300 24.56 -7.23 42.95
N PHE C 301 24.57 -7.16 41.61
CA PHE C 301 23.80 -8.08 40.75
C PHE C 301 24.75 -8.59 39.69
N PRO C 302 25.56 -9.59 40.02
CA PRO C 302 26.63 -10.01 39.13
C PRO C 302 26.11 -10.82 37.95
N LEU C 303 26.86 -10.79 36.86
CA LEU C 303 26.50 -11.51 35.66
C LEU C 303 26.60 -13.01 35.85
N ARG C 304 25.71 -13.74 35.19
CA ARG C 304 25.68 -15.19 35.27
C ARG C 304 25.60 -15.73 33.85
N ARG C 305 26.63 -16.46 33.44
CA ARG C 305 26.69 -16.98 32.09
C ARG C 305 25.64 -18.04 31.84
N PHE C 306 25.05 -18.03 30.64
CA PHE C 306 24.17 -19.13 30.22
C PHE C 306 24.40 -19.62 28.81
N GLY C 307 25.12 -18.92 27.94
CA GLY C 307 25.36 -19.43 26.60
C GLY C 307 26.23 -18.50 25.80
N LYS C 308 26.26 -18.78 24.51
CA LYS C 308 27.10 -18.07 23.56
C LYS C 308 26.45 -18.23 22.19
N PHE C 309 26.75 -17.29 21.30
CA PHE C 309 26.36 -17.44 19.91
C PHE C 309 27.45 -16.93 18.99
N THR C 310 27.46 -17.53 17.79
CA THR C 310 28.40 -17.21 16.73
C THR C 310 27.66 -16.89 15.44
N LEU C 311 28.12 -15.85 14.75
CA LEU C 311 27.62 -15.51 13.42
C LEU C 311 28.57 -16.08 12.38
N ASN C 312 28.08 -17.02 11.58
CA ASN C 312 28.95 -17.80 10.71
C ASN C 312 28.40 -17.98 9.30
N GLU C 313 27.37 -17.25 8.91
CA GLU C 313 26.79 -17.42 7.58
C GLU C 313 26.32 -16.05 7.10
N ASN C 314 26.89 -15.59 6.00
CA ASN C 314 26.44 -14.33 5.45
C ASN C 314 25.11 -14.52 4.70
N PRO C 315 24.33 -13.46 4.57
CA PRO C 315 23.13 -13.53 3.73
C PRO C 315 23.50 -13.81 2.29
N LYS C 316 22.61 -14.53 1.60
CA LYS C 316 22.74 -14.70 0.16
C LYS C 316 22.15 -13.50 -0.58
N ASN C 317 21.03 -12.95 -0.10
CA ASN C 317 20.46 -11.74 -0.68
C ASN C 317 20.10 -10.74 0.43
N TYR C 318 20.72 -9.56 0.35
CA TYR C 318 20.58 -8.58 1.43
C TYR C 318 19.15 -8.11 1.57
N PHE C 319 18.50 -7.81 0.44
CA PHE C 319 17.12 -7.31 0.49
C PHE C 319 16.16 -8.36 1.09
N ALA C 320 16.26 -9.60 0.62
CA ALA C 320 15.33 -10.65 1.03
C ALA C 320 15.51 -11.04 2.50
N GLU C 321 16.74 -11.12 2.99
CA GLU C 321 17.00 -11.61 4.35
C GLU C 321 17.22 -10.50 5.38
N VAL C 322 17.90 -9.42 5.02
CA VAL C 322 18.25 -8.34 5.99
C VAL C 322 17.24 -7.20 5.95
N GLU C 323 17.02 -6.60 4.79
CA GLU C 323 16.11 -5.46 4.69
C GLU C 323 14.70 -5.86 5.10
N GLN C 324 14.23 -7.04 4.67
CA GLN C 324 12.88 -7.50 5.02
C GLN C 324 12.79 -8.13 6.39
N ALA C 325 13.89 -8.22 7.14
CA ALA C 325 13.85 -8.83 8.47
C ALA C 325 12.99 -7.97 9.38
N ALA C 326 12.21 -8.62 10.24
CA ALA C 326 11.33 -7.94 11.17
C ALA C 326 11.49 -8.51 12.57
N PHE C 327 11.73 -7.64 13.55
CA PHE C 327 11.93 -8.02 14.94
C PHE C 327 10.92 -7.29 15.81
N SER C 328 10.44 -7.97 16.86
CA SER C 328 9.58 -7.29 17.85
C SER C 328 9.84 -7.79 19.26
N PRO C 329 9.87 -6.91 20.26
CA PRO C 329 9.95 -7.40 21.63
C PRO C 329 8.76 -8.26 22.01
N SER C 330 7.61 -8.06 21.37
CA SER C 330 6.43 -8.83 21.70
C SER C 330 6.43 -10.21 21.07
N HIS C 331 7.39 -10.52 20.20
CA HIS C 331 7.60 -11.89 19.73
C HIS C 331 8.45 -12.59 20.77
N THR C 332 7.81 -13.40 21.61
CA THR C 332 8.46 -14.02 22.75
C THR C 332 7.97 -15.45 22.88
N ILE C 333 8.47 -16.12 23.92
CA ILE C 333 8.03 -17.47 24.27
C ILE C 333 7.38 -17.39 25.65
N PRO C 334 6.63 -18.41 26.02
CA PRO C 334 5.78 -18.30 27.23
C PRO C 334 6.55 -18.00 28.52
N SER C 335 7.77 -18.50 28.66
CA SER C 335 8.53 -18.33 29.88
C SER C 335 9.28 -17.00 29.96
N MET C 336 9.12 -16.11 28.98
CA MET C 336 9.80 -14.81 28.99
C MET C 336 8.79 -13.72 28.69
N GLN C 337 8.55 -12.88 29.67
CA GLN C 337 7.51 -11.88 29.61
C GLN C 337 8.10 -10.49 29.81
N PRO C 338 7.44 -9.46 29.30
CA PRO C 338 7.92 -8.11 29.56
C PRO C 338 7.58 -7.66 30.96
N SER C 339 8.30 -6.64 31.39
CA SER C 339 8.03 -5.95 32.63
C SER C 339 7.22 -4.72 32.32
N ALA C 340 6.85 -4.01 33.36
CA ALA C 340 6.08 -2.79 33.21
C ALA C 340 6.95 -1.57 32.90
N ASP C 341 8.21 -1.75 32.54
CA ASP C 341 8.99 -0.65 31.95
C ASP C 341 8.11 0.03 30.91
N PRO C 342 7.77 1.31 31.09
CA PRO C 342 6.79 1.94 30.17
C PRO C 342 7.27 2.01 28.71
N VAL C 343 8.56 2.24 28.49
CA VAL C 343 9.11 2.19 27.14
C VAL C 343 8.95 0.79 26.54
N LEU C 344 9.36 -0.25 27.28
CA LEU C 344 9.23 -1.61 26.73
C LEU C 344 7.78 -1.92 26.40
N GLN C 345 6.85 -1.41 27.21
CA GLN C 345 5.43 -1.63 26.96
C GLN C 345 5.03 -1.09 25.60
N SER C 346 5.33 0.18 25.33
CA SER C 346 4.91 0.75 24.06
C SER C 346 5.60 0.04 22.88
N ARG C 347 6.80 -0.51 23.07
CA ARG C 347 7.47 -1.23 21.98
C ARG C 347 6.73 -2.51 21.62
N LEU C 348 6.06 -3.14 22.57
CA LEU C 348 5.26 -4.32 22.26
C LEU C 348 4.26 -4.05 21.15
N PHE C 349 3.70 -2.84 21.14
CA PHE C 349 2.75 -2.45 20.11
C PHE C 349 3.45 -1.91 18.87
N SER C 350 4.44 -1.04 19.06
CA SER C 350 4.96 -0.26 17.95
C SER C 350 5.60 -1.12 16.85
N TYR C 351 6.25 -2.23 17.21
CA TYR C 351 7.01 -2.93 16.18
C TYR C 351 6.12 -3.75 15.24
N PRO C 352 5.20 -4.60 15.72
CA PRO C 352 4.32 -5.26 14.75
C PRO C 352 3.50 -4.24 13.97
N ASP C 353 3.20 -3.08 14.58
CA ASP C 353 2.45 -2.05 13.89
C ASP C 353 3.23 -1.51 12.70
N THR C 354 4.48 -1.10 12.92
CA THR C 354 5.27 -0.57 11.82
C THR C 354 5.60 -1.67 10.81
N HIS C 355 5.72 -2.94 11.24
CA HIS C 355 5.99 -4.02 10.31
C HIS C 355 4.89 -4.15 9.26
N ARG C 356 3.63 -4.11 9.70
CA ARG C 356 2.53 -4.23 8.76
C ARG C 356 2.52 -3.08 7.76
N HIS C 357 2.92 -1.89 8.20
CA HIS C 357 3.09 -0.78 7.27
C HIS C 357 4.23 -1.04 6.30
N ARG C 358 5.40 -1.41 6.83
CA ARG C 358 6.62 -1.46 6.04
C ARG C 358 6.65 -2.69 5.13
N LEU C 359 6.13 -3.81 5.59
CA LEU C 359 6.28 -5.06 4.90
C LEU C 359 4.98 -5.70 4.43
N GLY C 360 3.84 -5.36 5.02
CA GLY C 360 2.57 -6.02 4.73
C GLY C 360 2.12 -6.90 5.89
N VAL C 361 0.81 -7.15 5.95
CA VAL C 361 0.24 -7.86 7.09
C VAL C 361 0.85 -9.25 7.25
N ASN C 362 1.28 -9.88 6.16
CA ASN C 362 1.77 -11.25 6.19
C ASN C 362 3.29 -11.32 6.15
N TYR C 363 3.95 -10.32 6.76
CA TYR C 363 5.40 -10.28 6.72
C TYR C 363 6.06 -11.47 7.40
N GLN C 364 5.34 -12.19 8.27
CA GLN C 364 5.95 -13.35 8.91
C GLN C 364 5.97 -14.58 8.01
N GLN C 365 5.46 -14.47 6.79
CA GLN C 365 5.62 -15.51 5.80
C GLN C 365 6.85 -15.28 4.96
N ILE C 366 7.48 -14.12 5.11
CA ILE C 366 8.77 -13.91 4.47
C ILE C 366 9.77 -14.87 5.10
N PRO C 367 10.52 -15.63 4.31
CA PRO C 367 11.36 -16.71 4.87
C PRO C 367 12.18 -16.36 6.10
N VAL C 368 12.95 -15.26 6.09
CA VAL C 368 13.76 -14.92 7.26
C VAL C 368 12.90 -14.73 8.50
N ASN C 369 11.62 -14.42 8.32
CA ASN C 369 10.74 -14.12 9.43
C ASN C 369 9.90 -15.31 9.85
N CYS C 370 9.87 -16.38 9.05
CA CYS C 370 9.06 -17.54 9.34
C CYS C 370 9.50 -18.19 10.66
N PRO C 371 8.59 -18.68 11.45
CA PRO C 371 8.97 -19.55 12.56
C PRO C 371 9.28 -20.95 12.07
N VAL C 372 10.23 -21.60 12.74
CA VAL C 372 10.44 -23.00 12.46
C VAL C 372 9.45 -23.85 13.26
N ALA C 373 8.97 -23.33 14.41
CA ALA C 373 7.89 -23.97 15.15
C ALA C 373 6.60 -23.93 14.33
N PRO C 374 5.73 -24.94 14.48
CA PRO C 374 4.48 -24.95 13.72
C PRO C 374 3.55 -23.82 14.16
N VAL C 375 3.12 -23.03 13.20
CA VAL C 375 2.15 -21.97 13.42
C VAL C 375 0.76 -22.50 13.12
N PHE C 376 -0.18 -22.19 14.01
CA PHE C 376 -1.56 -22.60 13.82
C PHE C 376 -2.44 -21.46 14.35
N THR C 377 -2.91 -20.63 13.45
CA THR C 377 -3.75 -19.47 13.78
C THR C 377 -5.01 -19.48 12.92
N PRO C 378 -5.90 -20.42 13.16
CA PRO C 378 -7.07 -20.55 12.28
C PRO C 378 -7.90 -19.27 12.11
N GLN C 379 -7.90 -18.40 13.11
CA GLN C 379 -8.72 -17.20 13.05
C GLN C 379 -7.99 -16.03 12.40
N MET C 380 -6.72 -16.19 12.04
CA MET C 380 -5.94 -15.17 11.34
C MET C 380 -5.70 -15.65 9.92
N ARG C 381 -6.43 -15.06 9.01
CA ARG C 381 -6.41 -15.45 7.64
C ARG C 381 -6.46 -14.32 6.66
N ASP C 382 -6.12 -14.67 5.45
CA ASP C 382 -6.13 -13.77 4.33
C ASP C 382 -5.10 -12.65 4.45
N GLY C 383 -5.38 -11.54 3.84
CA GLY C 383 -4.49 -10.43 3.80
C GLY C 383 -3.63 -10.48 2.58
N SER C 384 -3.00 -9.37 2.31
CA SER C 384 -2.19 -9.22 1.11
C SER C 384 -1.04 -10.23 1.09
N MET C 385 -0.85 -10.87 -0.06
CA MET C 385 0.29 -11.75 -0.29
C MET C 385 0.30 -12.91 0.71
N THR C 386 -0.83 -13.59 0.79
CA THR C 386 -0.90 -14.86 1.49
C THR C 386 -0.21 -15.89 0.63
N VAL C 387 0.93 -16.40 1.09
CA VAL C 387 1.76 -17.28 0.27
C VAL C 387 1.93 -18.65 0.89
N ASN C 388 1.50 -18.86 2.13
CA ASN C 388 1.69 -20.10 2.87
C ASN C 388 0.52 -21.07 2.74
N GLY C 389 -0.40 -20.84 1.79
CA GLY C 389 -1.54 -21.70 1.63
C GLY C 389 -2.76 -21.29 2.44
N ASN C 390 -2.62 -20.41 3.41
CA ASN C 390 -3.74 -19.86 4.15
C ASN C 390 -4.51 -20.94 4.91
N LEU C 391 -3.82 -22.02 5.31
CA LEU C 391 -4.38 -23.13 6.10
C LEU C 391 -5.43 -23.93 5.34
N GLY C 392 -5.47 -23.77 4.03
CA GLY C 392 -6.46 -24.48 3.23
C GLY C 392 -7.85 -24.33 3.77
N SER C 393 -8.53 -25.45 3.93
CA SER C 393 -9.95 -25.50 4.28
C SER C 393 -10.19 -25.49 5.78
N THR C 394 -9.17 -25.25 6.57
CA THR C 394 -9.33 -25.26 8.01
C THR C 394 -10.35 -24.20 8.44
N PRO C 395 -11.35 -24.57 9.24
CA PRO C 395 -12.26 -23.56 9.77
C PRO C 395 -11.49 -22.36 10.33
N ASN C 396 -12.11 -21.19 10.24
CA ASN C 396 -11.46 -19.93 10.60
C ASN C 396 -12.00 -19.37 11.91
N TYR C 397 -12.52 -20.25 12.75
CA TYR C 397 -12.97 -19.90 14.08
C TYR C 397 -12.65 -21.09 14.97
N LYS C 398 -12.88 -20.93 16.27
CA LYS C 398 -12.71 -22.02 17.22
C LYS C 398 -13.94 -22.92 17.15
N SER C 399 -13.77 -24.12 16.59
CA SER C 399 -14.86 -24.94 16.09
C SER C 399 -14.93 -26.31 16.79
N SER C 400 -16.13 -26.89 16.74
CA SER C 400 -16.38 -28.29 17.10
C SER C 400 -15.92 -29.28 16.03
N PHE C 401 -15.71 -28.80 14.80
CA PHE C 401 -15.37 -29.69 13.66
C PHE C 401 -13.86 -29.88 13.51
N CYS C 402 -13.04 -29.10 14.20
CA CYS C 402 -11.57 -29.26 14.04
C CYS C 402 -10.92 -29.38 15.43
N PRO C 403 -10.30 -30.53 15.78
CA PRO C 403 -9.66 -30.69 17.07
C PRO C 403 -8.33 -29.90 17.14
N PHE C 404 -8.07 -29.32 18.31
CA PHE C 404 -6.84 -28.54 18.55
C PHE C 404 -6.43 -28.70 20.01
N SER C 405 -5.18 -28.37 20.32
CA SER C 405 -4.73 -28.36 21.70
C SER C 405 -4.33 -26.95 22.09
N THR C 406 -4.36 -26.72 23.41
CA THR C 406 -3.76 -25.56 24.03
C THR C 406 -2.88 -26.06 25.16
N GLU C 407 -1.76 -25.38 25.35
CA GLU C 407 -0.89 -25.64 26.48
C GLU C 407 -1.61 -25.27 27.78
N ALA C 408 -0.99 -25.67 28.90
CA ALA C 408 -1.45 -25.25 30.21
C ALA C 408 -0.81 -23.91 30.56
N GLN C 409 -1.54 -23.12 31.36
CA GLN C 409 -1.08 -21.80 31.77
C GLN C 409 -0.09 -21.96 32.93
N ILE C 410 1.09 -21.36 32.79
CA ILE C 410 2.02 -21.15 33.89
C ILE C 410 1.28 -20.40 35.01
N GLN C 411 0.86 -21.12 36.04
CA GLN C 411 0.21 -20.48 37.19
C GLN C 411 1.27 -19.81 38.06
N THR C 412 1.12 -18.51 38.31
CA THR C 412 2.13 -17.78 39.08
C THR C 412 2.18 -18.33 40.50
N ASN C 413 3.38 -18.76 40.89
CA ASN C 413 3.62 -19.35 42.20
C ASN C 413 3.31 -18.36 43.31
N SER C 414 2.66 -18.86 44.37
CA SER C 414 2.39 -18.06 45.57
C SER C 414 3.67 -17.64 46.30
N HIS C 415 4.80 -18.32 46.02
CA HIS C 415 6.12 -17.90 46.49
C HIS C 415 6.51 -16.54 45.89
N THR C 416 6.29 -16.36 44.57
CA THR C 416 6.59 -15.11 43.85
C THR C 416 5.32 -14.58 43.22
N PRO C 417 4.51 -13.82 43.96
CA PRO C 417 3.30 -13.24 43.36
C PRO C 417 3.62 -12.18 42.32
N GLU C 418 2.66 -11.96 41.41
CA GLU C 418 2.72 -10.78 40.56
C GLU C 418 2.64 -9.50 41.39
N GLU C 419 3.15 -8.40 40.83
CA GLU C 419 3.09 -7.08 41.47
C GLU C 419 1.65 -6.70 41.81
N VAL C 420 1.50 -6.10 42.97
CA VAL C 420 0.19 -5.67 43.44
C VAL C 420 -0.17 -4.35 42.76
N LEU C 421 -1.46 -4.16 42.47
CA LEU C 421 -1.90 -2.92 41.84
C LEU C 421 -2.19 -1.86 42.89
N ALA C 422 -2.05 -0.61 42.47
CA ALA C 422 -2.45 0.50 43.32
C ALA C 422 -3.96 0.71 43.19
N ALA C 423 -4.49 1.78 43.81
CA ALA C 423 -5.95 1.95 43.86
C ALA C 423 -6.54 2.26 42.49
N HIS C 424 -5.87 3.11 41.70
CA HIS C 424 -6.49 3.68 40.51
C HIS C 424 -5.51 3.68 39.34
N THR C 425 -6.06 3.68 38.14
CA THR C 425 -5.23 4.00 36.99
C THR C 425 -4.92 5.47 37.01
N GLU C 426 -3.85 5.86 36.32
CA GLU C 426 -3.49 7.27 36.25
C GLU C 426 -2.56 7.56 35.07
N LYS C 427 -2.43 8.84 34.78
CA LYS C 427 -1.46 9.34 33.82
C LYS C 427 -0.21 9.79 34.58
N PHE C 428 0.96 9.47 34.05
CA PHE C 428 2.21 9.86 34.69
C PHE C 428 3.19 10.32 33.63
N HIS C 429 3.89 11.40 33.93
CA HIS C 429 5.05 11.86 33.17
C HIS C 429 6.28 11.72 34.07
N TRP C 430 7.16 10.80 33.70
CA TRP C 430 8.34 10.42 34.47
C TRP C 430 9.57 11.23 34.07
N GLY C 431 9.46 12.53 33.80
CA GLY C 431 10.64 13.25 33.37
C GLY C 431 10.46 14.74 33.38
N GLY C 432 11.37 15.41 32.64
CA GLY C 432 11.44 16.85 32.59
C GLY C 432 12.71 17.36 33.26
N ILE C 433 12.63 18.48 33.97
CA ILE C 433 13.78 19.04 34.68
C ILE C 433 13.94 18.35 36.02
N LEU C 434 15.17 17.91 36.32
CA LEU C 434 15.42 17.13 37.52
C LEU C 434 16.41 17.84 38.43
N ASP C 435 16.34 17.50 39.73
CA ASP C 435 17.23 18.06 40.73
C ASP C 435 18.61 17.41 40.65
N SER C 436 19.66 18.25 40.67
CA SER C 436 21.03 17.74 40.58
C SER C 436 21.35 16.71 41.66
N LYS C 437 20.75 16.85 42.82
CA LYS C 437 21.10 16.00 43.94
C LYS C 437 20.42 14.62 43.88
N SER C 438 19.34 14.50 43.11
CA SER C 438 18.55 13.28 43.07
C SER C 438 19.35 12.12 42.46
N TYR C 439 18.89 10.89 42.75
CA TYR C 439 19.52 9.68 42.26
C TYR C 439 19.50 9.58 40.73
N ASP C 440 18.70 10.40 40.06
CA ASP C 440 18.69 10.37 38.61
C ASP C 440 20.01 10.86 38.03
N PHE C 441 20.82 11.57 38.82
CA PHE C 441 22.17 11.95 38.39
C PHE C 441 23.25 11.13 39.05
N GLU C 442 22.91 10.14 39.86
CA GLU C 442 23.94 9.38 40.53
C GLU C 442 24.62 8.39 39.60
N GLN C 443 23.86 7.65 38.77
CA GLN C 443 24.52 6.69 37.89
C GLN C 443 25.30 7.40 36.78
N PRO C 444 24.87 8.59 36.32
CA PRO C 444 25.77 9.41 35.47
C PRO C 444 27.09 9.78 36.17
N ARG C 445 27.05 10.23 37.43
CA ARG C 445 28.29 10.52 38.13
C ARG C 445 29.19 9.29 38.18
N ALA C 446 28.59 8.10 38.32
CA ALA C 446 29.37 6.87 38.37
C ALA C 446 30.03 6.59 37.03
N LEU C 447 29.33 6.91 35.94
CA LEU C 447 29.88 6.70 34.61
C LEU C 447 31.10 7.61 34.42
N TRP C 448 31.01 8.86 34.87
CA TRP C 448 32.16 9.73 34.89
C TRP C 448 33.35 9.06 35.58
N LYS C 449 33.11 8.47 36.76
CA LYS C 449 34.21 7.83 37.48
C LYS C 449 34.72 6.61 36.71
N VAL C 450 33.86 5.90 36.00
CA VAL C 450 34.34 4.82 35.14
C VAL C 450 35.24 5.41 34.05
N PHE C 451 34.85 6.54 33.43
CA PHE C 451 35.71 7.18 32.44
C PHE C 451 37.09 7.49 33.04
N GLY C 452 37.11 7.93 34.31
CA GLY C 452 38.36 8.33 34.96
C GLY C 452 39.33 7.17 35.15
N LYS C 453 38.80 5.95 35.28
CA LYS C 453 39.69 4.78 35.42
C LYS C 453 40.58 4.56 34.20
N THR C 454 40.36 5.28 33.10
CA THR C 454 41.15 5.08 31.88
C THR C 454 41.61 6.44 31.35
N PRO C 455 42.92 6.65 31.16
CA PRO C 455 43.40 7.99 30.76
C PRO C 455 42.83 8.42 29.42
N GLY C 456 42.35 9.67 29.38
CA GLY C 456 41.82 10.27 28.19
C GLY C 456 40.32 10.11 28.00
N GLN C 457 39.73 9.03 28.52
CA GLN C 457 38.30 8.83 28.32
C GLN C 457 37.49 10.02 28.81
N GLN C 458 37.87 10.61 29.94
CA GLN C 458 37.10 11.75 30.43
C GLN C 458 37.21 12.93 29.48
N ARG C 459 38.44 13.28 29.08
N ARG C 459 38.41 13.29 29.06
CA ARG C 459 38.62 14.42 28.18
CA ARG C 459 38.51 14.46 28.21
C ARG C 459 38.04 14.14 26.81
C ARG C 459 38.02 14.14 26.80
N ASN C 460 38.17 12.89 26.33
CA ASN C 460 37.59 12.49 25.06
C ASN C 460 36.09 12.70 25.09
N PHE C 461 35.46 12.32 26.20
CA PHE C 461 34.03 12.52 26.31
C PHE C 461 33.68 13.98 26.12
N CYS C 462 34.36 14.88 26.82
CA CYS C 462 34.05 16.30 26.75
C CYS C 462 34.30 16.83 25.36
N HIS C 463 35.35 16.34 24.73
CA HIS C 463 35.68 16.78 23.39
C HIS C 463 34.57 16.38 22.41
N ASN C 464 34.13 15.12 22.49
CA ASN C 464 33.05 14.64 21.65
C ASN C 464 31.79 15.50 21.80
N VAL C 465 31.45 15.90 23.03
CA VAL C 465 30.30 16.79 23.21
C VAL C 465 30.56 18.13 22.58
N ALA C 466 31.73 18.73 22.88
CA ALA C 466 32.03 20.10 22.45
C ALA C 466 31.93 20.26 20.94
N VAL C 467 32.52 19.34 20.18
CA VAL C 467 32.51 19.48 18.72
C VAL C 467 31.09 19.42 18.17
N HIS C 468 30.20 18.70 18.85
CA HIS C 468 28.82 18.57 18.42
C HIS C 468 28.00 19.81 18.78
N VAL C 469 28.14 20.26 20.03
CA VAL C 469 27.30 21.32 20.55
C VAL C 469 27.83 22.70 20.16
N ALA C 470 29.09 22.76 19.77
CA ALA C 470 29.61 24.01 19.22
C ALA C 470 28.76 24.50 18.05
N ALA C 471 28.09 23.60 17.32
CA ALA C 471 27.26 24.06 16.19
C ALA C 471 26.00 24.77 16.64
N ALA C 472 25.55 24.59 17.89
CA ALA C 472 24.30 25.18 18.34
C ALA C 472 24.50 26.63 18.77
N ASN C 473 23.39 27.36 18.92
CA ASN C 473 23.48 28.76 19.32
C ASN C 473 23.88 28.87 20.80
N HIS C 474 24.24 30.10 21.19
CA HIS C 474 24.92 30.30 22.48
C HIS C 474 23.98 30.09 23.66
N GLU C 475 22.69 30.32 23.45
CA GLU C 475 21.71 30.05 24.50
C GLU C 475 21.55 28.55 24.72
N ILE C 476 21.53 27.76 23.64
CA ILE C 476 21.50 26.31 23.79
C ILE C 476 22.78 25.83 24.46
N GLN C 477 23.92 26.31 23.99
CA GLN C 477 25.20 25.93 24.58
C GLN C 477 25.21 26.14 26.10
N ASP C 478 24.77 27.32 26.54
CA ASP C 478 24.70 27.61 27.96
C ASP C 478 23.87 26.59 28.71
N ARG C 479 22.66 26.28 28.22
N ARG C 479 22.68 26.27 28.21
CA ARG C 479 21.84 25.25 28.84
CA ARG C 479 21.85 25.26 28.83
C ARG C 479 22.56 23.91 28.90
C ARG C 479 22.55 23.90 28.88
N VAL C 480 23.33 23.58 27.86
CA VAL C 480 24.03 22.31 27.86
C VAL C 480 25.09 22.27 28.95
N PHE C 481 25.76 23.40 29.19
CA PHE C 481 26.82 23.40 30.20
C PHE C 481 26.22 23.15 31.59
N GLU C 482 25.07 23.76 31.89
CA GLU C 482 24.42 23.52 33.18
C GLU C 482 23.97 22.07 33.29
N TYR C 483 23.28 21.61 32.25
CA TYR C 483 22.90 20.21 32.12
C TYR C 483 24.00 19.26 32.58
N PHE C 484 25.15 19.34 31.94
CA PHE C 484 26.23 18.43 32.35
C PHE C 484 26.79 18.78 33.73
N SER C 485 26.71 20.06 34.13
CA SER C 485 27.17 20.47 35.47
C SER C 485 26.39 19.76 36.57
N LYS C 486 25.13 19.39 36.29
CA LYS C 486 24.31 18.70 37.27
C LYS C 486 24.86 17.33 37.62
N VAL C 487 25.72 16.77 36.78
CA VAL C 487 26.41 15.52 37.13
C VAL C 487 27.55 15.94 38.06
N TYR C 488 28.50 16.67 37.50
CA TYR C 488 29.55 17.30 38.25
C TYR C 488 29.82 18.61 37.56
N PRO C 489 30.02 19.70 38.31
CA PRO C 489 30.34 20.97 37.68
C PRO C 489 31.59 20.94 36.81
N GLU C 490 32.57 20.10 37.12
CA GLU C 490 33.80 20.12 36.33
C GLU C 490 33.53 19.68 34.90
N ILE C 491 32.49 18.86 34.68
CA ILE C 491 32.16 18.41 33.32
C ILE C 491 31.61 19.57 32.49
N GLY C 492 30.68 20.34 33.05
CA GLY C 492 30.18 21.48 32.34
C GLY C 492 31.26 22.47 31.99
N ASP C 493 32.25 22.63 32.88
CA ASP C 493 33.29 23.63 32.65
C ASP C 493 34.28 23.16 31.59
N GLN C 494 34.66 21.88 31.65
CA GLN C 494 35.51 21.34 30.62
C GLN C 494 34.88 21.52 29.24
N ILE C 495 33.57 21.25 29.13
CA ILE C 495 32.91 21.37 27.84
C ILE C 495 32.79 22.83 27.43
N ARG C 496 32.45 23.71 28.38
CA ARG C 496 32.35 25.12 28.04
C ARG C 496 33.66 25.65 27.47
N LYS C 497 34.80 25.24 28.05
CA LYS C 497 36.09 25.78 27.63
C LYS C 497 36.36 25.43 26.18
N GLU C 498 36.18 24.16 25.81
CA GLU C 498 36.48 23.76 24.44
C GLU C 498 35.49 24.33 23.46
N VAL C 499 34.23 24.47 23.85
CA VAL C 499 33.26 25.05 22.93
C VAL C 499 33.63 26.49 22.68
N LEU C 500 34.24 27.13 23.66
CA LEU C 500 34.63 28.52 23.45
C LEU C 500 35.79 28.61 22.45
N GLN C 501 36.72 27.66 22.50
CA GLN C 501 37.71 27.56 21.42
C GLN C 501 37.04 27.53 20.06
N LEU C 502 36.03 26.67 19.91
CA LEU C 502 35.35 26.43 18.64
C LEU C 502 34.29 27.48 18.29
N SER C 503 33.73 28.16 19.27
CA SER C 503 32.52 28.98 19.07
C SER C 503 32.71 30.28 19.84
N PRO C 504 33.46 31.22 19.27
CA PRO C 504 33.88 32.39 20.04
C PRO C 504 32.74 33.33 20.41
N ARG C 505 32.98 34.07 21.49
CA ARG C 505 32.07 35.07 22.02
C ARG C 505 32.85 36.35 22.29
N GLY C 506 32.22 37.50 22.05
CA GLY C 506 32.85 38.77 22.35
C GLY C 506 31.94 39.95 22.03
N GLN D 5 -1.71 -36.53 16.38
CA GLN D 5 -1.86 -35.47 17.39
C GLN D 5 -2.46 -34.18 16.81
N PRO D 6 -3.40 -33.56 17.52
CA PRO D 6 -3.99 -32.33 17.01
C PRO D 6 -3.02 -31.16 17.16
N PRO D 7 -3.14 -30.13 16.32
CA PRO D 7 -2.17 -29.03 16.33
C PRO D 7 -2.38 -28.08 17.51
N LYS D 8 -1.28 -27.47 17.93
CA LYS D 8 -1.33 -26.48 19.00
C LYS D 8 -1.74 -25.15 18.43
N TRP D 9 -2.70 -24.50 19.09
CA TRP D 9 -3.07 -23.14 18.71
C TRP D 9 -1.94 -22.20 19.12
N THR D 10 -1.49 -21.34 18.19
CA THR D 10 -0.39 -20.44 18.47
C THR D 10 -0.76 -18.99 18.16
N THR D 11 0.15 -18.10 18.57
CA THR D 11 0.28 -16.77 17.99
C THR D 11 0.96 -16.86 16.62
N SER D 12 1.04 -15.71 15.94
CA SER D 12 1.64 -15.62 14.61
C SER D 12 3.14 -15.89 14.64
N ASN D 13 3.81 -15.59 15.75
CA ASN D 13 5.22 -15.88 15.87
C ASN D 13 5.49 -17.30 16.33
N GLY D 14 4.44 -18.10 16.50
CA GLY D 14 4.60 -19.53 16.77
C GLY D 14 4.60 -19.94 18.23
N ALA D 15 4.34 -19.02 19.14
CA ALA D 15 4.29 -19.35 20.55
C ALA D 15 2.93 -19.99 20.87
N PRO D 16 2.91 -21.15 21.52
CA PRO D 16 1.63 -21.77 21.88
C PRO D 16 0.83 -20.92 22.86
N VAL D 17 -0.47 -20.88 22.68
CA VAL D 17 -1.36 -20.19 23.63
C VAL D 17 -1.93 -21.21 24.62
N SER D 18 -2.21 -20.75 25.83
CA SER D 18 -2.89 -21.59 26.82
C SER D 18 -4.42 -21.51 26.76
N ASP D 19 -4.99 -20.35 26.38
CA ASP D 19 -6.43 -20.13 26.30
C ASP D 19 -6.73 -19.29 25.05
N VAL D 20 -7.72 -19.70 24.24
CA VAL D 20 -7.94 -19.04 22.95
C VAL D 20 -8.69 -17.70 23.07
N PHE D 21 -9.56 -17.53 24.07
CA PHE D 21 -10.40 -16.34 24.18
C PHE D 21 -10.08 -15.39 25.33
N ALA D 22 -9.37 -15.83 26.36
CA ALA D 22 -9.10 -14.96 27.51
C ALA D 22 -8.18 -13.80 27.11
N THR D 23 -8.44 -12.63 27.69
CA THR D 23 -7.65 -11.43 27.40
C THR D 23 -7.28 -10.72 28.70
N GLU D 24 -6.14 -10.02 28.67
CA GLU D 24 -5.59 -9.36 29.86
C GLU D 24 -6.25 -8.03 30.14
N ARG D 25 -6.43 -7.75 31.43
CA ARG D 25 -7.09 -6.55 31.90
C ARG D 25 -6.58 -6.25 33.31
N ALA D 26 -6.58 -4.97 33.65
CA ALA D 26 -6.31 -4.46 34.98
C ALA D 26 -7.64 -4.43 35.74
N THR D 27 -7.98 -5.57 36.33
CA THR D 27 -9.30 -5.84 36.87
C THR D 27 -9.72 -4.81 37.91
N PHE D 28 -10.97 -4.38 37.81
CA PHE D 28 -11.61 -3.57 38.87
C PHE D 28 -12.10 -4.46 40.02
N ASP D 29 -11.94 -3.97 41.25
CA ASP D 29 -12.46 -4.65 42.42
C ASP D 29 -13.99 -4.50 42.47
N ASN D 30 -14.70 -5.57 42.16
CA ASN D 30 -16.15 -5.59 42.28
C ASN D 30 -16.59 -6.66 43.27
N ALA D 31 -15.73 -6.99 44.25
CA ALA D 31 -16.00 -8.09 45.16
C ALA D 31 -17.28 -7.87 45.95
N ASN D 32 -17.58 -6.62 46.26
CA ASN D 32 -18.76 -6.15 46.99
C ASN D 32 -20.01 -6.01 46.13
N HIS D 33 -19.98 -6.28 44.82
CA HIS D 33 -21.14 -5.97 43.99
C HIS D 33 -22.23 -7.03 44.15
N ALA D 34 -23.46 -6.68 43.74
CA ALA D 34 -24.56 -7.65 43.78
C ALA D 34 -24.22 -8.89 42.98
N ASN D 35 -23.49 -8.72 41.88
CA ASN D 35 -23.03 -9.82 41.02
C ASN D 35 -21.53 -9.62 40.82
N ASN D 36 -20.72 -10.35 41.57
CA ASN D 36 -19.29 -10.09 41.63
C ASN D 36 -18.47 -11.03 40.77
N ALA D 37 -19.13 -11.86 39.95
CA ALA D 37 -18.41 -12.81 39.10
C ALA D 37 -17.53 -12.15 38.05
N PRO D 38 -17.95 -11.11 37.34
CA PRO D 38 -17.09 -10.52 36.31
C PRO D 38 -15.74 -10.15 36.86
N LYS D 39 -14.72 -10.31 36.02
CA LYS D 39 -13.38 -9.78 36.24
C LYS D 39 -13.09 -8.85 35.05
N VAL D 40 -13.31 -7.57 35.28
CA VAL D 40 -13.33 -6.59 34.21
C VAL D 40 -12.61 -5.34 34.68
N GLY D 41 -11.78 -4.81 33.79
CA GLY D 41 -11.08 -3.57 33.99
C GLY D 41 -10.45 -3.19 32.66
N PRO D 42 -9.81 -2.04 32.58
CA PRO D 42 -9.25 -1.62 31.29
C PRO D 42 -8.27 -2.62 30.72
N LEU D 43 -8.34 -2.81 29.38
CA LEU D 43 -7.47 -3.76 28.70
C LEU D 43 -6.02 -3.26 28.64
N LEU D 44 -5.08 -4.20 28.56
CA LEU D 44 -3.66 -3.93 28.62
C LEU D 44 -3.02 -3.97 27.23
N LEU D 45 -2.15 -2.99 26.99
CA LEU D 45 -1.41 -2.93 25.72
C LEU D 45 -0.50 -4.15 25.49
N GLN D 46 -0.03 -4.79 26.57
CA GLN D 46 0.83 -5.95 26.47
C GLN D 46 0.12 -7.26 26.07
N ASP D 47 -1.20 -7.25 25.82
CA ASP D 47 -1.90 -8.47 25.41
C ASP D 47 -1.65 -8.76 23.93
N PHE D 48 -0.46 -9.33 23.66
CA PHE D 48 -0.04 -9.54 22.28
C PHE D 48 -1.03 -10.44 21.57
N GLN D 49 -1.45 -11.52 22.22
CA GLN D 49 -2.32 -12.51 21.58
C GLN D 49 -3.59 -11.86 21.04
N LEU D 50 -4.15 -10.90 21.79
CA LEU D 50 -5.34 -10.18 21.35
C LEU D 50 -5.02 -9.24 20.20
N ILE D 51 -3.98 -8.41 20.37
CA ILE D 51 -3.68 -7.34 19.41
C ILE D 51 -3.16 -7.92 18.09
N ASP D 52 -2.27 -8.92 18.17
CA ASP D 52 -1.92 -9.72 17.00
C ASP D 52 -3.16 -10.13 16.20
N SER D 53 -4.13 -10.76 16.87
CA SER D 53 -5.32 -11.28 16.19
C SER D 53 -6.18 -10.15 15.58
N LEU D 54 -6.47 -9.11 16.36
CA LEU D 54 -7.26 -7.98 15.86
C LEU D 54 -6.55 -7.25 14.71
N ALA D 55 -5.23 -7.07 14.82
CA ALA D 55 -4.51 -6.34 13.79
C ALA D 55 -4.46 -7.13 12.50
N HIS D 56 -4.48 -8.47 12.57
CA HIS D 56 -4.58 -9.23 11.34
C HIS D 56 -5.98 -9.13 10.74
N PHE D 57 -7.01 -9.31 11.57
CA PHE D 57 -8.39 -9.14 11.15
C PHE D 57 -8.61 -7.78 10.48
N ASP D 58 -8.04 -6.72 11.07
CA ASP D 58 -8.23 -5.38 10.55
C ASP D 58 -7.69 -5.22 9.13
N ARG D 59 -6.90 -6.18 8.63
CA ARG D 59 -6.22 -6.11 7.34
C ARG D 59 -6.54 -7.30 6.42
N GLU D 60 -7.64 -8.02 6.67
CA GLU D 60 -7.97 -9.17 5.83
C GLU D 60 -8.25 -8.78 4.38
N ARG D 61 -8.80 -7.60 4.15
CA ARG D 61 -9.34 -7.25 2.84
C ARG D 61 -8.27 -6.60 1.96
N ILE D 62 -8.19 -7.07 0.71
CA ILE D 62 -7.42 -6.41 -0.34
C ILE D 62 -8.43 -5.80 -1.28
N PRO D 63 -8.02 -4.93 -2.20
CA PRO D 63 -8.97 -4.38 -3.16
C PRO D 63 -9.61 -5.51 -3.98
N GLU D 64 -10.91 -5.41 -4.22
CA GLU D 64 -11.52 -6.29 -5.18
C GLU D 64 -11.11 -5.87 -6.59
N ARG D 65 -11.16 -6.81 -7.52
CA ARG D 65 -10.90 -6.50 -8.93
C ARG D 65 -11.82 -5.35 -9.36
N VAL D 66 -11.25 -4.40 -10.12
CA VAL D 66 -12.03 -3.24 -10.56
C VAL D 66 -13.23 -3.68 -11.40
N VAL D 67 -13.08 -4.79 -12.15
CA VAL D 67 -14.19 -5.49 -12.81
C VAL D 67 -14.00 -6.99 -12.64
N HIS D 68 -15.08 -7.75 -12.88
CA HIS D 68 -15.05 -9.19 -12.68
C HIS D 68 -14.75 -9.55 -11.22
N ALA D 69 -15.24 -8.72 -10.29
CA ALA D 69 -14.92 -8.92 -8.87
C ALA D 69 -15.50 -10.22 -8.32
N LYS D 70 -16.70 -10.63 -8.75
CA LYS D 70 -17.39 -11.77 -8.17
CA LYS D 70 -17.38 -11.78 -8.16
C LYS D 70 -16.98 -13.02 -8.94
N GLY D 71 -16.39 -14.00 -8.25
CA GLY D 71 -15.89 -15.14 -9.00
C GLY D 71 -15.87 -16.49 -8.32
N ALA D 72 -15.64 -17.50 -9.15
CA ALA D 72 -15.56 -18.88 -8.73
C ALA D 72 -14.50 -19.57 -9.57
N GLY D 73 -13.76 -20.51 -8.97
CA GLY D 73 -12.63 -21.09 -9.67
C GLY D 73 -12.42 -22.55 -9.30
N ALA D 74 -11.60 -23.20 -10.12
CA ALA D 74 -11.29 -24.62 -9.97
C ALA D 74 -10.05 -24.97 -10.77
N PHE D 75 -9.34 -26.00 -10.33
CA PHE D 75 -8.18 -26.52 -11.04
C PHE D 75 -8.56 -27.68 -11.95
N GLY D 76 -7.70 -27.94 -12.91
CA GLY D 76 -7.98 -29.03 -13.81
C GLY D 76 -6.83 -29.42 -14.70
N GLU D 77 -7.18 -29.89 -15.88
CA GLU D 77 -6.23 -30.59 -16.73
C GLU D 77 -6.66 -30.34 -18.16
N PHE D 78 -5.70 -29.96 -19.00
CA PHE D 78 -5.90 -29.82 -20.44
C PHE D 78 -5.17 -30.96 -21.15
N GLU D 79 -5.77 -31.46 -22.21
CA GLU D 79 -5.18 -32.57 -22.95
C GLU D 79 -5.25 -32.26 -24.44
N VAL D 80 -4.14 -32.47 -25.13
CA VAL D 80 -4.12 -32.38 -26.59
C VAL D 80 -4.82 -33.60 -27.18
N THR D 81 -5.75 -33.37 -28.12
CA THR D 81 -6.42 -34.45 -28.82
C THR D 81 -6.15 -34.47 -30.32
N ASP D 82 -5.73 -33.35 -30.90
CA ASP D 82 -5.47 -33.31 -32.33
C ASP D 82 -4.22 -32.46 -32.55
N ASP D 83 -3.57 -32.65 -33.68
CA ASP D 83 -2.28 -32.01 -33.92
C ASP D 83 -2.47 -30.72 -34.71
N ILE D 84 -2.01 -29.61 -34.14
CA ILE D 84 -2.07 -28.34 -34.86
C ILE D 84 -0.69 -27.70 -34.89
N SER D 85 0.36 -28.51 -34.85
CA SER D 85 1.71 -27.96 -34.93
C SER D 85 1.98 -27.31 -36.28
N ASP D 86 1.08 -27.50 -37.24
CA ASP D 86 1.13 -26.74 -38.49
C ASP D 86 0.74 -25.30 -38.26
N VAL D 87 -0.02 -25.02 -37.20
CA VAL D 87 -0.46 -23.68 -36.86
C VAL D 87 0.35 -23.09 -35.72
N CYS D 88 0.77 -23.90 -34.75
CA CYS D 88 1.35 -23.35 -33.53
C CYS D 88 2.38 -24.30 -32.95
N ALA D 89 3.56 -23.77 -32.67
CA ALA D 89 4.68 -24.53 -32.16
C ALA D 89 4.73 -24.58 -30.64
N ALA D 90 3.64 -24.22 -29.94
CA ALA D 90 3.61 -24.30 -28.48
C ALA D 90 3.98 -25.70 -28.01
N LYS D 91 4.96 -25.76 -27.11
CA LYS D 91 5.39 -27.04 -26.58
C LYS D 91 4.24 -27.80 -25.92
N PHE D 92 3.28 -27.10 -25.31
CA PHE D 92 2.23 -27.85 -24.63
C PHE D 92 1.25 -28.49 -25.61
N LEU D 93 1.31 -28.12 -26.89
CA LEU D 93 0.50 -28.71 -27.96
C LEU D 93 1.24 -29.72 -28.81
N ASP D 94 2.53 -29.96 -28.55
CA ASP D 94 3.39 -30.63 -29.53
C ASP D 94 3.24 -32.14 -29.54
N THR D 95 2.43 -32.71 -28.64
CA THR D 95 2.24 -34.15 -28.63
C THR D 95 0.80 -34.52 -28.28
N ILE D 96 0.21 -35.40 -29.08
CA ILE D 96 -1.11 -35.90 -28.75
C ILE D 96 -1.06 -36.59 -27.42
N GLY D 97 -2.05 -36.30 -26.56
CA GLY D 97 -2.16 -36.88 -25.25
C GLY D 97 -1.49 -36.07 -24.15
N LYS D 98 -0.67 -35.10 -24.50
CA LYS D 98 0.04 -34.30 -23.51
C LYS D 98 -0.92 -33.52 -22.62
N LYS D 99 -0.64 -33.54 -21.32
CA LYS D 99 -1.53 -32.93 -20.36
C LYS D 99 -0.86 -31.74 -19.66
N THR D 100 -1.63 -30.69 -19.44
CA THR D 100 -1.17 -29.45 -18.84
C THR D 100 -2.15 -29.11 -17.72
N ARG D 101 -1.62 -28.86 -16.53
CA ARG D 101 -2.44 -28.34 -15.44
C ARG D 101 -2.98 -26.96 -15.80
N ILE D 102 -4.23 -26.72 -15.38
CA ILE D 102 -4.87 -25.43 -15.56
C ILE D 102 -5.54 -25.00 -14.27
N PHE D 103 -5.72 -23.69 -14.16
CA PHE D 103 -6.64 -23.08 -13.22
C PHE D 103 -7.58 -22.16 -13.98
N THR D 104 -8.87 -22.25 -13.66
CA THR D 104 -9.90 -21.42 -14.30
C THR D 104 -10.59 -20.60 -13.24
N ARG D 105 -10.87 -19.34 -13.59
CA ARG D 105 -11.75 -18.49 -12.80
C ARG D 105 -12.88 -17.99 -13.67
N PHE D 106 -14.10 -18.20 -13.21
CA PHE D 106 -15.30 -17.62 -13.81
C PHE D 106 -15.73 -16.39 -13.02
N SER D 107 -16.45 -15.51 -13.67
CA SER D 107 -16.89 -14.31 -12.97
C SER D 107 -17.96 -13.63 -13.79
N THR D 108 -18.73 -12.77 -13.14
CA THR D 108 -19.52 -11.75 -13.84
C THR D 108 -18.62 -10.53 -14.10
N VAL D 109 -19.17 -9.36 -14.45
CA VAL D 109 -18.38 -8.20 -14.86
C VAL D 109 -18.63 -7.01 -13.95
N GLY D 110 -19.90 -6.63 -13.77
CA GLY D 110 -20.26 -5.39 -13.14
C GLY D 110 -20.36 -5.55 -11.65
N GLY D 111 -20.82 -6.74 -11.23
CA GLY D 111 -21.18 -6.91 -9.85
C GLY D 111 -19.96 -6.88 -8.97
N GLU D 112 -20.12 -6.28 -7.80
CA GLU D 112 -19.09 -6.37 -6.78
C GLU D 112 -19.14 -7.73 -6.08
N LYS D 113 -18.22 -7.94 -5.17
N LYS D 113 -18.25 -7.94 -5.11
CA LYS D 113 -18.33 -9.05 -4.23
CA LYS D 113 -18.06 -9.28 -4.53
C LYS D 113 -19.63 -8.93 -3.46
C LYS D 113 -19.33 -9.82 -3.86
N GLY D 114 -20.31 -10.05 -3.29
N GLY D 114 -20.24 -8.95 -3.42
CA GLY D 114 -21.61 -10.07 -2.68
CA GLY D 114 -21.42 -9.41 -2.71
C GLY D 114 -22.77 -9.93 -3.66
C GLY D 114 -22.69 -9.48 -3.56
N SER D 115 -22.52 -9.47 -4.87
CA SER D 115 -23.64 -9.36 -5.80
C SER D 115 -24.09 -10.77 -6.22
N ALA D 116 -25.16 -10.81 -7.00
CA ALA D 116 -25.79 -12.07 -7.39
C ALA D 116 -25.04 -12.76 -8.53
N ASP D 117 -24.81 -14.07 -8.37
CA ASP D 117 -24.20 -14.87 -9.42
C ASP D 117 -25.10 -14.99 -10.65
N SER D 118 -26.40 -14.77 -10.50
CA SER D 118 -27.36 -14.98 -11.59
C SER D 118 -27.66 -13.70 -12.37
N ALA D 119 -26.91 -12.63 -12.13
CA ALA D 119 -27.15 -11.35 -12.78
C ALA D 119 -26.94 -11.43 -14.30
N ARG D 120 -27.66 -10.58 -15.03
CA ARG D 120 -27.38 -10.40 -16.45
C ARG D 120 -26.07 -9.67 -16.60
N ASP D 121 -25.14 -10.28 -17.36
CA ASP D 121 -23.77 -9.82 -17.57
C ASP D 121 -23.04 -10.77 -18.53
N PRO D 122 -22.00 -10.31 -19.20
CA PRO D 122 -21.00 -11.23 -19.72
C PRO D 122 -20.42 -12.03 -18.56
N ARG D 123 -19.84 -13.18 -18.89
CA ARG D 123 -19.14 -14.00 -17.92
C ARG D 123 -17.66 -14.05 -18.27
N GLY D 124 -16.82 -13.77 -17.28
CA GLY D 124 -15.42 -14.10 -17.41
C GLY D 124 -15.20 -15.61 -17.44
N PHE D 125 -14.32 -16.03 -18.35
CA PHE D 125 -13.94 -17.43 -18.50
C PHE D 125 -12.43 -17.43 -18.70
N SER D 126 -11.70 -17.54 -17.60
CA SER D 126 -10.31 -17.15 -17.55
C SER D 126 -9.45 -18.29 -17.02
N THR D 127 -8.40 -18.64 -17.75
CA THR D 127 -7.73 -19.92 -17.60
C THR D 127 -6.23 -19.75 -17.69
N LYS D 128 -5.54 -20.37 -16.76
CA LYS D 128 -4.09 -20.27 -16.65
C LYS D 128 -3.55 -21.65 -16.97
N PHE D 129 -2.68 -21.73 -17.99
CA PHE D 129 -2.04 -22.98 -18.42
C PHE D 129 -0.59 -22.99 -17.93
N TYR D 130 -0.24 -23.98 -17.07
CA TYR D 130 1.10 -24.06 -16.49
C TYR D 130 2.01 -24.86 -17.41
N THR D 131 2.41 -24.24 -18.51
CA THR D 131 3.22 -24.94 -19.52
C THR D 131 4.71 -24.89 -19.17
N GLU D 132 5.49 -25.73 -19.85
CA GLU D 132 6.93 -25.79 -19.65
C GLU D 132 7.65 -24.58 -20.24
N GLU D 133 6.97 -23.79 -21.06
CA GLU D 133 7.50 -22.56 -21.62
C GLU D 133 6.97 -21.32 -20.90
N GLY D 134 6.30 -21.50 -19.78
CA GLY D 134 5.69 -20.36 -19.12
C GLY D 134 4.20 -20.49 -18.86
N ASN D 135 3.70 -19.62 -18.00
CA ASN D 135 2.27 -19.55 -17.75
C ASN D 135 1.60 -18.79 -18.87
N LEU D 136 0.61 -19.42 -19.48
CA LEU D 136 -0.19 -18.83 -20.55
C LEU D 136 -1.57 -18.56 -20.00
N ASP D 137 -2.00 -17.30 -20.03
CA ASP D 137 -3.33 -16.91 -19.58
C ASP D 137 -4.21 -16.70 -20.80
N LEU D 138 -5.34 -17.41 -20.84
CA LEU D 138 -6.38 -17.22 -21.84
C LEU D 138 -7.55 -16.54 -21.14
N VAL D 139 -7.57 -15.23 -21.23
CA VAL D 139 -8.47 -14.40 -20.44
C VAL D 139 -9.66 -14.15 -21.36
N TYR D 140 -10.64 -15.05 -21.30
CA TYR D 140 -11.73 -15.14 -22.26
C TYR D 140 -13.04 -14.70 -21.62
N ASN D 141 -14.03 -14.50 -22.47
CA ASN D 141 -15.40 -14.26 -22.06
C ASN D 141 -16.33 -15.31 -22.67
N ASN D 142 -17.57 -15.32 -22.22
CA ASN D 142 -18.54 -16.29 -22.70
C ASN D 142 -19.28 -15.80 -23.94
N THR D 143 -18.69 -14.87 -24.66
CA THR D 143 -19.23 -14.26 -25.85
C THR D 143 -18.05 -14.05 -26.79
N PRO D 144 -18.23 -14.18 -28.10
CA PRO D 144 -17.12 -13.95 -29.03
C PRO D 144 -16.89 -12.50 -29.37
N ILE D 145 -17.62 -11.57 -28.77
CA ILE D 145 -17.55 -10.16 -29.13
C ILE D 145 -17.56 -9.30 -27.86
N PHE D 146 -17.40 -7.98 -28.03
CA PHE D 146 -17.50 -7.10 -26.88
C PHE D 146 -18.04 -5.74 -27.30
N PHE D 147 -18.20 -4.87 -26.32
CA PHE D 147 -18.95 -3.63 -26.53
C PHE D 147 -18.15 -2.56 -27.25
N ILE D 148 -16.83 -2.71 -27.32
CA ILE D 148 -15.94 -1.65 -27.77
C ILE D 148 -14.89 -2.21 -28.71
N ARG D 149 -14.36 -1.31 -29.55
CA ARG D 149 -13.15 -1.57 -30.30
C ARG D 149 -12.22 -0.37 -30.18
N ASP D 150 -12.44 0.48 -29.18
CA ASP D 150 -11.53 1.56 -28.81
C ASP D 150 -11.18 1.44 -27.33
N PRO D 151 -9.92 1.24 -26.97
CA PRO D 151 -9.58 0.99 -25.55
C PRO D 151 -9.88 2.14 -24.61
N SER D 152 -9.86 3.38 -25.10
CA SER D 152 -10.15 4.51 -24.24
C SER D 152 -11.58 4.50 -23.71
N LYS D 153 -12.46 3.71 -24.32
CA LYS D 153 -13.85 3.72 -23.91
C LYS D 153 -14.13 2.81 -22.72
N PHE D 154 -13.23 1.88 -22.40
CA PHE D 154 -13.52 0.91 -21.35
C PHE D 154 -13.87 1.55 -20.02
N PRO D 155 -13.14 2.54 -19.51
CA PRO D 155 -13.57 3.16 -18.26
C PRO D 155 -14.92 3.88 -18.35
N HIS D 156 -15.18 4.61 -19.43
CA HIS D 156 -16.50 5.18 -19.64
C HIS D 156 -17.58 4.11 -19.58
N PHE D 157 -17.41 3.09 -20.40
CA PHE D 157 -18.41 2.04 -20.47
C PHE D 157 -18.62 1.38 -19.11
N ILE D 158 -17.54 0.92 -18.48
CA ILE D 158 -17.71 0.20 -17.22
C ILE D 158 -18.40 1.08 -16.19
N HIS D 159 -18.06 2.37 -16.14
CA HIS D 159 -18.71 3.26 -15.19
C HIS D 159 -20.22 3.27 -15.39
N THR D 160 -20.68 3.26 -16.66
CA THR D 160 -22.11 3.32 -16.93
C THR D 160 -22.76 1.99 -16.65
N GLN D 161 -21.98 0.92 -16.57
CA GLN D 161 -22.50 -0.38 -16.19
C GLN D 161 -22.54 -0.57 -14.68
N LYS D 162 -21.96 0.34 -13.92
CA LYS D 162 -21.89 0.23 -12.46
C LYS D 162 -22.76 1.33 -11.84
N ARG D 163 -22.30 1.96 -10.77
CA ARG D 163 -23.14 2.83 -9.97
C ARG D 163 -22.95 4.33 -10.24
N ASN D 164 -24.04 5.06 -10.11
CA ASN D 164 -24.01 6.51 -10.22
C ASN D 164 -23.04 7.12 -9.21
N PRO D 165 -22.24 8.13 -9.60
CA PRO D 165 -21.28 8.73 -8.65
C PRO D 165 -21.90 9.36 -7.42
N ALA D 166 -23.13 9.87 -7.48
CA ALA D 166 -23.70 10.54 -6.32
C ALA D 166 -24.52 9.61 -5.41
N THR D 167 -25.38 8.76 -6.00
CA THR D 167 -26.35 7.97 -5.26
C THR D 167 -25.84 6.60 -4.87
N ASN D 168 -24.87 6.07 -5.61
CA ASN D 168 -24.36 4.71 -5.51
C ASN D 168 -25.38 3.68 -5.99
N LEU D 169 -26.38 4.10 -6.74
CA LEU D 169 -27.38 3.24 -7.36
C LEU D 169 -27.06 3.00 -8.84
N LYS D 170 -27.42 1.82 -9.32
CA LYS D 170 -27.43 1.59 -10.76
C LYS D 170 -28.35 2.59 -11.41
N ASP D 171 -28.04 2.95 -12.65
CA ASP D 171 -28.74 4.02 -13.34
C ASP D 171 -28.90 3.64 -14.81
N ALA D 172 -30.13 3.26 -15.16
CA ALA D 172 -30.43 2.87 -16.53
C ALA D 172 -30.22 4.00 -17.50
N ASN D 173 -30.33 5.25 -17.05
CA ASN D 173 -30.10 6.37 -17.95
C ASN D 173 -28.67 6.39 -18.47
N MET D 174 -27.68 6.29 -17.56
CA MET D 174 -26.31 6.35 -18.03
C MET D 174 -25.95 5.08 -18.78
N PHE D 175 -26.55 3.95 -18.38
CA PHE D 175 -26.32 2.66 -19.03
C PHE D 175 -26.64 2.75 -20.52
N TRP D 176 -27.78 3.33 -20.85
CA TRP D 176 -28.22 3.37 -22.23
C TRP D 176 -27.69 4.60 -22.96
N ASP D 177 -27.43 5.69 -22.23
CA ASP D 177 -26.82 6.87 -22.85
C ASP D 177 -25.47 6.52 -23.45
N TYR D 178 -24.66 5.72 -22.75
CA TYR D 178 -23.38 5.33 -23.30
C TYR D 178 -23.58 4.51 -24.57
N LEU D 179 -24.45 3.49 -24.52
CA LEU D 179 -24.56 2.55 -25.62
C LEU D 179 -25.16 3.21 -26.88
N VAL D 180 -26.18 4.04 -26.73
CA VAL D 180 -26.80 4.59 -27.95
C VAL D 180 -25.91 5.65 -28.61
N ASN D 181 -24.92 6.18 -27.89
CA ASN D 181 -24.02 7.15 -28.47
C ASN D 181 -22.72 6.54 -28.96
N ASN D 182 -22.50 5.26 -28.70
CA ASN D 182 -21.34 4.52 -29.15
C ASN D 182 -21.87 3.18 -29.69
N GLN D 183 -22.32 3.20 -30.94
CA GLN D 183 -23.23 2.22 -31.47
C GLN D 183 -22.52 1.02 -32.05
N GLU D 184 -21.18 1.03 -32.10
CA GLU D 184 -20.48 -0.23 -32.32
C GLU D 184 -20.79 -1.22 -31.22
N SER D 185 -21.43 -0.78 -30.14
CA SER D 185 -21.73 -1.65 -29.02
C SER D 185 -22.85 -2.64 -29.29
N ILE D 186 -23.64 -2.47 -30.36
CA ILE D 186 -24.95 -3.14 -30.41
C ILE D 186 -24.79 -4.65 -30.54
N HIS D 187 -23.75 -5.13 -31.23
CA HIS D 187 -23.66 -6.56 -31.42
C HIS D 187 -23.60 -7.28 -30.08
N GLN D 188 -22.72 -6.83 -29.18
CA GLN D 188 -22.61 -7.44 -27.88
C GLN D 188 -23.82 -7.14 -27.03
N VAL D 189 -24.44 -5.99 -27.22
CA VAL D 189 -25.62 -5.68 -26.43
C VAL D 189 -26.73 -6.69 -26.74
N MET D 190 -26.87 -7.07 -28.01
CA MET D 190 -27.87 -8.09 -28.37
C MET D 190 -27.52 -9.44 -27.74
N TYR D 191 -26.26 -9.82 -27.79
CA TYR D 191 -25.81 -11.06 -27.15
C TYR D 191 -26.06 -11.00 -25.63
N LEU D 192 -25.76 -9.86 -25.01
CA LEU D 192 -25.98 -9.69 -23.58
C LEU D 192 -27.44 -9.87 -23.19
N PHE D 193 -28.35 -9.34 -24.00
CA PHE D 193 -29.77 -9.37 -23.66
C PHE D 193 -30.50 -10.56 -24.28
N SER D 194 -29.78 -11.45 -24.96
CA SER D 194 -30.27 -12.80 -25.21
C SER D 194 -30.24 -13.57 -23.90
N ASP D 195 -30.76 -14.80 -23.89
CA ASP D 195 -30.73 -15.51 -22.62
C ASP D 195 -29.34 -15.98 -22.27
N ARG D 196 -28.38 -15.91 -23.19
CA ARG D 196 -26.99 -16.19 -22.85
C ARG D 196 -26.43 -15.21 -21.83
N GLY D 197 -27.11 -14.08 -21.62
CA GLY D 197 -26.72 -13.15 -20.58
C GLY D 197 -26.96 -13.68 -19.20
N THR D 198 -27.76 -14.75 -19.05
CA THR D 198 -28.06 -15.35 -17.76
C THR D 198 -27.90 -16.87 -17.82
N PRO D 199 -26.66 -17.34 -17.95
CA PRO D 199 -26.42 -18.79 -17.96
C PRO D 199 -27.02 -19.50 -16.75
N ALA D 200 -27.37 -20.77 -16.96
CA ALA D 200 -27.96 -21.57 -15.91
C ALA D 200 -26.90 -22.19 -15.01
N SER D 201 -25.66 -22.23 -15.47
CA SER D 201 -24.56 -22.91 -14.79
C SER D 201 -23.29 -22.49 -15.52
N LEU D 202 -22.23 -22.22 -14.75
CA LEU D 202 -20.95 -21.95 -15.37
C LEU D 202 -20.48 -23.15 -16.17
N ARG D 203 -20.98 -24.33 -15.88
CA ARG D 203 -20.59 -25.52 -16.58
C ARG D 203 -21.26 -25.63 -17.92
N LYS D 204 -22.25 -24.81 -18.14
CA LYS D 204 -23.04 -24.86 -19.35
C LYS D 204 -23.01 -23.60 -20.20
N MET D 205 -21.82 -23.09 -20.37
CA MET D 205 -21.56 -21.96 -21.20
C MET D 205 -20.28 -22.17 -21.98
N ASN D 206 -20.14 -21.43 -23.06
CA ASN D 206 -18.94 -21.50 -23.87
C ASN D 206 -17.96 -20.42 -23.43
N GLY D 207 -16.74 -20.51 -23.96
CA GLY D 207 -15.78 -19.43 -23.84
C GLY D 207 -15.18 -19.14 -25.21
N TYR D 208 -14.69 -17.91 -25.35
CA TYR D 208 -14.22 -17.40 -26.65
C TYR D 208 -13.09 -16.39 -26.47
N SER D 209 -12.04 -16.54 -27.29
CA SER D 209 -10.98 -15.54 -27.27
C SER D 209 -11.55 -14.15 -27.54
N GLY D 210 -12.56 -14.05 -28.39
CA GLY D 210 -13.09 -12.74 -28.80
C GLY D 210 -12.12 -12.03 -29.72
N HIS D 211 -10.97 -11.63 -29.20
CA HIS D 211 -9.95 -11.06 -30.06
C HIS D 211 -9.36 -12.10 -31.00
N THR D 212 -8.88 -11.63 -32.13
CA THR D 212 -7.93 -12.37 -32.94
C THR D 212 -6.55 -12.38 -32.29
N TYR D 213 -5.90 -13.54 -32.27
CA TYR D 213 -4.48 -13.67 -31.94
C TYR D 213 -3.68 -14.13 -33.16
N LYS D 214 -2.35 -14.07 -33.05
CA LYS D 214 -1.44 -14.56 -34.09
C LYS D 214 -0.63 -15.71 -33.52
N TRP D 215 -0.72 -16.88 -34.16
CA TRP D 215 -0.01 -18.07 -33.73
C TRP D 215 1.01 -18.49 -34.79
N TYR D 216 2.22 -18.84 -34.34
CA TYR D 216 3.36 -19.12 -35.19
C TYR D 216 3.73 -20.59 -35.06
N ASN D 217 4.10 -21.21 -36.19
CA ASN D 217 4.62 -22.57 -36.18
C ASN D 217 6.13 -22.53 -36.19
N LYS D 218 6.76 -23.72 -36.27
CA LYS D 218 8.22 -23.81 -36.17
C LYS D 218 8.95 -23.18 -37.36
N LYS D 219 8.29 -22.97 -38.50
CA LYS D 219 8.92 -22.34 -39.64
C LYS D 219 8.80 -20.81 -39.63
N GLY D 220 8.18 -20.25 -38.59
CA GLY D 220 7.93 -18.83 -38.56
C GLY D 220 6.72 -18.37 -39.33
N GLU D 221 5.88 -19.30 -39.78
CA GLU D 221 4.63 -18.94 -40.47
C GLU D 221 3.52 -18.71 -39.47
N TRP D 222 2.76 -17.65 -39.67
CA TRP D 222 1.73 -17.26 -38.72
C TRP D 222 0.40 -17.11 -39.44
N VAL D 223 -0.66 -17.40 -38.71
CA VAL D 223 -2.03 -17.18 -39.13
C VAL D 223 -2.72 -16.38 -38.04
N TYR D 224 -3.82 -15.71 -38.40
CA TYR D 224 -4.76 -15.19 -37.43
C TYR D 224 -5.58 -16.35 -36.86
N VAL D 225 -5.85 -16.29 -35.55
CA VAL D 225 -6.53 -17.34 -34.83
C VAL D 225 -7.68 -16.75 -34.03
N GLN D 226 -8.78 -17.50 -33.96
CA GLN D 226 -9.84 -17.30 -32.99
C GLN D 226 -10.04 -18.62 -32.25
N VAL D 227 -10.22 -18.55 -30.94
CA VAL D 227 -10.31 -19.72 -30.10
C VAL D 227 -11.72 -19.86 -29.56
N HIS D 228 -12.25 -21.09 -29.60
CA HIS D 228 -13.59 -21.39 -29.09
C HIS D 228 -13.52 -22.56 -28.12
N PHE D 229 -14.06 -22.38 -26.92
CA PHE D 229 -14.19 -23.45 -25.93
C PHE D 229 -15.66 -23.80 -25.77
N LYS D 230 -16.08 -24.97 -26.23
CA LYS D 230 -17.51 -25.29 -26.22
C LYS D 230 -17.82 -26.29 -25.11
N SER D 231 -18.75 -25.92 -24.23
CA SER D 231 -19.08 -26.76 -23.09
C SER D 231 -19.65 -28.07 -23.58
N ASP D 232 -19.13 -29.16 -23.02
CA ASP D 232 -19.61 -30.51 -23.31
C ASP D 232 -21.03 -30.74 -22.81
N LEU D 233 -21.55 -29.89 -21.93
CA LEU D 233 -22.96 -29.93 -21.57
C LEU D 233 -23.83 -29.01 -22.42
N GLY D 234 -23.28 -28.26 -23.36
CA GLY D 234 -24.04 -27.33 -24.15
C GLY D 234 -24.34 -26.03 -23.41
N VAL D 235 -24.91 -25.09 -24.14
CA VAL D 235 -25.27 -23.79 -23.61
C VAL D 235 -26.69 -23.88 -23.06
N VAL D 236 -26.82 -23.67 -21.76
CA VAL D 236 -28.09 -23.76 -21.07
C VAL D 236 -28.28 -22.50 -20.25
N ASN D 237 -29.41 -21.83 -20.45
CA ASN D 237 -29.65 -20.51 -19.90
C ASN D 237 -30.90 -20.51 -19.02
N PHE D 238 -30.93 -19.59 -18.07
CA PHE D 238 -32.15 -19.15 -17.42
C PHE D 238 -32.86 -18.09 -18.26
N ASN D 239 -34.14 -17.88 -17.97
CA ASN D 239 -34.81 -16.71 -18.51
C ASN D 239 -34.71 -15.58 -17.49
N ASN D 240 -35.18 -14.39 -17.88
CA ASN D 240 -34.93 -13.21 -17.06
C ASN D 240 -35.56 -13.37 -15.69
N GLU D 241 -36.76 -13.92 -15.63
CA GLU D 241 -37.47 -14.03 -14.36
C GLU D 241 -36.79 -15.03 -13.46
N GLU D 242 -36.35 -16.16 -14.03
CA GLU D 242 -35.60 -17.15 -13.24
C GLU D 242 -34.33 -16.52 -12.66
N ALA D 243 -33.52 -15.86 -13.51
CA ALA D 243 -32.31 -15.20 -13.06
C ALA D 243 -32.57 -14.30 -11.88
N GLY D 244 -33.58 -13.44 -12.01
CA GLY D 244 -33.87 -12.47 -10.96
C GLY D 244 -34.38 -13.10 -9.67
N LYS D 245 -35.25 -14.10 -9.78
CA LYS D 245 -35.78 -14.75 -8.59
C LYS D 245 -34.65 -15.42 -7.81
N LEU D 246 -33.71 -16.01 -8.55
CA LEU D 246 -32.59 -16.71 -7.95
C LEU D 246 -31.62 -15.73 -7.28
N ALA D 247 -31.56 -14.49 -7.75
CA ALA D 247 -30.69 -13.49 -7.14
C ALA D 247 -31.03 -13.27 -5.68
N GLY D 248 -32.29 -13.45 -5.30
CA GLY D 248 -32.71 -13.21 -3.93
C GLY D 248 -32.65 -14.47 -3.09
N GLU D 249 -32.93 -15.59 -3.74
CA GLU D 249 -32.91 -16.87 -3.05
C GLU D 249 -31.49 -17.34 -2.80
N ASP D 250 -30.64 -17.37 -3.83
CA ASP D 250 -29.27 -17.85 -3.69
C ASP D 250 -28.34 -17.01 -4.55
N PRO D 251 -27.83 -15.90 -4.03
CA PRO D 251 -26.92 -15.08 -4.82
C PRO D 251 -25.59 -15.75 -5.12
N ASP D 252 -25.31 -16.91 -4.52
CA ASP D 252 -24.08 -17.65 -4.77
C ASP D 252 -24.35 -18.98 -5.49
N TYR D 253 -25.43 -19.03 -6.27
CA TYR D 253 -25.84 -20.27 -6.90
C TYR D 253 -24.77 -20.86 -7.82
N HIS D 254 -24.23 -20.06 -8.76
CA HIS D 254 -23.26 -20.60 -9.73
C HIS D 254 -22.00 -21.08 -9.03
N THR D 255 -21.56 -20.37 -7.98
CA THR D 255 -20.42 -20.82 -7.21
C THR D 255 -20.65 -22.20 -6.60
N GLY D 256 -21.79 -22.38 -5.94
CA GLY D 256 -22.11 -23.67 -5.37
C GLY D 256 -22.30 -24.74 -6.44
N ASP D 257 -22.91 -24.37 -7.56
CA ASP D 257 -23.13 -25.35 -8.62
C ASP D 257 -21.81 -25.93 -9.10
N LEU D 258 -20.81 -25.08 -9.38
CA LEU D 258 -19.51 -25.60 -9.80
C LEU D 258 -18.85 -26.44 -8.71
N PHE D 259 -18.82 -25.94 -7.48
CA PHE D 259 -18.16 -26.65 -6.38
C PHE D 259 -18.76 -28.04 -6.18
N ASN D 260 -20.08 -28.12 -6.11
CA ASN D 260 -20.72 -29.41 -5.80
C ASN D 260 -20.57 -30.38 -6.94
N ALA D 261 -20.73 -29.91 -8.17
CA ALA D 261 -20.44 -30.77 -9.31
C ALA D 261 -19.08 -31.43 -9.16
N ILE D 262 -18.06 -30.65 -8.83
CA ILE D 262 -16.74 -31.24 -8.71
C ILE D 262 -16.68 -32.13 -7.48
N GLU D 263 -17.26 -31.67 -6.39
CA GLU D 263 -17.19 -32.43 -5.14
C GLU D 263 -17.76 -33.83 -5.33
N ARG D 264 -18.80 -33.94 -6.13
CA ARG D 264 -19.42 -35.23 -6.29
C ARG D 264 -18.92 -35.99 -7.52
N GLY D 265 -17.85 -35.52 -8.16
CA GLY D 265 -17.22 -36.26 -9.26
C GLY D 265 -17.79 -36.02 -10.64
N GLU D 266 -18.73 -35.08 -10.78
CA GLU D 266 -19.32 -34.72 -12.08
C GLU D 266 -18.53 -33.56 -12.70
N TYR D 267 -17.31 -33.89 -13.13
CA TYR D 267 -16.36 -32.87 -13.56
C TYR D 267 -16.76 -32.23 -14.89
N PRO D 268 -16.91 -30.90 -14.96
CA PRO D 268 -17.29 -30.27 -16.22
C PRO D 268 -16.12 -30.27 -17.19
N SER D 269 -16.44 -30.31 -18.48
CA SER D 269 -15.40 -30.33 -19.49
C SER D 269 -15.80 -29.48 -20.69
N TRP D 270 -14.79 -29.13 -21.48
CA TRP D 270 -14.99 -28.26 -22.63
C TRP D 270 -14.15 -28.83 -23.76
N THR D 271 -14.63 -28.69 -24.99
CA THR D 271 -13.86 -29.05 -26.17
C THR D 271 -13.37 -27.76 -26.82
N CYS D 272 -12.10 -27.78 -27.27
CA CYS D 272 -11.37 -26.59 -27.66
C CYS D 272 -11.14 -26.60 -29.16
N TYR D 273 -11.54 -25.51 -29.82
CA TYR D 273 -11.41 -25.35 -31.27
C TYR D 273 -10.76 -24.03 -31.63
N ILE D 274 -10.26 -23.96 -32.86
CA ILE D 274 -9.77 -22.71 -33.44
C ILE D 274 -10.39 -22.53 -34.81
N GLN D 275 -10.56 -21.26 -35.18
CA GLN D 275 -10.70 -20.78 -36.54
C GLN D 275 -9.37 -20.15 -36.93
N THR D 276 -9.01 -20.23 -38.21
CA THR D 276 -7.77 -19.64 -38.68
C THR D 276 -7.95 -18.99 -40.05
N MET D 277 -7.21 -17.91 -40.28
CA MET D 277 -7.18 -17.32 -41.61
C MET D 277 -5.85 -16.64 -41.83
N THR D 278 -5.43 -16.61 -43.08
CA THR D 278 -4.16 -15.97 -43.48
C THR D 278 -4.39 -14.48 -43.64
N GLN D 279 -3.31 -13.73 -43.81
CA GLN D 279 -3.39 -12.27 -44.04
C GLN D 279 -4.11 -12.02 -45.37
N GLU D 280 -3.83 -12.86 -46.37
CA GLU D 280 -4.47 -12.80 -47.69
C GLU D 280 -5.99 -12.93 -47.51
N GLN D 281 -6.45 -13.90 -46.73
CA GLN D 281 -7.90 -14.07 -46.54
C GLN D 281 -8.49 -12.87 -45.78
N ALA D 282 -7.79 -12.38 -44.77
CA ALA D 282 -8.28 -11.25 -43.98
C ALA D 282 -8.54 -10.04 -44.85
N ALA D 283 -7.68 -9.80 -45.83
CA ALA D 283 -7.87 -8.66 -46.71
C ALA D 283 -9.10 -8.77 -47.60
N LYS D 284 -9.73 -9.94 -47.70
CA LYS D 284 -10.93 -10.10 -48.50
C LYS D 284 -12.23 -9.92 -47.71
N GLN D 285 -12.16 -9.80 -46.39
CA GLN D 285 -13.37 -9.89 -45.57
C GLN D 285 -14.03 -8.53 -45.40
N PRO D 286 -15.34 -8.50 -45.16
CA PRO D 286 -16.03 -7.22 -44.94
C PRO D 286 -15.77 -6.63 -43.55
N PHE D 287 -15.07 -7.36 -42.68
CA PHE D 287 -14.75 -6.92 -41.34
C PHE D 287 -13.25 -6.99 -41.15
N SER D 288 -12.76 -6.24 -40.19
CA SER D 288 -11.37 -6.31 -39.80
C SER D 288 -11.20 -7.43 -38.78
N VAL D 289 -10.12 -8.21 -38.93
CA VAL D 289 -9.82 -9.19 -37.92
C VAL D 289 -9.44 -8.53 -36.61
N PHE D 290 -9.21 -7.23 -36.65
CA PHE D 290 -8.84 -6.45 -35.48
C PHE D 290 -10.06 -5.90 -34.76
N ASP D 291 -11.27 -6.23 -35.23
CA ASP D 291 -12.51 -5.65 -34.73
C ASP D 291 -13.15 -6.64 -33.77
N LEU D 292 -13.18 -6.26 -32.49
CA LEU D 292 -13.72 -7.09 -31.42
C LEU D 292 -15.24 -7.15 -31.40
N THR D 293 -15.94 -6.30 -32.18
CA THR D 293 -17.40 -6.35 -32.28
C THR D 293 -17.86 -7.29 -33.40
N LYS D 294 -16.94 -8.10 -33.95
CA LYS D 294 -17.22 -8.96 -35.08
C LYS D 294 -16.85 -10.40 -34.74
N VAL D 295 -17.52 -11.34 -35.40
CA VAL D 295 -17.08 -12.72 -35.41
C VAL D 295 -16.64 -13.11 -36.82
N TRP D 296 -16.05 -14.30 -36.93
CA TRP D 296 -15.77 -14.91 -38.20
C TRP D 296 -16.90 -15.89 -38.51
N PRO D 297 -17.64 -15.73 -39.62
CA PRO D 297 -18.74 -16.65 -39.92
C PRO D 297 -18.26 -18.09 -40.04
N HIS D 298 -19.02 -19.00 -39.42
CA HIS D 298 -18.60 -20.41 -39.35
C HIS D 298 -18.46 -21.06 -40.74
N LYS D 299 -19.33 -20.68 -41.68
CA LYS D 299 -19.31 -21.28 -43.01
C LYS D 299 -18.01 -21.00 -43.74
N ASP D 300 -17.49 -19.79 -43.61
CA ASP D 300 -16.22 -19.43 -44.23
C ASP D 300 -15.01 -19.86 -43.41
N PHE D 301 -15.15 -20.03 -42.09
CA PHE D 301 -14.02 -20.31 -41.20
C PHE D 301 -14.49 -21.35 -40.20
N PRO D 302 -14.44 -22.62 -40.58
CA PRO D 302 -14.96 -23.66 -39.70
C PRO D 302 -14.03 -23.94 -38.54
N LEU D 303 -14.66 -24.41 -37.46
CA LEU D 303 -13.97 -24.77 -36.24
C LEU D 303 -13.11 -26.01 -36.45
N ARG D 304 -11.91 -25.98 -35.91
CA ARG D 304 -10.96 -27.09 -35.98
C ARG D 304 -10.59 -27.49 -34.56
N ARG D 305 -10.86 -28.74 -34.21
CA ARG D 305 -10.67 -29.19 -32.84
C ARG D 305 -9.20 -29.45 -32.58
N PHE D 306 -8.75 -29.15 -31.35
CA PHE D 306 -7.37 -29.46 -30.98
C PHE D 306 -7.17 -29.98 -29.58
N GLY D 307 -8.08 -29.78 -28.65
CA GLY D 307 -7.91 -30.36 -27.35
C GLY D 307 -9.17 -30.26 -26.54
N LYS D 308 -9.02 -30.46 -25.24
CA LYS D 308 -10.14 -30.44 -24.32
C LYS D 308 -9.59 -30.19 -22.94
N PHE D 309 -10.45 -29.69 -22.04
CA PHE D 309 -10.03 -29.61 -20.65
C PHE D 309 -11.19 -29.86 -19.71
N THR D 310 -10.82 -30.23 -18.50
CA THR D 310 -11.72 -30.68 -17.45
C THR D 310 -11.33 -29.96 -16.17
N LEU D 311 -12.32 -29.44 -15.44
CA LEU D 311 -12.09 -28.93 -14.08
C LEU D 311 -12.49 -30.02 -13.11
N ASN D 312 -11.52 -30.51 -12.34
CA ASN D 312 -11.70 -31.71 -11.54
C ASN D 312 -11.18 -31.56 -10.10
N GLU D 313 -10.85 -30.33 -9.67
CA GLU D 313 -10.30 -30.12 -8.33
C GLU D 313 -10.73 -28.76 -7.81
N ASN D 314 -11.41 -28.76 -6.71
CA ASN D 314 -11.80 -27.52 -6.09
C ASN D 314 -10.62 -26.88 -5.35
N PRO D 315 -10.62 -25.56 -5.22
CA PRO D 315 -9.64 -24.91 -4.35
C PRO D 315 -9.81 -25.36 -2.92
N LYS D 316 -8.70 -25.37 -2.20
CA LYS D 316 -8.67 -25.63 -0.77
C LYS D 316 -8.95 -24.36 0.04
N ASN D 317 -8.48 -23.20 -0.41
CA ASN D 317 -8.77 -21.93 0.24
C ASN D 317 -9.12 -20.90 -0.84
N TYR D 318 -10.35 -20.37 -0.78
CA TYR D 318 -10.85 -19.49 -1.82
C TYR D 318 -10.02 -18.22 -1.95
N PHE D 319 -9.71 -17.58 -0.82
CA PHE D 319 -8.96 -16.33 -0.90
C PHE D 319 -7.58 -16.56 -1.53
N ALA D 320 -6.90 -17.61 -1.12
CA ALA D 320 -5.51 -17.73 -1.49
C ALA D 320 -5.36 -18.14 -2.93
N GLU D 321 -6.30 -18.93 -3.45
CA GLU D 321 -6.21 -19.45 -4.80
C GLU D 321 -7.14 -18.75 -5.80
N VAL D 322 -8.34 -18.35 -5.42
CA VAL D 322 -9.26 -17.71 -6.34
C VAL D 322 -9.15 -16.18 -6.26
N GLU D 323 -9.34 -15.59 -5.07
CA GLU D 323 -9.29 -14.14 -4.97
C GLU D 323 -7.93 -13.59 -5.43
N GLN D 324 -6.82 -14.28 -5.10
CA GLN D 324 -5.49 -13.86 -5.47
C GLN D 324 -5.03 -14.35 -6.85
N ALA D 325 -5.83 -15.14 -7.56
CA ALA D 325 -5.46 -15.50 -8.92
C ALA D 325 -5.31 -14.23 -9.77
N ALA D 326 -4.27 -14.20 -10.59
CA ALA D 326 -4.02 -13.08 -11.46
C ALA D 326 -3.81 -13.59 -12.87
N PHE D 327 -4.62 -13.09 -13.80
CA PHE D 327 -4.48 -13.43 -15.21
C PHE D 327 -4.20 -12.19 -16.03
N SER D 328 -3.45 -12.37 -17.13
CA SER D 328 -3.20 -11.28 -18.05
C SER D 328 -3.01 -11.78 -19.47
N PRO D 329 -3.62 -11.13 -20.47
CA PRO D 329 -3.38 -11.56 -21.85
C PRO D 329 -1.93 -11.47 -22.26
N SER D 330 -1.13 -10.61 -21.62
CA SER D 330 0.27 -10.52 -21.99
C SER D 330 1.16 -11.60 -21.37
N HIS D 331 0.63 -12.44 -20.49
CA HIS D 331 1.29 -13.69 -20.08
C HIS D 331 1.06 -14.70 -21.18
N THR D 332 2.06 -14.89 -22.04
CA THR D 332 1.92 -15.81 -23.14
C THR D 332 3.22 -16.58 -23.30
N ILE D 333 3.28 -17.34 -24.38
CA ILE D 333 4.45 -18.12 -24.72
C ILE D 333 4.87 -17.69 -26.12
N PRO D 334 6.10 -17.97 -26.50
CA PRO D 334 6.64 -17.33 -27.72
C PRO D 334 5.86 -17.58 -29.00
N SER D 335 5.20 -18.71 -29.13
CA SER D 335 4.50 -18.98 -30.39
C SER D 335 3.09 -18.40 -30.42
N MET D 336 2.63 -17.75 -29.37
CA MET D 336 1.29 -17.17 -29.35
C MET D 336 1.41 -15.68 -29.07
N GLN D 337 1.12 -14.87 -30.07
CA GLN D 337 1.30 -13.44 -29.98
C GLN D 337 -0.04 -12.73 -30.12
N PRO D 338 -0.15 -11.50 -29.63
CA PRO D 338 -1.39 -10.72 -29.84
C PRO D 338 -1.44 -10.07 -31.22
N SER D 339 -2.67 -9.90 -31.70
CA SER D 339 -2.93 -9.12 -32.90
C SER D 339 -2.97 -7.63 -32.54
N ALA D 340 -3.15 -6.78 -33.54
CA ALA D 340 -3.26 -5.34 -33.31
C ALA D 340 -4.68 -4.88 -32.94
N ASP D 341 -5.59 -5.80 -32.64
CA ASP D 341 -6.84 -5.45 -31.99
C ASP D 341 -6.54 -4.37 -30.96
N PRO D 342 -7.05 -3.16 -31.15
CA PRO D 342 -6.76 -2.08 -30.18
C PRO D 342 -7.16 -2.38 -28.75
N VAL D 343 -8.29 -3.08 -28.56
CA VAL D 343 -8.72 -3.44 -27.20
C VAL D 343 -7.73 -4.41 -26.58
N LEU D 344 -7.38 -5.46 -27.33
CA LEU D 344 -6.42 -6.43 -26.81
C LEU D 344 -5.10 -5.74 -26.45
N GLN D 345 -4.63 -4.83 -27.31
CA GLN D 345 -3.36 -4.20 -27.05
C GLN D 345 -3.35 -3.52 -25.70
N SER D 346 -4.41 -2.77 -25.39
CA SER D 346 -4.45 -2.05 -24.13
C SER D 346 -4.55 -3.01 -22.95
N ARG D 347 -5.16 -4.17 -23.17
CA ARG D 347 -5.23 -5.17 -22.11
C ARG D 347 -3.85 -5.70 -21.76
N LEU D 348 -2.87 -5.62 -22.67
CA LEU D 348 -1.53 -6.13 -22.34
C LEU D 348 -0.87 -5.29 -21.26
N PHE D 349 -1.14 -3.99 -21.24
CA PHE D 349 -0.64 -3.14 -20.18
C PHE D 349 -1.51 -3.26 -18.93
N SER D 350 -2.82 -3.26 -19.11
CA SER D 350 -3.75 -2.93 -18.04
C SER D 350 -3.82 -4.02 -16.97
N TYR D 351 -3.70 -5.31 -17.36
CA TYR D 351 -3.86 -6.35 -16.35
C TYR D 351 -2.68 -6.41 -15.39
N PRO D 352 -1.43 -6.44 -15.85
CA PRO D 352 -0.32 -6.38 -14.88
C PRO D 352 -0.33 -5.09 -14.07
N ASP D 353 -0.77 -3.99 -14.70
CA ASP D 353 -0.83 -2.72 -13.99
C ASP D 353 -1.73 -2.82 -12.77
N THR D 354 -2.95 -3.35 -12.95
CA THR D 354 -3.87 -3.50 -11.83
C THR D 354 -3.41 -4.61 -10.88
N HIS D 355 -2.75 -5.66 -11.40
CA HIS D 355 -2.28 -6.72 -10.52
C HIS D 355 -1.33 -6.18 -9.45
N ARG D 356 -0.41 -5.30 -9.85
CA ARG D 356 0.54 -4.74 -8.90
C ARG D 356 -0.16 -3.87 -7.86
N HIS D 357 -1.24 -3.18 -8.24
CA HIS D 357 -2.04 -2.43 -7.28
C HIS D 357 -2.81 -3.34 -6.36
N ARG D 358 -3.46 -4.35 -6.93
CA ARG D 358 -4.38 -5.20 -6.18
C ARG D 358 -3.65 -6.18 -5.27
N LEU D 359 -2.54 -6.76 -5.76
CA LEU D 359 -1.86 -7.85 -5.07
C LEU D 359 -0.42 -7.55 -4.65
N GLY D 360 0.22 -6.53 -5.22
CA GLY D 360 1.62 -6.24 -4.98
C GLY D 360 2.47 -6.60 -6.18
N VAL D 361 3.65 -5.98 -6.24
CA VAL D 361 4.56 -6.14 -7.38
C VAL D 361 4.98 -7.58 -7.57
N ASN D 362 5.10 -8.35 -6.47
CA ASN D 362 5.57 -9.72 -6.52
C ASN D 362 4.42 -10.73 -6.50
N TYR D 363 3.31 -10.40 -7.15
CA TYR D 363 2.16 -11.28 -7.10
C TYR D 363 2.39 -12.60 -7.82
N GLN D 364 3.38 -12.67 -8.71
CA GLN D 364 3.61 -13.95 -9.36
C GLN D 364 4.35 -14.93 -8.45
N GLN D 365 4.67 -14.54 -7.22
CA GLN D 365 5.19 -15.48 -6.24
C GLN D 365 4.10 -16.06 -5.36
N ILE D 366 2.87 -15.60 -5.54
CA ILE D 366 1.74 -16.27 -4.89
C ILE D 366 1.55 -17.64 -5.54
N PRO D 367 1.42 -18.72 -4.79
CA PRO D 367 1.40 -20.06 -5.37
C PRO D 367 0.51 -20.26 -6.60
N VAL D 368 -0.75 -19.84 -6.58
CA VAL D 368 -1.60 -20.07 -7.75
C VAL D 368 -1.05 -19.37 -9.00
N ASN D 369 -0.24 -18.34 -8.83
CA ASN D 369 0.30 -17.59 -9.96
C ASN D 369 1.70 -18.02 -10.36
N CYS D 370 2.35 -18.87 -9.57
N CYS D 370 2.35 -18.88 -9.57
CA CYS D 370 3.73 -19.23 -9.84
CA CYS D 370 3.76 -19.19 -9.82
C CYS D 370 3.79 -20.01 -11.15
C CYS D 370 3.87 -20.05 -11.07
N PRO D 371 4.77 -19.73 -12.01
CA PRO D 371 4.98 -20.62 -13.15
C PRO D 371 5.58 -21.91 -12.66
N VAL D 372 5.35 -22.97 -13.42
CA VAL D 372 6.07 -24.22 -13.19
C VAL D 372 7.30 -24.29 -14.08
N ALA D 373 7.32 -23.53 -15.16
CA ALA D 373 8.57 -23.33 -15.87
C ALA D 373 9.56 -22.60 -14.98
N PRO D 374 10.86 -22.88 -15.10
CA PRO D 374 11.86 -22.12 -14.34
C PRO D 374 11.90 -20.65 -14.77
N VAL D 375 11.75 -19.76 -13.79
CA VAL D 375 11.77 -18.31 -13.99
C VAL D 375 13.16 -17.79 -13.63
N PHE D 376 13.71 -16.94 -14.48
CA PHE D 376 15.06 -16.42 -14.25
C PHE D 376 15.11 -15.00 -14.79
N THR D 377 14.95 -14.03 -13.89
CA THR D 377 14.93 -12.60 -14.26
C THR D 377 15.89 -11.85 -13.34
N PRO D 378 17.19 -11.98 -13.59
CA PRO D 378 18.18 -11.33 -12.73
C PRO D 378 18.00 -9.84 -12.56
N GLN D 379 17.50 -9.13 -13.58
CA GLN D 379 17.35 -7.68 -13.49
C GLN D 379 16.10 -7.25 -12.77
N MET D 380 15.20 -8.18 -12.45
CA MET D 380 13.99 -7.90 -11.68
C MET D 380 14.13 -8.47 -10.27
N ARG D 381 14.25 -7.58 -9.28
CA ARG D 381 14.59 -7.98 -7.91
C ARG D 381 13.90 -7.08 -6.88
N ASP D 382 13.92 -7.56 -5.64
CA ASP D 382 13.41 -6.81 -4.49
C ASP D 382 11.92 -6.56 -4.67
N GLY D 383 11.45 -5.46 -4.11
CA GLY D 383 10.04 -5.18 -4.03
C GLY D 383 9.36 -5.86 -2.84
N SER D 384 8.16 -5.38 -2.55
CA SER D 384 7.44 -5.78 -1.36
C SER D 384 7.14 -7.27 -1.38
N MET D 385 7.32 -7.92 -0.21
CA MET D 385 7.00 -9.33 0.02
C MET D 385 7.69 -10.24 -0.99
N THR D 386 9.01 -10.11 -1.06
CA THR D 386 9.85 -11.03 -1.82
C THR D 386 10.00 -12.29 -1.00
N VAL D 387 9.44 -13.40 -1.49
CA VAL D 387 9.32 -14.62 -0.71
C VAL D 387 10.01 -15.82 -1.37
N ASN D 388 10.56 -15.68 -2.58
CA ASN D 388 11.13 -16.79 -3.33
C ASN D 388 12.65 -16.86 -3.29
N GLY D 389 13.31 -16.08 -2.44
CA GLY D 389 14.76 -16.04 -2.37
C GLY D 389 15.41 -14.89 -3.12
N ASN D 390 14.71 -14.27 -4.05
CA ASN D 390 15.22 -13.10 -4.76
C ASN D 390 16.47 -13.48 -5.57
N LEU D 391 16.55 -14.74 -6.00
CA LEU D 391 17.71 -15.27 -6.74
C LEU D 391 18.99 -15.22 -5.94
N GLY D 392 18.91 -15.08 -4.63
CA GLY D 392 20.12 -15.15 -3.81
C GLY D 392 21.11 -14.12 -4.30
N SER D 393 22.37 -14.55 -4.43
CA SER D 393 23.48 -13.67 -4.80
C SER D 393 23.70 -13.59 -6.30
N THR D 394 22.81 -14.17 -7.10
CA THR D 394 22.89 -13.98 -8.54
C THR D 394 23.04 -12.50 -8.88
N PRO D 395 23.92 -12.14 -9.82
CA PRO D 395 24.03 -10.74 -10.23
C PRO D 395 22.74 -10.20 -10.79
N ASN D 396 22.53 -8.89 -10.65
CA ASN D 396 21.24 -8.31 -10.98
C ASN D 396 21.31 -7.50 -12.28
N TYR D 397 22.11 -7.97 -13.23
CA TYR D 397 22.24 -7.38 -14.55
C TYR D 397 22.90 -8.43 -15.43
N LYS D 398 22.90 -8.16 -16.72
CA LYS D 398 23.55 -9.02 -17.70
C LYS D 398 25.07 -8.88 -17.55
N SER D 399 25.70 -9.92 -17.04
CA SER D 399 27.01 -9.89 -16.46
C SER D 399 27.91 -10.90 -17.15
N SER D 400 29.21 -10.55 -17.21
CA SER D 400 30.26 -11.49 -17.58
C SER D 400 30.41 -12.62 -16.55
N PHE D 401 30.04 -12.36 -15.30
CA PHE D 401 30.22 -13.29 -14.19
C PHE D 401 29.01 -14.22 -13.96
N CYS D 402 28.25 -14.52 -14.98
CA CYS D 402 27.13 -15.45 -14.85
C CYS D 402 26.75 -15.91 -16.22
N PRO D 403 26.83 -17.20 -16.52
CA PRO D 403 26.43 -17.65 -17.84
C PRO D 403 24.93 -17.90 -17.87
N PHE D 404 24.36 -17.70 -19.05
CA PHE D 404 22.92 -17.85 -19.26
C PHE D 404 22.68 -18.16 -20.71
N SER D 405 21.48 -18.62 -21.00
CA SER D 405 21.10 -18.93 -22.36
C SER D 405 19.90 -18.09 -22.75
N THR D 406 19.85 -17.74 -24.02
CA THR D 406 18.66 -17.20 -24.66
C THR D 406 18.24 -18.16 -25.75
N GLU D 407 16.96 -18.08 -26.14
CA GLU D 407 16.39 -18.89 -27.21
C GLU D 407 16.64 -18.23 -28.56
N ALA D 408 16.45 -19.01 -29.61
CA ALA D 408 16.58 -18.48 -30.96
C ALA D 408 15.38 -17.64 -31.33
N GLN D 409 15.62 -16.64 -32.17
CA GLN D 409 14.55 -15.78 -32.64
C GLN D 409 13.66 -16.54 -33.63
N ILE D 410 12.34 -16.55 -33.36
CA ILE D 410 11.35 -17.04 -34.33
C ILE D 410 11.33 -16.01 -35.46
N GLN D 411 12.14 -16.22 -36.51
CA GLN D 411 12.27 -15.25 -37.60
C GLN D 411 11.10 -15.41 -38.55
N THR D 412 10.36 -14.32 -38.80
CA THR D 412 9.14 -14.42 -39.60
C THR D 412 9.48 -14.85 -41.02
N ASN D 413 8.82 -15.92 -41.44
CA ASN D 413 8.92 -16.48 -42.77
C ASN D 413 8.40 -15.53 -43.85
N SER D 414 9.15 -15.40 -44.94
CA SER D 414 8.70 -14.54 -46.04
C SER D 414 7.46 -15.08 -46.76
N HIS D 415 7.05 -16.33 -46.48
CA HIS D 415 5.77 -16.82 -46.96
C HIS D 415 4.60 -16.14 -46.23
N THR D 416 4.81 -15.75 -44.96
CA THR D 416 3.82 -15.04 -44.16
C THR D 416 4.49 -13.83 -43.49
N PRO D 417 4.69 -12.74 -44.22
CA PRO D 417 5.34 -11.57 -43.63
C PRO D 417 4.41 -10.84 -42.67
N GLU D 418 5.02 -10.03 -41.81
CA GLU D 418 4.22 -9.24 -40.88
C GLU D 418 3.43 -8.18 -41.65
N GLU D 419 2.44 -7.61 -40.98
CA GLU D 419 1.63 -6.58 -41.60
C GLU D 419 2.50 -5.38 -41.96
N VAL D 420 2.19 -4.72 -43.05
CA VAL D 420 2.96 -3.56 -43.50
C VAL D 420 2.39 -2.29 -42.91
N LEU D 421 3.28 -1.41 -42.51
CA LEU D 421 2.88 -0.16 -41.91
C LEU D 421 2.50 0.87 -42.96
N ALA D 422 1.50 1.68 -42.64
CA ALA D 422 1.19 2.86 -43.41
C ALA D 422 2.29 3.91 -43.18
N ALA D 423 2.04 5.14 -43.65
CA ALA D 423 3.11 6.13 -43.70
C ALA D 423 3.43 6.74 -42.36
N HIS D 424 2.43 6.86 -41.49
CA HIS D 424 2.56 7.63 -40.26
C HIS D 424 1.81 6.96 -39.13
N THR D 425 2.26 7.22 -37.90
CA THR D 425 1.41 6.94 -36.74
C THR D 425 0.25 7.92 -36.74
N GLU D 426 -0.86 7.56 -36.07
CA GLU D 426 -1.97 8.50 -35.97
C GLU D 426 -2.89 8.15 -34.81
N LYS D 427 -3.73 9.11 -34.46
CA LYS D 427 -4.80 8.90 -33.50
C LYS D 427 -6.07 8.55 -34.25
N PHE D 428 -6.94 7.78 -33.61
CA PHE D 428 -8.12 7.27 -34.30
C PHE D 428 -9.20 6.92 -33.29
N HIS D 429 -10.45 7.22 -33.66
CA HIS D 429 -11.65 6.83 -32.94
C HIS D 429 -12.50 6.00 -33.90
N TRP D 430 -12.63 4.72 -33.60
CA TRP D 430 -13.31 3.69 -34.41
C TRP D 430 -14.77 3.46 -33.97
N GLY D 431 -15.49 4.49 -33.56
CA GLY D 431 -16.83 4.28 -33.05
C GLY D 431 -17.65 5.55 -33.12
N GLY D 432 -18.73 5.57 -32.34
CA GLY D 432 -19.64 6.69 -32.35
C GLY D 432 -20.96 6.37 -33.04
N ILE D 433 -21.58 7.37 -33.69
CA ILE D 433 -22.85 7.15 -34.39
C ILE D 433 -22.53 6.51 -35.74
N LEU D 434 -23.24 5.45 -36.07
CA LEU D 434 -22.93 4.67 -37.26
C LEU D 434 -24.15 4.56 -38.18
N ASP D 435 -23.89 4.33 -39.46
CA ASP D 435 -24.96 4.27 -40.43
C ASP D 435 -25.59 2.87 -40.47
N SER D 436 -26.93 2.85 -40.38
CA SER D 436 -27.68 1.59 -40.33
C SER D 436 -27.36 0.64 -41.47
N LYS D 437 -27.07 1.16 -42.65
CA LYS D 437 -26.82 0.28 -43.78
C LYS D 437 -25.41 -0.29 -43.79
N SER D 438 -24.50 0.24 -42.98
CA SER D 438 -23.13 -0.22 -43.00
C SER D 438 -23.00 -1.63 -42.41
N TYR D 439 -21.87 -2.28 -42.75
CA TYR D 439 -21.63 -3.65 -42.33
C TYR D 439 -21.58 -3.77 -40.83
N ASP D 440 -21.41 -2.65 -40.12
CA ASP D 440 -21.36 -2.72 -38.66
C ASP D 440 -22.70 -3.12 -38.06
N PHE D 441 -23.77 -3.20 -38.86
CA PHE D 441 -25.06 -3.69 -38.39
C PHE D 441 -25.44 -5.04 -39.01
N GLU D 442 -24.60 -5.57 -39.91
CA GLU D 442 -24.90 -6.86 -40.55
C GLU D 442 -24.85 -8.01 -39.57
N GLN D 443 -23.77 -8.11 -38.79
CA GLN D 443 -23.73 -9.24 -37.87
C GLN D 443 -24.83 -9.16 -36.82
N PRO D 444 -25.21 -7.97 -36.33
CA PRO D 444 -26.42 -7.90 -35.47
C PRO D 444 -27.69 -8.38 -36.17
N ARG D 445 -27.88 -8.01 -37.44
CA ARG D 445 -29.02 -8.54 -38.18
C ARG D 445 -28.94 -10.06 -38.28
N ALA D 446 -27.74 -10.61 -38.51
CA ALA D 446 -27.56 -12.06 -38.54
C ALA D 446 -27.89 -12.68 -37.20
N LEU D 447 -27.55 -12.01 -36.11
CA LEU D 447 -27.88 -12.56 -34.80
C LEU D 447 -29.39 -12.58 -34.58
N TRP D 448 -30.07 -11.53 -35.02
CA TRP D 448 -31.54 -11.54 -35.02
C TRP D 448 -32.07 -12.79 -35.72
N LYS D 449 -31.50 -13.13 -36.87
CA LYS D 449 -31.97 -14.31 -37.59
C LYS D 449 -31.63 -15.58 -36.82
N VAL D 450 -30.47 -15.65 -36.17
CA VAL D 450 -30.15 -16.79 -35.32
C VAL D 450 -31.20 -16.96 -34.23
N PHE D 451 -31.56 -15.85 -33.56
CA PHE D 451 -32.62 -15.93 -32.57
C PHE D 451 -33.86 -16.58 -33.13
N GLY D 452 -34.23 -16.23 -34.37
CA GLY D 452 -35.47 -16.65 -34.98
C GLY D 452 -35.48 -18.09 -35.40
N LYS D 453 -34.33 -18.76 -35.42
CA LYS D 453 -34.34 -20.18 -35.64
C LYS D 453 -34.91 -20.95 -34.45
N THR D 454 -35.17 -20.28 -33.32
CA THR D 454 -35.65 -20.95 -32.12
C THR D 454 -36.86 -20.21 -31.56
N PRO D 455 -38.01 -20.85 -31.44
CA PRO D 455 -39.21 -20.16 -30.96
C PRO D 455 -38.98 -19.40 -29.66
N GLY D 456 -39.44 -18.16 -29.63
CA GLY D 456 -39.41 -17.34 -28.43
C GLY D 456 -38.11 -16.59 -28.18
N GLN D 457 -37.01 -16.94 -28.84
CA GLN D 457 -35.77 -16.23 -28.55
C GLN D 457 -35.85 -14.77 -28.97
N GLN D 458 -36.46 -14.48 -30.13
CA GLN D 458 -36.61 -13.07 -30.50
C GLN D 458 -37.47 -12.33 -29.50
N ARG D 459 -38.56 -12.96 -29.06
CA ARG D 459 -39.43 -12.29 -28.11
C ARG D 459 -38.78 -12.16 -26.74
N ASN D 460 -38.02 -13.16 -26.30
CA ASN D 460 -37.32 -13.01 -25.03
C ASN D 460 -36.30 -11.88 -25.10
N PHE D 461 -35.61 -11.78 -26.22
CA PHE D 461 -34.65 -10.70 -26.36
C PHE D 461 -35.31 -9.34 -26.13
N CYS D 462 -36.41 -9.07 -26.84
CA CYS D 462 -37.06 -7.77 -26.73
C CYS D 462 -37.58 -7.55 -25.31
N HIS D 463 -38.18 -8.58 -24.70
CA HIS D 463 -38.63 -8.45 -23.33
C HIS D 463 -37.46 -8.13 -22.40
N ASN D 464 -36.33 -8.82 -22.57
CA ASN D 464 -35.19 -8.64 -21.66
C ASN D 464 -34.66 -7.22 -21.74
N VAL D 465 -34.67 -6.62 -22.93
CA VAL D 465 -34.31 -5.21 -23.05
C VAL D 465 -35.36 -4.35 -22.38
N ALA D 466 -36.63 -4.59 -22.71
CA ALA D 466 -37.68 -3.67 -22.31
C ALA D 466 -37.77 -3.54 -20.79
N VAL D 467 -37.53 -4.62 -20.04
CA VAL D 467 -37.63 -4.51 -18.59
C VAL D 467 -36.47 -3.71 -18.07
N HIS D 468 -35.36 -3.72 -18.80
CA HIS D 468 -34.24 -2.91 -18.37
C HIS D 468 -34.48 -1.44 -18.72
N VAL D 469 -34.71 -1.14 -20.00
CA VAL D 469 -34.79 0.24 -20.43
C VAL D 469 -36.04 0.94 -19.93
N ALA D 470 -37.05 0.19 -19.48
CA ALA D 470 -38.26 0.79 -18.93
C ALA D 470 -37.96 1.71 -17.76
N ALA D 471 -36.82 1.48 -17.07
CA ALA D 471 -36.42 2.28 -15.92
C ALA D 471 -35.69 3.57 -16.31
N ALA D 472 -35.39 3.78 -17.58
CA ALA D 472 -34.79 5.02 -18.04
C ALA D 472 -35.88 6.06 -18.37
N ASN D 473 -35.46 7.32 -18.55
CA ASN D 473 -36.46 8.33 -18.82
C ASN D 473 -36.89 8.26 -20.29
N HIS D 474 -37.98 8.95 -20.62
CA HIS D 474 -38.62 8.74 -21.92
C HIS D 474 -37.77 9.16 -23.09
N GLU D 475 -36.96 10.22 -22.95
CA GLU D 475 -36.05 10.60 -24.04
CA GLU D 475 -36.03 10.63 -23.99
C GLU D 475 -34.99 9.53 -24.25
N ILE D 476 -34.45 8.94 -23.18
CA ILE D 476 -33.46 7.88 -23.38
C ILE D 476 -34.13 6.67 -24.01
N GLN D 477 -35.28 6.26 -23.48
CA GLN D 477 -36.09 5.21 -24.10
C GLN D 477 -36.24 5.41 -25.61
N ASP D 478 -36.62 6.62 -26.03
CA ASP D 478 -36.81 6.86 -27.45
C ASP D 478 -35.54 6.61 -28.24
N ARG D 479 -34.40 6.99 -27.67
CA ARG D 479 -33.14 6.75 -28.37
C ARG D 479 -32.82 5.26 -28.42
N VAL D 480 -33.19 4.49 -27.39
CA VAL D 480 -32.92 3.07 -27.44
C VAL D 480 -33.71 2.41 -28.58
N PHE D 481 -34.97 2.83 -28.77
CA PHE D 481 -35.79 2.28 -29.86
C PHE D 481 -35.15 2.54 -31.21
N GLU D 482 -34.64 3.76 -31.45
CA GLU D 482 -33.99 4.07 -32.73
C GLU D 482 -32.73 3.24 -32.91
N TYR D 483 -31.97 3.09 -31.83
CA TYR D 483 -30.74 2.31 -31.85
C TYR D 483 -31.01 0.88 -32.30
N PHE D 484 -31.94 0.19 -31.65
CA PHE D 484 -32.20 -1.18 -32.07
C PHE D 484 -32.86 -1.25 -33.44
N SER D 485 -33.58 -0.20 -33.86
CA SER D 485 -34.18 -0.15 -35.20
C SER D 485 -33.16 -0.03 -36.31
N LYS D 486 -31.92 0.36 -36.00
CA LYS D 486 -30.88 0.37 -37.01
C LYS D 486 -30.45 -1.04 -37.38
N VAL D 487 -30.76 -2.02 -36.55
CA VAL D 487 -30.57 -3.43 -36.90
C VAL D 487 -31.70 -3.81 -37.86
N TYR D 488 -32.93 -3.90 -37.31
CA TYR D 488 -34.19 -4.01 -38.05
C TYR D 488 -35.24 -3.18 -37.32
N PRO D 489 -36.08 -2.44 -38.05
CA PRO D 489 -37.08 -1.60 -37.38
C PRO D 489 -38.03 -2.39 -36.52
N GLU D 490 -38.29 -3.66 -36.86
CA GLU D 490 -39.23 -4.47 -36.10
C GLU D 490 -38.75 -4.69 -34.68
N ILE D 491 -37.43 -4.72 -34.48
CA ILE D 491 -36.88 -4.92 -33.15
C ILE D 491 -37.22 -3.75 -32.24
N GLY D 492 -36.97 -2.53 -32.69
CA GLY D 492 -37.28 -1.39 -31.87
C GLY D 492 -38.75 -1.25 -31.58
N ASP D 493 -39.60 -1.52 -32.59
CA ASP D 493 -41.05 -1.47 -32.42
C ASP D 493 -41.52 -2.43 -31.33
N GLN D 494 -41.05 -3.67 -31.39
CA GLN D 494 -41.40 -4.64 -30.37
C GLN D 494 -40.97 -4.16 -28.99
N ILE D 495 -39.74 -3.65 -28.85
CA ILE D 495 -39.28 -3.15 -27.56
C ILE D 495 -40.14 -1.99 -27.10
N ARG D 496 -40.35 -1.02 -28.00
CA ARG D 496 -41.19 0.14 -27.66
C ARG D 496 -42.58 -0.28 -27.16
N LYS D 497 -43.19 -1.27 -27.83
CA LYS D 497 -44.51 -1.74 -27.40
C LYS D 497 -44.45 -2.20 -25.95
N GLU D 498 -43.46 -3.01 -25.60
CA GLU D 498 -43.46 -3.54 -24.23
C GLU D 498 -43.06 -2.48 -23.20
N VAL D 499 -42.08 -1.66 -23.52
CA VAL D 499 -41.73 -0.57 -22.61
C VAL D 499 -42.96 0.27 -22.29
N LEU D 500 -43.81 0.53 -23.29
CA LEU D 500 -44.98 1.37 -23.05
C LEU D 500 -45.94 0.74 -22.04
N GLN D 501 -46.07 -0.59 -22.05
CA GLN D 501 -46.84 -1.27 -21.01
C GLN D 501 -46.27 -1.03 -19.62
N LEU D 502 -44.94 -0.93 -19.52
CA LEU D 502 -44.27 -0.80 -18.22
C LEU D 502 -44.06 0.66 -17.83
N SER D 503 -43.96 1.54 -18.82
CA SER D 503 -43.58 2.93 -18.61
C SER D 503 -44.56 3.76 -19.43
N PRO D 504 -45.76 3.97 -18.91
CA PRO D 504 -46.80 4.63 -19.69
C PRO D 504 -46.50 6.11 -19.90
N ARG D 505 -47.13 6.66 -20.94
CA ARG D 505 -46.94 8.04 -21.32
C ARG D 505 -48.28 8.75 -21.46
N GLY D 506 -48.29 10.04 -21.12
CA GLY D 506 -49.50 10.85 -21.19
C GLY D 506 -50.07 11.01 -22.60
#